data_6KG9
#
_entry.id   6KG9
#
loop_
_entity.id
_entity.type
_entity.pdbx_description
1 polymer 'And cellulose-binding endoglucanase family 9 CelL ortholog dockerin domain'
2 non-polymer 'CALCIUM ION'
#
_entity_poly.entity_id   1
_entity_poly.type   'polypeptide(L)'
_entity_poly.pdbx_seq_one_letter_code
;GSASNTILGDLNDDGVVNGRDIVMMRQYLAGKTVSGIDKNALDINGDGAVNGRDLMELIKKVSNNTS
;
_entity_poly.pdbx_strand_id   A
#
# COMPACT_ATOMS: atom_id res chain seq x y z
N GLY A 1 -7.53 7.10 -2.74
CA GLY A 1 -6.88 7.82 -1.67
C GLY A 1 -7.90 8.47 -0.77
N SER A 2 -7.60 8.54 0.52
CA SER A 2 -8.45 9.19 1.47
C SER A 2 -8.06 10.70 1.51
N ALA A 3 -8.48 11.40 2.55
CA ALA A 3 -8.31 12.85 2.68
C ALA A 3 -6.85 13.31 2.86
N SER A 4 -6.15 13.36 1.76
CA SER A 4 -4.78 13.85 1.61
C SER A 4 -4.59 13.99 0.10
N ASN A 5 -4.87 12.88 -0.57
CA ASN A 5 -4.87 12.67 -2.04
C ASN A 5 -4.70 11.19 -2.18
N THR A 6 -3.65 10.75 -1.61
CA THR A 6 -3.27 9.39 -1.54
C THR A 6 -3.06 9.05 -0.06
N ILE A 7 -3.34 7.84 0.33
CA ILE A 7 -3.11 7.44 1.68
C ILE A 7 -2.05 6.32 1.70
N LEU A 8 -0.83 6.69 2.02
CA LEU A 8 0.29 5.77 2.04
C LEU A 8 0.09 4.70 3.09
N GLY A 9 -0.04 3.49 2.64
CA GLY A 9 -0.29 2.41 3.54
C GLY A 9 -1.65 1.79 3.28
N ASP A 10 -2.51 2.51 2.60
CA ASP A 10 -3.82 2.01 2.29
C ASP A 10 -3.99 1.86 0.79
N LEU A 11 -3.58 0.72 0.34
CA LEU A 11 -3.50 0.33 -1.04
C LEU A 11 -4.85 -0.07 -1.63
N ASN A 12 -5.69 -0.72 -0.83
CA ASN A 12 -7.00 -1.18 -1.31
C ASN A 12 -8.05 -0.10 -1.14
N ASP A 13 -7.60 1.00 -0.56
CA ASP A 13 -8.37 2.22 -0.38
C ASP A 13 -9.61 1.96 0.47
N ASP A 14 -9.38 1.55 1.69
CA ASP A 14 -10.44 1.26 2.63
C ASP A 14 -10.35 2.15 3.85
N GLY A 15 -9.32 2.97 3.89
CA GLY A 15 -9.15 3.95 4.93
C GLY A 15 -8.38 3.45 6.12
N VAL A 16 -7.76 2.30 5.99
CA VAL A 16 -7.03 1.73 7.10
C VAL A 16 -5.89 0.83 6.61
N VAL A 17 -4.76 0.87 7.30
CA VAL A 17 -3.64 0.00 7.01
C VAL A 17 -3.92 -1.42 7.57
N ASN A 18 -4.39 -2.28 6.69
CA ASN A 18 -4.78 -3.64 7.05
C ASN A 18 -4.10 -4.68 6.18
N GLY A 19 -4.30 -5.95 6.52
CA GLY A 19 -3.67 -7.08 5.81
C GLY A 19 -4.09 -7.20 4.35
N ARG A 20 -5.16 -6.52 3.99
CA ARG A 20 -5.66 -6.55 2.63
C ARG A 20 -4.75 -5.72 1.75
N ASP A 21 -4.05 -4.76 2.36
CA ASP A 21 -3.12 -3.91 1.64
C ASP A 21 -1.92 -4.70 1.23
N ILE A 22 -1.51 -5.62 2.11
CA ILE A 22 -0.41 -6.57 1.86
C ILE A 22 -0.63 -7.33 0.58
N VAL A 23 -1.86 -7.76 0.40
CA VAL A 23 -2.28 -8.48 -0.80
C VAL A 23 -2.01 -7.63 -2.03
N MET A 24 -2.52 -6.41 -2.01
CA MET A 24 -2.42 -5.44 -3.12
C MET A 24 -0.96 -5.13 -3.45
N MET A 25 -0.18 -4.96 -2.37
CA MET A 25 1.27 -4.72 -2.40
C MET A 25 1.93 -5.81 -3.21
N ARG A 26 1.71 -7.04 -2.76
CA ARG A 26 2.28 -8.23 -3.34
C ARG A 26 1.84 -8.45 -4.78
N GLN A 27 0.61 -8.02 -5.11
CA GLN A 27 0.10 -8.14 -6.47
C GLN A 27 0.97 -7.33 -7.41
N TYR A 28 1.09 -6.04 -7.12
CA TYR A 28 1.82 -5.14 -7.97
C TYR A 28 3.28 -5.48 -7.99
N LEU A 29 3.81 -5.80 -6.84
CA LEU A 29 5.22 -6.22 -6.69
C LEU A 29 5.54 -7.43 -7.58
N ALA A 30 4.60 -8.36 -7.66
CA ALA A 30 4.75 -9.58 -8.50
C ALA A 30 4.59 -9.25 -9.98
N GLY A 31 3.99 -8.12 -10.26
CA GLY A 31 3.81 -7.70 -11.59
C GLY A 31 2.40 -7.87 -12.07
N LYS A 32 1.46 -7.97 -11.16
CA LYS A 32 0.07 -8.10 -11.53
C LYS A 32 -0.51 -6.71 -11.69
N THR A 33 -1.52 -6.60 -12.51
CA THR A 33 -2.21 -5.36 -12.68
C THR A 33 -3.40 -5.40 -11.71
N VAL A 34 -3.35 -4.58 -10.70
CA VAL A 34 -4.32 -4.65 -9.64
C VAL A 34 -5.45 -3.68 -9.90
N SER A 35 -6.60 -4.20 -10.20
CA SER A 35 -7.77 -3.38 -10.37
C SER A 35 -8.29 -2.94 -8.99
N GLY A 36 -8.42 -1.64 -8.80
CA GLY A 36 -8.97 -1.12 -7.57
C GLY A 36 -7.93 -0.85 -6.54
N ILE A 37 -6.74 -0.63 -6.98
CA ILE A 37 -5.67 -0.34 -6.09
C ILE A 37 -5.41 1.15 -6.16
N ASP A 38 -4.90 1.72 -5.13
CA ASP A 38 -4.42 3.07 -5.25
C ASP A 38 -2.97 2.92 -5.46
N LYS A 39 -2.54 2.97 -6.71
CA LYS A 39 -1.19 2.64 -7.11
C LYS A 39 -0.13 3.60 -6.52
N ASN A 40 -0.58 4.74 -6.04
CA ASN A 40 0.29 5.74 -5.48
C ASN A 40 0.50 5.45 -4.01
N ALA A 41 -0.41 4.68 -3.42
CA ALA A 41 -0.42 4.43 -1.98
C ALA A 41 0.58 3.36 -1.61
N LEU A 42 1.17 2.78 -2.63
CA LEU A 42 2.14 1.73 -2.49
C LEU A 42 3.47 2.26 -2.08
N ASP A 43 3.77 3.50 -2.45
CA ASP A 43 5.05 4.07 -2.09
C ASP A 43 4.95 4.69 -0.71
N ILE A 44 5.01 3.83 0.26
CA ILE A 44 4.81 4.14 1.63
C ILE A 44 6.01 4.85 2.24
N ASN A 45 7.20 4.47 1.82
CA ASN A 45 8.40 5.10 2.38
C ASN A 45 8.66 6.46 1.70
N GLY A 46 7.95 6.70 0.61
CA GLY A 46 8.09 7.95 -0.11
C GLY A 46 9.42 8.10 -0.85
N ASP A 47 9.71 7.19 -1.75
CA ASP A 47 10.93 7.26 -2.56
C ASP A 47 10.61 7.47 -4.03
N GLY A 48 9.33 7.33 -4.38
CA GLY A 48 8.89 7.51 -5.74
C GLY A 48 8.76 6.21 -6.51
N ALA A 49 9.12 5.10 -5.88
CA ALA A 49 9.06 3.80 -6.51
C ALA A 49 8.39 2.80 -5.61
N VAL A 50 7.74 1.84 -6.19
CA VAL A 50 7.10 0.80 -5.47
C VAL A 50 8.07 -0.35 -5.33
N ASN A 51 8.59 -0.50 -4.17
CA ASN A 51 9.62 -1.46 -3.87
C ASN A 51 9.35 -2.20 -2.57
N GLY A 52 10.21 -3.16 -2.24
CA GLY A 52 10.02 -3.98 -1.04
C GLY A 52 10.18 -3.20 0.24
N ARG A 53 10.82 -2.04 0.13
CA ARG A 53 10.95 -1.11 1.25
C ARG A 53 9.58 -0.70 1.73
N ASP A 54 8.71 -0.46 0.76
CA ASP A 54 7.33 -0.05 1.02
C ASP A 54 6.56 -1.19 1.61
N LEU A 55 6.85 -2.38 1.14
CA LEU A 55 6.25 -3.60 1.67
C LEU A 55 6.57 -3.73 3.14
N MET A 56 7.81 -3.49 3.47
CA MET A 56 8.28 -3.55 4.84
C MET A 56 7.62 -2.46 5.69
N GLU A 57 7.42 -1.29 5.10
CA GLU A 57 6.72 -0.19 5.73
C GLU A 57 5.26 -0.55 5.95
N LEU A 58 4.68 -1.23 5.00
CA LEU A 58 3.32 -1.68 5.07
C LEU A 58 3.16 -2.68 6.20
N ILE A 59 4.07 -3.64 6.27
CA ILE A 59 4.09 -4.64 7.36
C ILE A 59 4.16 -3.91 8.71
N LYS A 60 4.98 -2.87 8.77
CA LYS A 60 5.11 -1.98 9.94
C LYS A 60 3.74 -1.38 10.35
N LYS A 61 3.05 -0.82 9.37
CA LYS A 61 1.75 -0.18 9.58
C LYS A 61 0.70 -1.18 10.05
N VAL A 62 0.60 -2.23 9.30
CA VAL A 62 -0.39 -3.27 9.49
C VAL A 62 -0.15 -4.09 10.75
N SER A 63 1.10 -4.27 11.12
CA SER A 63 1.43 -5.01 12.32
C SER A 63 1.01 -4.19 13.54
N ASN A 64 1.10 -2.89 13.43
CA ASN A 64 0.82 -1.99 14.50
C ASN A 64 -0.68 -1.74 14.65
N ASN A 65 -1.35 -1.44 13.55
CA ASN A 65 -2.76 -1.04 13.59
C ASN A 65 -3.72 -2.22 13.47
N THR A 66 -3.82 -2.81 12.28
CA THR A 66 -4.77 -3.88 12.02
C THR A 66 -4.23 -4.81 10.95
N SER A 67 -4.21 -6.08 11.22
CA SER A 67 -3.79 -7.04 10.25
C SER A 67 -5.02 -7.71 9.66
N GLY A 1 -2.96 17.32 3.07
CA GLY A 1 -1.54 17.03 3.25
C GLY A 1 -0.86 16.87 1.92
N SER A 2 0.29 16.23 1.90
CA SER A 2 1.04 16.00 0.67
C SER A 2 0.29 15.00 -0.21
N ALA A 3 -0.23 13.97 0.43
CA ALA A 3 -1.00 12.97 -0.24
C ALA A 3 -2.43 13.02 0.28
N SER A 4 -3.30 13.58 -0.51
CA SER A 4 -4.69 13.67 -0.15
C SER A 4 -5.55 13.20 -1.31
N ASN A 5 -5.71 11.90 -1.34
CA ASN A 5 -6.48 11.09 -2.33
C ASN A 5 -5.90 9.72 -2.20
N THR A 6 -4.60 9.75 -2.14
CA THR A 6 -3.77 8.62 -1.93
C THR A 6 -3.44 8.56 -0.44
N ILE A 7 -3.66 7.43 0.12
CA ILE A 7 -3.39 7.18 1.51
C ILE A 7 -2.31 6.10 1.62
N LEU A 8 -1.10 6.52 1.97
CA LEU A 8 0.06 5.64 2.03
C LEU A 8 -0.14 4.55 3.07
N GLY A 9 -0.23 3.34 2.59
CA GLY A 9 -0.46 2.22 3.45
C GLY A 9 -1.80 1.61 3.19
N ASP A 10 -2.65 2.34 2.51
CA ASP A 10 -3.96 1.87 2.19
C ASP A 10 -4.13 1.82 0.68
N LEU A 11 -3.73 0.69 0.17
CA LEU A 11 -3.62 0.41 -1.24
C LEU A 11 -4.95 0.09 -1.86
N ASN A 12 -5.80 -0.60 -1.11
CA ASN A 12 -7.12 -1.00 -1.59
C ASN A 12 -8.13 0.10 -1.33
N ASP A 13 -7.67 1.15 -0.66
CA ASP A 13 -8.44 2.36 -0.37
C ASP A 13 -9.72 2.04 0.41
N ASP A 14 -9.52 1.51 1.59
CA ASP A 14 -10.63 1.16 2.47
C ASP A 14 -10.60 2.00 3.73
N GLY A 15 -9.55 2.78 3.87
CA GLY A 15 -9.45 3.71 4.96
C GLY A 15 -8.57 3.27 6.08
N VAL A 16 -7.94 2.15 5.93
CA VAL A 16 -7.13 1.65 7.01
C VAL A 16 -6.03 0.68 6.50
N VAL A 17 -4.92 0.65 7.21
CA VAL A 17 -3.83 -0.24 6.92
C VAL A 17 -4.15 -1.65 7.44
N ASN A 18 -4.61 -2.48 6.55
CA ASN A 18 -5.04 -3.82 6.89
C ASN A 18 -4.35 -4.87 6.05
N GLY A 19 -4.61 -6.14 6.35
CA GLY A 19 -3.95 -7.25 5.64
C GLY A 19 -4.27 -7.31 4.16
N ARG A 20 -5.38 -6.70 3.78
CA ARG A 20 -5.81 -6.60 2.39
C ARG A 20 -4.82 -5.82 1.56
N ASP A 21 -4.18 -4.86 2.19
CA ASP A 21 -3.21 -4.01 1.53
C ASP A 21 -1.99 -4.80 1.17
N ILE A 22 -1.60 -5.69 2.08
CA ILE A 22 -0.48 -6.63 1.90
C ILE A 22 -0.67 -7.43 0.59
N VAL A 23 -1.89 -7.85 0.37
CA VAL A 23 -2.29 -8.59 -0.81
C VAL A 23 -2.01 -7.76 -2.05
N MET A 24 -2.55 -6.54 -2.04
CA MET A 24 -2.45 -5.59 -3.18
C MET A 24 -0.98 -5.24 -3.47
N MET A 25 -0.24 -5.09 -2.39
CA MET A 25 1.21 -4.80 -2.40
C MET A 25 1.92 -5.83 -3.23
N ARG A 26 1.72 -7.08 -2.83
CA ARG A 26 2.33 -8.24 -3.45
C ARG A 26 1.91 -8.43 -4.89
N GLN A 27 0.67 -8.09 -5.22
CA GLN A 27 0.15 -8.17 -6.58
C GLN A 27 0.98 -7.31 -7.51
N TYR A 28 1.05 -6.04 -7.19
CA TYR A 28 1.73 -5.07 -8.01
C TYR A 28 3.23 -5.34 -8.04
N LEU A 29 3.77 -5.68 -6.89
CA LEU A 29 5.19 -6.07 -6.76
C LEU A 29 5.55 -7.26 -7.65
N ALA A 30 4.60 -8.15 -7.84
CA ALA A 30 4.76 -9.32 -8.71
C ALA A 30 4.54 -8.96 -10.18
N GLY A 31 4.20 -7.70 -10.42
CA GLY A 31 4.01 -7.21 -11.75
C GLY A 31 2.60 -7.42 -12.25
N LYS A 32 1.67 -7.64 -11.34
CA LYS A 32 0.29 -7.89 -11.72
C LYS A 32 -0.47 -6.58 -11.79
N THR A 33 -1.50 -6.59 -12.57
CA THR A 33 -2.36 -5.45 -12.72
C THR A 33 -3.45 -5.57 -11.69
N VAL A 34 -3.47 -4.68 -10.73
CA VAL A 34 -4.41 -4.78 -9.67
C VAL A 34 -5.54 -3.80 -9.94
N SER A 35 -6.72 -4.31 -10.14
CA SER A 35 -7.87 -3.50 -10.44
C SER A 35 -8.42 -2.78 -9.21
N GLY A 36 -8.37 -1.46 -9.24
CA GLY A 36 -8.91 -0.68 -8.16
C GLY A 36 -7.90 -0.48 -7.05
N ILE A 37 -6.64 -0.36 -7.43
CA ILE A 37 -5.61 -0.12 -6.47
C ILE A 37 -5.19 1.34 -6.56
N ASP A 38 -4.82 1.94 -5.46
CA ASP A 38 -4.26 3.27 -5.56
C ASP A 38 -2.80 3.06 -5.72
N LYS A 39 -2.33 3.10 -6.96
CA LYS A 39 -0.94 2.81 -7.33
C LYS A 39 0.08 3.63 -6.51
N ASN A 40 -0.32 4.80 -6.08
CA ASN A 40 0.57 5.72 -5.43
C ASN A 40 0.64 5.41 -3.95
N ALA A 41 -0.37 4.67 -3.44
CA ALA A 41 -0.48 4.37 -2.01
C ALA A 41 0.47 3.28 -1.62
N LEU A 42 1.06 2.67 -2.64
CA LEU A 42 2.00 1.61 -2.48
C LEU A 42 3.33 2.15 -2.07
N ASP A 43 3.60 3.39 -2.41
CA ASP A 43 4.86 4.00 -2.06
C ASP A 43 4.77 4.62 -0.69
N ILE A 44 4.81 3.74 0.26
CA ILE A 44 4.63 4.03 1.65
C ILE A 44 5.85 4.71 2.26
N ASN A 45 7.03 4.35 1.81
CA ASN A 45 8.24 4.95 2.36
C ASN A 45 8.53 6.30 1.69
N GLY A 46 7.77 6.60 0.64
CA GLY A 46 7.90 7.85 -0.06
C GLY A 46 9.20 8.02 -0.83
N ASP A 47 9.46 7.12 -1.76
CA ASP A 47 10.66 7.24 -2.62
C ASP A 47 10.27 7.46 -4.08
N GLY A 48 9.03 7.16 -4.42
CA GLY A 48 8.55 7.33 -5.78
C GLY A 48 8.49 6.03 -6.57
N ALA A 49 8.88 4.94 -5.95
CA ALA A 49 8.85 3.65 -6.59
C ALA A 49 8.24 2.61 -5.67
N VAL A 50 7.65 1.61 -6.23
CA VAL A 50 7.02 0.59 -5.45
C VAL A 50 8.01 -0.56 -5.23
N ASN A 51 8.49 -0.64 -4.04
CA ASN A 51 9.53 -1.56 -3.72
C ASN A 51 9.29 -2.29 -2.40
N GLY A 52 10.18 -3.23 -2.07
CA GLY A 52 10.03 -4.05 -0.86
C GLY A 52 10.17 -3.25 0.40
N ARG A 53 10.79 -2.08 0.29
CA ARG A 53 10.88 -1.12 1.39
C ARG A 53 9.49 -0.69 1.80
N ASP A 54 8.63 -0.49 0.81
CA ASP A 54 7.24 -0.09 1.03
C ASP A 54 6.49 -1.23 1.65
N LEU A 55 6.78 -2.44 1.19
CA LEU A 55 6.20 -3.66 1.74
C LEU A 55 6.55 -3.75 3.22
N MET A 56 7.81 -3.48 3.55
CA MET A 56 8.29 -3.46 4.93
C MET A 56 7.54 -2.41 5.74
N GLU A 57 7.31 -1.25 5.12
CA GLU A 57 6.56 -0.17 5.74
C GLU A 57 5.11 -0.58 5.97
N LEU A 58 4.53 -1.28 5.01
CA LEU A 58 3.16 -1.75 5.10
C LEU A 58 3.00 -2.73 6.24
N ILE A 59 3.92 -3.68 6.32
CA ILE A 59 3.97 -4.65 7.42
C ILE A 59 4.13 -3.89 8.75
N LYS A 60 4.95 -2.86 8.74
CA LYS A 60 5.14 -1.95 9.87
C LYS A 60 3.82 -1.29 10.30
N LYS A 61 3.04 -0.85 9.33
CA LYS A 61 1.74 -0.19 9.58
C LYS A 61 0.74 -1.19 10.15
N VAL A 62 0.62 -2.32 9.50
CA VAL A 62 -0.31 -3.37 9.87
C VAL A 62 0.08 -4.06 11.17
N SER A 63 1.37 -4.21 11.41
CA SER A 63 1.83 -4.79 12.67
C SER A 63 1.61 -3.80 13.83
N ASN A 64 1.47 -2.53 13.47
CA ASN A 64 1.22 -1.48 14.43
C ASN A 64 -0.25 -1.44 14.80
N ASN A 65 -1.12 -1.46 13.80
CA ASN A 65 -2.54 -1.40 14.03
C ASN A 65 -3.32 -1.91 12.83
N THR A 66 -4.30 -2.79 13.10
CA THR A 66 -5.25 -3.33 12.13
C THR A 66 -4.66 -4.44 11.22
N SER A 67 -5.44 -5.49 11.01
CA SER A 67 -5.07 -6.57 10.13
C SER A 67 -6.34 -7.11 9.47
N GLY A 1 -12.49 9.15 1.65
CA GLY A 1 -11.77 10.35 1.23
C GLY A 1 -12.65 11.21 0.36
N SER A 2 -12.03 11.96 -0.54
CA SER A 2 -12.76 12.81 -1.43
C SER A 2 -12.23 12.68 -2.88
N ALA A 3 -12.92 11.83 -3.67
CA ALA A 3 -12.61 11.56 -5.11
C ALA A 3 -11.28 10.83 -5.30
N SER A 4 -10.21 11.51 -5.10
CA SER A 4 -8.90 10.96 -5.19
C SER A 4 -8.19 11.22 -3.88
N ASN A 5 -7.99 10.17 -3.13
CA ASN A 5 -7.38 10.26 -1.84
C ASN A 5 -6.34 9.19 -1.76
N THR A 6 -5.16 9.53 -2.13
CA THR A 6 -4.05 8.67 -1.99
C THR A 6 -3.58 8.71 -0.56
N ILE A 7 -3.69 7.60 0.07
CA ILE A 7 -3.30 7.43 1.42
C ILE A 7 -2.25 6.34 1.47
N LEU A 8 -1.00 6.75 1.72
CA LEU A 8 0.14 5.85 1.75
C LEU A 8 -0.07 4.76 2.77
N GLY A 9 -0.10 3.54 2.30
CA GLY A 9 -0.32 2.44 3.16
C GLY A 9 -1.65 1.80 2.90
N ASP A 10 -2.57 2.54 2.28
CA ASP A 10 -3.83 1.98 1.99
C ASP A 10 -3.97 1.82 0.49
N LEU A 11 -3.62 0.67 0.07
CA LEU A 11 -3.53 0.33 -1.33
C LEU A 11 -4.88 0.03 -1.94
N ASN A 12 -5.74 -0.58 -1.16
CA ASN A 12 -7.06 -0.99 -1.63
C ASN A 12 -8.08 0.09 -1.41
N ASP A 13 -7.65 1.17 -0.77
CA ASP A 13 -8.46 2.35 -0.50
C ASP A 13 -9.70 2.03 0.32
N ASP A 14 -9.45 1.60 1.51
CA ASP A 14 -10.51 1.29 2.45
C ASP A 14 -10.40 2.17 3.70
N GLY A 15 -9.31 2.94 3.77
CA GLY A 15 -9.12 3.90 4.85
C GLY A 15 -8.44 3.34 6.09
N VAL A 16 -7.92 2.15 6.01
CA VAL A 16 -7.31 1.48 7.13
C VAL A 16 -6.23 0.48 6.66
N VAL A 17 -5.01 0.64 7.17
CA VAL A 17 -3.91 -0.21 6.80
C VAL A 17 -4.11 -1.62 7.40
N ASN A 18 -4.62 -2.52 6.59
CA ASN A 18 -4.87 -3.88 7.04
C ASN A 18 -4.22 -4.89 6.12
N GLY A 19 -4.53 -6.14 6.34
CA GLY A 19 -3.95 -7.25 5.61
C GLY A 19 -4.27 -7.28 4.13
N ARG A 20 -5.39 -6.67 3.75
CA ARG A 20 -5.80 -6.61 2.34
C ARG A 20 -4.81 -5.78 1.55
N ASP A 21 -4.20 -4.82 2.21
CA ASP A 21 -3.23 -3.93 1.60
C ASP A 21 -1.98 -4.70 1.27
N ILE A 22 -1.58 -5.56 2.20
CA ILE A 22 -0.45 -6.49 2.04
C ILE A 22 -0.60 -7.30 0.74
N VAL A 23 -1.81 -7.74 0.50
CA VAL A 23 -2.14 -8.52 -0.68
C VAL A 23 -1.89 -7.71 -1.93
N MET A 24 -2.47 -6.51 -1.97
CA MET A 24 -2.40 -5.59 -3.12
C MET A 24 -0.95 -5.22 -3.42
N MET A 25 -0.19 -5.03 -2.35
CA MET A 25 1.24 -4.73 -2.37
C MET A 25 1.95 -5.80 -3.17
N ARG A 26 1.76 -7.02 -2.73
CA ARG A 26 2.37 -8.19 -3.29
C ARG A 26 1.91 -8.46 -4.73
N GLN A 27 0.68 -8.06 -5.06
CA GLN A 27 0.16 -8.20 -6.41
C GLN A 27 0.99 -7.39 -7.38
N TYR A 28 1.07 -6.10 -7.11
CA TYR A 28 1.77 -5.18 -7.98
C TYR A 28 3.26 -5.50 -8.02
N LEU A 29 3.80 -5.78 -6.85
CA LEU A 29 5.21 -6.17 -6.69
C LEU A 29 5.56 -7.42 -7.51
N ALA A 30 4.63 -8.36 -7.57
CA ALA A 30 4.81 -9.59 -8.35
C ALA A 30 4.71 -9.33 -9.84
N GLY A 31 4.25 -8.16 -10.20
CA GLY A 31 4.11 -7.79 -11.57
C GLY A 31 2.71 -8.01 -12.07
N LYS A 32 1.76 -8.04 -11.16
CA LYS A 32 0.38 -8.24 -11.53
C LYS A 32 -0.32 -6.90 -11.62
N THR A 33 -1.30 -6.84 -12.45
CA THR A 33 -2.09 -5.65 -12.62
C THR A 33 -3.26 -5.74 -11.66
N VAL A 34 -3.27 -4.88 -10.69
CA VAL A 34 -4.26 -4.93 -9.66
C VAL A 34 -5.35 -3.94 -10.00
N SER A 35 -6.51 -4.44 -10.28
CA SER A 35 -7.64 -3.60 -10.61
C SER A 35 -8.24 -2.93 -9.36
N GLY A 36 -8.25 -1.62 -9.36
CA GLY A 36 -8.81 -0.86 -8.27
C GLY A 36 -7.79 -0.57 -7.19
N ILE A 37 -6.53 -0.46 -7.56
CA ILE A 37 -5.50 -0.16 -6.62
C ILE A 37 -5.13 1.31 -6.74
N ASP A 38 -4.81 1.94 -5.65
CA ASP A 38 -4.34 3.30 -5.73
C ASP A 38 -2.85 3.20 -5.87
N LYS A 39 -2.35 3.25 -7.11
CA LYS A 39 -0.94 2.95 -7.42
C LYS A 39 0.05 3.82 -6.61
N ASN A 40 -0.34 5.03 -6.30
CA ASN A 40 0.51 5.95 -5.56
C ASN A 40 0.52 5.65 -4.09
N ALA A 41 -0.44 4.86 -3.64
CA ALA A 41 -0.54 4.56 -2.21
C ALA A 41 0.40 3.44 -1.82
N LEU A 42 1.04 2.87 -2.83
CA LEU A 42 1.99 1.79 -2.67
C LEU A 42 3.32 2.29 -2.24
N ASP A 43 3.65 3.53 -2.58
CA ASP A 43 4.93 4.08 -2.19
C ASP A 43 4.82 4.68 -0.80
N ILE A 44 4.84 3.79 0.14
CA ILE A 44 4.62 4.06 1.54
C ILE A 44 5.82 4.74 2.18
N ASN A 45 7.02 4.37 1.77
CA ASN A 45 8.20 4.96 2.38
C ASN A 45 8.50 6.34 1.76
N GLY A 46 7.82 6.62 0.65
CA GLY A 46 8.01 7.88 -0.04
C GLY A 46 9.34 8.00 -0.77
N ASP A 47 9.63 7.10 -1.68
CA ASP A 47 10.86 7.17 -2.49
C ASP A 47 10.54 7.41 -3.96
N GLY A 48 9.29 7.21 -4.31
CA GLY A 48 8.83 7.43 -5.65
C GLY A 48 8.63 6.14 -6.44
N ALA A 49 9.10 5.04 -5.92
CA ALA A 49 8.99 3.76 -6.58
C ALA A 49 8.32 2.75 -5.67
N VAL A 50 7.72 1.76 -6.24
CA VAL A 50 7.04 0.74 -5.53
C VAL A 50 7.99 -0.42 -5.36
N ASN A 51 8.49 -0.57 -4.17
CA ASN A 51 9.51 -1.54 -3.86
C ASN A 51 9.22 -2.27 -2.55
N GLY A 52 10.09 -3.22 -2.20
CA GLY A 52 9.92 -4.03 -1.01
C GLY A 52 10.07 -3.23 0.27
N ARG A 53 10.65 -2.05 0.15
CA ARG A 53 10.81 -1.14 1.28
C ARG A 53 9.45 -0.69 1.73
N ASP A 54 8.58 -0.44 0.75
CA ASP A 54 7.20 -0.01 0.99
C ASP A 54 6.45 -1.13 1.61
N LEU A 55 6.71 -2.33 1.12
CA LEU A 55 6.12 -3.55 1.65
C LEU A 55 6.46 -3.70 3.12
N MET A 56 7.73 -3.49 3.45
CA MET A 56 8.18 -3.56 4.83
C MET A 56 7.59 -2.45 5.70
N GLU A 57 7.35 -1.29 5.09
CA GLU A 57 6.66 -0.19 5.76
C GLU A 57 5.21 -0.57 6.02
N LEU A 58 4.60 -1.21 5.04
CA LEU A 58 3.23 -1.66 5.13
C LEU A 58 3.05 -2.68 6.23
N ILE A 59 3.96 -3.64 6.28
CA ILE A 59 3.97 -4.65 7.33
C ILE A 59 4.12 -3.97 8.68
N LYS A 60 5.00 -2.98 8.74
CA LYS A 60 5.19 -2.12 9.91
C LYS A 60 3.87 -1.46 10.34
N LYS A 61 3.15 -0.90 9.38
CA LYS A 61 1.87 -0.22 9.61
C LYS A 61 0.85 -1.19 10.21
N VAL A 62 0.66 -2.30 9.53
CA VAL A 62 -0.36 -3.29 9.89
C VAL A 62 0.05 -4.14 11.11
N SER A 63 1.34 -4.32 11.32
CA SER A 63 1.83 -5.01 12.52
C SER A 63 1.43 -4.21 13.77
N ASN A 64 1.39 -2.91 13.60
CA ASN A 64 1.03 -1.99 14.65
C ASN A 64 -0.49 -1.78 14.71
N ASN A 65 -1.14 -1.81 13.59
CA ASN A 65 -2.56 -1.50 13.52
C ASN A 65 -3.32 -2.43 12.57
N THR A 66 -4.37 -3.09 13.11
CA THR A 66 -5.29 -4.00 12.38
C THR A 66 -4.57 -5.36 12.07
N SER A 67 -5.10 -6.14 11.15
CA SER A 67 -4.59 -7.44 10.81
C SER A 67 -4.74 -7.62 9.31
N GLY A 1 -8.58 9.68 -9.00
CA GLY A 1 -7.76 8.76 -8.23
C GLY A 1 -7.31 9.41 -6.96
N SER A 2 -6.54 8.70 -6.18
CA SER A 2 -6.07 9.22 -4.94
C SER A 2 -4.61 9.63 -5.04
N ALA A 3 -4.36 10.68 -5.78
CA ALA A 3 -3.04 11.22 -5.90
C ALA A 3 -2.99 12.50 -5.13
N SER A 4 -1.93 12.66 -4.35
CA SER A 4 -1.66 13.81 -3.48
C SER A 4 -2.47 13.74 -2.17
N ASN A 5 -3.66 13.21 -2.26
CA ASN A 5 -4.40 12.82 -1.10
C ASN A 5 -4.38 11.31 -1.12
N THR A 6 -3.24 10.81 -0.80
CA THR A 6 -2.96 9.44 -0.83
C THR A 6 -2.69 8.98 0.57
N ILE A 7 -3.22 7.87 0.92
CA ILE A 7 -2.95 7.32 2.18
C ILE A 7 -1.97 6.17 2.01
N LEU A 8 -0.73 6.47 2.30
CA LEU A 8 0.36 5.55 2.18
C LEU A 8 0.22 4.44 3.19
N GLY A 9 -0.08 3.29 2.69
CA GLY A 9 -0.34 2.15 3.52
C GLY A 9 -1.72 1.61 3.27
N ASP A 10 -2.54 2.39 2.59
CA ASP A 10 -3.87 1.95 2.26
C ASP A 10 -4.06 1.92 0.75
N LEU A 11 -3.65 0.79 0.23
CA LEU A 11 -3.55 0.48 -1.17
C LEU A 11 -4.88 0.13 -1.77
N ASN A 12 -5.74 -0.50 -0.99
CA ASN A 12 -7.06 -0.87 -1.47
C ASN A 12 -8.06 0.24 -1.22
N ASP A 13 -7.58 1.31 -0.58
CA ASP A 13 -8.34 2.53 -0.30
C ASP A 13 -9.61 2.24 0.49
N ASP A 14 -9.41 1.75 1.69
CA ASP A 14 -10.51 1.43 2.57
C ASP A 14 -10.43 2.20 3.88
N GLY A 15 -9.41 3.04 3.98
CA GLY A 15 -9.29 3.92 5.12
C GLY A 15 -8.44 3.42 6.23
N VAL A 16 -7.83 2.29 6.04
CA VAL A 16 -7.05 1.69 7.10
C VAL A 16 -5.94 0.79 6.55
N VAL A 17 -4.83 0.73 7.26
CA VAL A 17 -3.76 -0.17 6.95
C VAL A 17 -4.14 -1.59 7.44
N ASN A 18 -4.58 -2.39 6.52
CA ASN A 18 -5.02 -3.74 6.84
C ASN A 18 -4.31 -4.77 6.00
N GLY A 19 -4.57 -6.04 6.29
CA GLY A 19 -3.91 -7.15 5.59
C GLY A 19 -4.25 -7.22 4.11
N ARG A 20 -5.34 -6.57 3.72
CA ARG A 20 -5.76 -6.52 2.31
C ARG A 20 -4.76 -5.73 1.50
N ASP A 21 -4.14 -4.74 2.15
CA ASP A 21 -3.17 -3.88 1.50
C ASP A 21 -1.95 -4.66 1.15
N ILE A 22 -1.58 -5.56 2.06
CA ILE A 22 -0.47 -6.51 1.87
C ILE A 22 -0.66 -7.29 0.58
N VAL A 23 -1.88 -7.74 0.36
CA VAL A 23 -2.25 -8.47 -0.86
C VAL A 23 -1.97 -7.61 -2.07
N MET A 24 -2.53 -6.40 -2.07
CA MET A 24 -2.44 -5.44 -3.17
C MET A 24 -0.96 -5.12 -3.49
N MET A 25 -0.18 -4.96 -2.41
CA MET A 25 1.27 -4.69 -2.45
C MET A 25 1.95 -5.76 -3.27
N ARG A 26 1.73 -6.97 -2.82
CA ARG A 26 2.33 -8.17 -3.36
C ARG A 26 1.90 -8.44 -4.78
N GLN A 27 0.67 -8.04 -5.13
CA GLN A 27 0.18 -8.19 -6.48
C GLN A 27 1.03 -7.38 -7.43
N TYR A 28 1.11 -6.09 -7.16
CA TYR A 28 1.83 -5.19 -8.01
C TYR A 28 3.31 -5.53 -8.03
N LEU A 29 3.85 -5.82 -6.86
CA LEU A 29 5.26 -6.25 -6.69
C LEU A 29 5.57 -7.53 -7.48
N ALA A 30 4.59 -8.43 -7.59
CA ALA A 30 4.76 -9.67 -8.32
C ALA A 30 4.77 -9.41 -9.82
N GLY A 31 4.15 -8.32 -10.21
CA GLY A 31 4.06 -7.98 -11.58
C GLY A 31 2.63 -7.99 -12.08
N LYS A 32 1.67 -8.03 -11.17
CA LYS A 32 0.27 -8.03 -11.58
C LYS A 32 -0.22 -6.61 -11.70
N THR A 33 -1.18 -6.43 -12.56
CA THR A 33 -1.82 -5.17 -12.72
C THR A 33 -3.11 -5.23 -11.91
N VAL A 34 -3.11 -4.55 -10.80
CA VAL A 34 -4.18 -4.65 -9.84
C VAL A 34 -5.27 -3.62 -10.16
N SER A 35 -6.39 -4.09 -10.60
CA SER A 35 -7.53 -3.27 -10.88
C SER A 35 -8.16 -2.88 -9.55
N GLY A 36 -8.23 -1.59 -9.28
CA GLY A 36 -8.85 -1.13 -8.05
C GLY A 36 -7.85 -0.86 -6.95
N ILE A 37 -6.61 -0.68 -7.31
CA ILE A 37 -5.59 -0.37 -6.35
C ILE A 37 -5.29 1.11 -6.46
N ASP A 38 -4.92 1.74 -5.38
CA ASP A 38 -4.43 3.09 -5.50
C ASP A 38 -2.96 2.95 -5.66
N LYS A 39 -2.49 3.09 -6.88
CA LYS A 39 -1.11 2.83 -7.21
C LYS A 39 -0.16 3.80 -6.48
N ASN A 40 -0.68 4.95 -6.08
CA ASN A 40 0.11 5.96 -5.41
C ASN A 40 0.39 5.55 -3.98
N ALA A 41 -0.50 4.72 -3.41
CA ALA A 41 -0.46 4.37 -2.00
C ALA A 41 0.54 3.27 -1.72
N LEU A 42 1.14 2.76 -2.77
CA LEU A 42 2.11 1.69 -2.66
C LEU A 42 3.44 2.20 -2.25
N ASP A 43 3.74 3.43 -2.56
CA ASP A 43 5.03 3.98 -2.20
C ASP A 43 4.93 4.58 -0.81
N ILE A 44 4.97 3.70 0.14
CA ILE A 44 4.75 4.00 1.51
C ILE A 44 5.93 4.73 2.14
N ASN A 45 7.14 4.37 1.76
CA ASN A 45 8.31 5.00 2.36
C ASN A 45 8.61 6.34 1.66
N GLY A 46 7.87 6.62 0.59
CA GLY A 46 7.98 7.87 -0.15
C GLY A 46 9.30 8.04 -0.89
N ASP A 47 9.64 7.10 -1.75
CA ASP A 47 10.89 7.20 -2.54
C ASP A 47 10.60 7.41 -4.00
N GLY A 48 9.32 7.30 -4.35
CA GLY A 48 8.90 7.52 -5.70
C GLY A 48 8.71 6.23 -6.48
N ALA A 49 9.06 5.11 -5.89
CA ALA A 49 8.96 3.83 -6.56
C ALA A 49 8.35 2.77 -5.65
N VAL A 50 7.70 1.83 -6.23
CA VAL A 50 7.08 0.76 -5.51
C VAL A 50 8.09 -0.38 -5.38
N ASN A 51 8.60 -0.53 -4.19
CA ASN A 51 9.62 -1.50 -3.87
C ASN A 51 9.35 -2.23 -2.57
N GLY A 52 10.22 -3.17 -2.20
CA GLY A 52 10.04 -3.97 -0.99
C GLY A 52 10.16 -3.16 0.29
N ARG A 53 10.77 -2.00 0.18
CA ARG A 53 10.87 -1.05 1.29
C ARG A 53 9.49 -0.65 1.75
N ASP A 54 8.62 -0.44 0.77
CA ASP A 54 7.24 -0.05 1.00
C ASP A 54 6.50 -1.18 1.62
N LEU A 55 6.78 -2.38 1.13
CA LEU A 55 6.20 -3.61 1.68
C LEU A 55 6.54 -3.74 3.15
N MET A 56 7.78 -3.48 3.46
CA MET A 56 8.25 -3.54 4.83
C MET A 56 7.60 -2.46 5.69
N GLU A 57 7.36 -1.31 5.11
CA GLU A 57 6.64 -0.25 5.78
C GLU A 57 5.19 -0.65 6.00
N LEU A 58 4.62 -1.31 5.02
CA LEU A 58 3.24 -1.77 5.08
C LEU A 58 3.07 -2.79 6.21
N ILE A 59 3.98 -3.73 6.27
CA ILE A 59 4.03 -4.74 7.35
C ILE A 59 4.10 -4.00 8.68
N LYS A 60 5.01 -3.05 8.77
CA LYS A 60 5.18 -2.16 9.93
C LYS A 60 3.86 -1.49 10.36
N LYS A 61 3.13 -0.96 9.38
CA LYS A 61 1.85 -0.28 9.60
C LYS A 61 0.83 -1.23 10.20
N VAL A 62 0.61 -2.34 9.53
CA VAL A 62 -0.37 -3.34 9.92
C VAL A 62 0.06 -4.10 11.19
N SER A 63 1.36 -4.17 11.43
CA SER A 63 1.87 -4.76 12.64
C SER A 63 1.47 -3.92 13.85
N ASN A 64 1.30 -2.65 13.63
CA ASN A 64 0.93 -1.75 14.66
C ASN A 64 -0.58 -1.63 14.75
N ASN A 65 -1.23 -1.46 13.61
CA ASN A 65 -2.65 -1.17 13.57
C ASN A 65 -3.39 -2.04 12.55
N THR A 66 -4.47 -2.71 13.03
CA THR A 66 -5.43 -3.50 12.21
C THR A 66 -4.79 -4.75 11.49
N SER A 67 -5.62 -5.72 11.06
CA SER A 67 -5.14 -6.88 10.33
C SER A 67 -6.23 -7.35 9.35
N GLY A 1 -11.65 15.35 3.70
CA GLY A 1 -12.61 15.38 2.59
C GLY A 1 -12.00 15.98 1.37
N SER A 2 -11.85 15.16 0.33
CA SER A 2 -11.27 15.55 -0.97
C SER A 2 -9.76 15.89 -0.84
N ALA A 3 -9.13 16.20 -1.99
CA ALA A 3 -7.70 16.57 -2.09
C ALA A 3 -6.80 15.39 -1.83
N SER A 4 -6.59 14.61 -2.89
CA SER A 4 -5.82 13.37 -2.91
C SER A 4 -6.57 12.26 -2.18
N ASN A 5 -6.72 11.13 -2.84
CA ASN A 5 -7.34 9.99 -2.22
C ASN A 5 -6.25 9.00 -1.84
N THR A 6 -5.02 9.37 -2.11
CA THR A 6 -3.91 8.53 -1.85
C THR A 6 -3.49 8.62 -0.40
N ILE A 7 -3.58 7.50 0.25
CA ILE A 7 -3.23 7.34 1.61
C ILE A 7 -2.17 6.25 1.68
N LEU A 8 -0.94 6.66 1.96
CA LEU A 8 0.21 5.77 1.98
C LEU A 8 0.05 4.69 3.04
N GLY A 9 -0.11 3.48 2.56
CA GLY A 9 -0.34 2.37 3.44
C GLY A 9 -1.69 1.74 3.18
N ASP A 10 -2.58 2.48 2.57
CA ASP A 10 -3.90 1.98 2.27
C ASP A 10 -4.10 1.94 0.76
N LEU A 11 -3.72 0.82 0.24
CA LEU A 11 -3.63 0.54 -1.17
C LEU A 11 -5.00 0.23 -1.76
N ASN A 12 -5.81 -0.48 -1.02
CA ASN A 12 -7.14 -0.87 -1.49
C ASN A 12 -8.17 0.19 -1.20
N ASP A 13 -7.73 1.25 -0.52
CA ASP A 13 -8.55 2.42 -0.19
C ASP A 13 -9.76 2.05 0.65
N ASP A 14 -9.48 1.54 1.81
CA ASP A 14 -10.52 1.14 2.75
C ASP A 14 -10.41 1.92 4.05
N GLY A 15 -9.46 2.86 4.07
CA GLY A 15 -9.29 3.80 5.16
C GLY A 15 -8.42 3.31 6.28
N VAL A 16 -7.82 2.18 6.11
CA VAL A 16 -7.04 1.59 7.15
C VAL A 16 -5.91 0.72 6.60
N VAL A 17 -4.73 0.79 7.22
CA VAL A 17 -3.65 -0.08 6.90
C VAL A 17 -3.93 -1.49 7.47
N ASN A 18 -4.43 -2.34 6.62
CA ASN A 18 -4.84 -3.68 6.99
C ASN A 18 -4.18 -4.75 6.13
N GLY A 19 -4.47 -6.02 6.45
CA GLY A 19 -3.89 -7.17 5.73
C GLY A 19 -4.22 -7.22 4.25
N ARG A 20 -5.34 -6.60 3.86
CA ARG A 20 -5.76 -6.56 2.47
C ARG A 20 -4.77 -5.77 1.63
N ASP A 21 -4.14 -4.77 2.26
CA ASP A 21 -3.15 -3.93 1.60
C ASP A 21 -1.95 -4.74 1.23
N ILE A 22 -1.57 -5.64 2.14
CA ILE A 22 -0.46 -6.59 1.95
C ILE A 22 -0.65 -7.36 0.64
N VAL A 23 -1.86 -7.79 0.41
CA VAL A 23 -2.22 -8.53 -0.79
C VAL A 23 -1.97 -7.67 -2.01
N MET A 24 -2.56 -6.48 -2.00
CA MET A 24 -2.49 -5.50 -3.10
C MET A 24 -1.02 -5.15 -3.43
N MET A 25 -0.25 -4.97 -2.36
CA MET A 25 1.19 -4.67 -2.39
C MET A 25 1.90 -5.74 -3.18
N ARG A 26 1.71 -6.97 -2.73
CA ARG A 26 2.34 -8.14 -3.28
C ARG A 26 1.90 -8.42 -4.72
N GLN A 27 0.67 -8.03 -5.07
CA GLN A 27 0.15 -8.18 -6.43
C GLN A 27 0.98 -7.36 -7.40
N TYR A 28 1.04 -6.06 -7.15
CA TYR A 28 1.73 -5.14 -8.04
C TYR A 28 3.22 -5.44 -8.07
N LEU A 29 3.76 -5.72 -6.91
CA LEU A 29 5.19 -6.13 -6.76
C LEU A 29 5.49 -7.39 -7.61
N ALA A 30 4.52 -8.27 -7.72
CA ALA A 30 4.63 -9.50 -8.52
C ALA A 30 4.47 -9.22 -10.01
N GLY A 31 4.26 -7.97 -10.35
CA GLY A 31 4.12 -7.59 -11.71
C GLY A 31 2.71 -7.66 -12.19
N LYS A 32 1.75 -7.78 -11.27
CA LYS A 32 0.37 -7.81 -11.67
C LYS A 32 -0.18 -6.40 -11.70
N THR A 33 -1.21 -6.23 -12.44
CA THR A 33 -1.93 -5.00 -12.45
C THR A 33 -3.09 -5.20 -11.54
N VAL A 34 -3.09 -4.49 -10.47
CA VAL A 34 -4.12 -4.65 -9.52
C VAL A 34 -5.23 -3.70 -9.93
N SER A 35 -6.29 -4.25 -10.40
CA SER A 35 -7.38 -3.46 -10.86
C SER A 35 -8.15 -2.92 -9.65
N GLY A 36 -8.16 -1.60 -9.50
CA GLY A 36 -8.84 -0.99 -8.39
C GLY A 36 -7.91 -0.74 -7.21
N ILE A 37 -6.65 -0.46 -7.49
CA ILE A 37 -5.68 -0.17 -6.44
C ILE A 37 -5.31 1.30 -6.54
N ASP A 38 -4.92 1.91 -5.44
CA ASP A 38 -4.36 3.23 -5.57
C ASP A 38 -2.90 3.03 -5.72
N LYS A 39 -2.43 3.04 -6.95
CA LYS A 39 -1.06 2.69 -7.30
C LYS A 39 -0.01 3.60 -6.61
N ASN A 40 -0.46 4.75 -6.16
CA ASN A 40 0.39 5.74 -5.56
C ASN A 40 0.54 5.46 -4.08
N ALA A 41 -0.43 4.73 -3.51
CA ALA A 41 -0.45 4.43 -2.07
C ALA A 41 0.49 3.31 -1.72
N LEU A 42 1.09 2.73 -2.76
CA LEU A 42 2.04 1.65 -2.62
C LEU A 42 3.37 2.16 -2.21
N ASP A 43 3.66 3.40 -2.53
CA ASP A 43 4.92 3.99 -2.13
C ASP A 43 4.76 4.58 -0.75
N ILE A 44 4.77 3.68 0.19
CA ILE A 44 4.51 3.92 1.57
C ILE A 44 5.66 4.62 2.26
N ASN A 45 6.86 4.33 1.85
CA ASN A 45 8.02 4.96 2.49
C ASN A 45 8.29 6.35 1.88
N GLY A 46 7.63 6.62 0.77
CA GLY A 46 7.79 7.89 0.09
C GLY A 46 9.15 8.05 -0.61
N ASP A 47 9.47 7.16 -1.53
CA ASP A 47 10.72 7.29 -2.30
C ASP A 47 10.41 7.53 -3.78
N GLY A 48 9.16 7.32 -4.16
CA GLY A 48 8.73 7.53 -5.52
C GLY A 48 8.56 6.25 -6.32
N ALA A 49 9.00 5.14 -5.77
CA ALA A 49 8.91 3.87 -6.45
C ALA A 49 8.27 2.82 -5.55
N VAL A 50 7.66 1.85 -6.14
CA VAL A 50 7.02 0.80 -5.44
C VAL A 50 8.04 -0.34 -5.27
N ASN A 51 8.54 -0.48 -4.08
CA ASN A 51 9.58 -1.43 -3.77
C ASN A 51 9.33 -2.17 -2.47
N GLY A 52 10.25 -3.08 -2.12
CA GLY A 52 10.12 -3.91 -0.92
C GLY A 52 10.25 -3.11 0.35
N ARG A 53 10.80 -1.90 0.23
CA ARG A 53 10.90 -0.97 1.34
C ARG A 53 9.50 -0.62 1.81
N ASP A 54 8.63 -0.39 0.83
CA ASP A 54 7.24 -0.03 1.08
C ASP A 54 6.52 -1.18 1.68
N LEU A 55 6.82 -2.36 1.16
CA LEU A 55 6.27 -3.61 1.67
C LEU A 55 6.62 -3.76 3.14
N MET A 56 7.86 -3.45 3.49
CA MET A 56 8.31 -3.53 4.88
C MET A 56 7.67 -2.43 5.74
N GLU A 57 7.37 -1.29 5.12
CA GLU A 57 6.66 -0.22 5.78
C GLU A 57 5.23 -0.63 6.03
N LEU A 58 4.65 -1.33 5.08
CA LEU A 58 3.30 -1.81 5.17
C LEU A 58 3.16 -2.81 6.30
N ILE A 59 4.12 -3.73 6.40
CA ILE A 59 4.17 -4.71 7.49
C ILE A 59 4.24 -3.95 8.83
N LYS A 60 5.09 -2.95 8.88
CA LYS A 60 5.21 -2.02 10.03
C LYS A 60 3.85 -1.38 10.38
N LYS A 61 3.17 -0.85 9.37
CA LYS A 61 1.88 -0.20 9.53
C LYS A 61 0.82 -1.17 10.03
N VAL A 62 0.65 -2.22 9.30
CA VAL A 62 -0.38 -3.21 9.54
C VAL A 62 -0.17 -3.98 10.84
N SER A 63 1.07 -4.31 11.16
CA SER A 63 1.34 -5.07 12.37
C SER A 63 1.13 -4.20 13.60
N ASN A 64 1.24 -2.90 13.42
CA ASN A 64 1.08 -1.96 14.49
C ASN A 64 -0.38 -1.55 14.63
N ASN A 65 -1.08 -1.46 13.52
CA ASN A 65 -2.42 -0.91 13.51
C ASN A 65 -3.55 -1.94 13.38
N THR A 66 -3.74 -2.57 12.22
CA THR A 66 -4.91 -3.44 12.01
C THR A 66 -4.63 -4.56 11.01
N SER A 67 -5.11 -5.74 11.32
CA SER A 67 -5.02 -6.87 10.44
C SER A 67 -6.32 -6.99 9.62
N GLY A 1 -6.35 17.75 -0.25
CA GLY A 1 -5.09 18.44 -0.53
C GLY A 1 -4.66 18.23 -1.95
N SER A 2 -4.39 17.00 -2.31
CA SER A 2 -4.00 16.69 -3.65
C SER A 2 -5.24 16.21 -4.45
N ALA A 3 -5.06 15.90 -5.72
CA ALA A 3 -6.16 15.47 -6.60
C ALA A 3 -6.54 14.01 -6.37
N SER A 4 -5.86 13.38 -5.47
CA SER A 4 -6.15 12.05 -5.07
C SER A 4 -5.97 11.97 -3.57
N ASN A 5 -6.90 11.37 -2.88
CA ASN A 5 -6.80 11.21 -1.46
C ASN A 5 -6.09 9.91 -1.19
N THR A 6 -4.84 9.94 -1.49
CA THR A 6 -3.97 8.83 -1.39
C THR A 6 -3.43 8.73 0.02
N ILE A 7 -3.68 7.63 0.61
CA ILE A 7 -3.24 7.34 1.93
C ILE A 7 -2.23 6.19 1.88
N LEU A 8 -0.97 6.54 2.08
CA LEU A 8 0.15 5.62 2.02
C LEU A 8 0.01 4.52 3.05
N GLY A 9 -0.13 3.31 2.57
CA GLY A 9 -0.33 2.19 3.43
C GLY A 9 -1.71 1.61 3.22
N ASP A 10 -2.56 2.35 2.58
CA ASP A 10 -3.88 1.89 2.29
C ASP A 10 -4.09 1.85 0.78
N LEU A 11 -3.66 0.74 0.24
CA LEU A 11 -3.59 0.48 -1.17
C LEU A 11 -4.94 0.12 -1.74
N ASN A 12 -5.72 -0.60 -0.96
CA ASN A 12 -7.05 -1.02 -1.41
C ASN A 12 -8.08 0.06 -1.14
N ASP A 13 -7.62 1.12 -0.47
CA ASP A 13 -8.42 2.31 -0.17
C ASP A 13 -9.65 1.97 0.67
N ASP A 14 -9.41 1.49 1.85
CA ASP A 14 -10.46 1.13 2.76
C ASP A 14 -10.35 1.89 4.08
N GLY A 15 -9.38 2.80 4.15
CA GLY A 15 -9.24 3.69 5.29
C GLY A 15 -8.45 3.14 6.43
N VAL A 16 -7.79 2.04 6.22
CA VAL A 16 -7.05 1.41 7.29
C VAL A 16 -5.91 0.57 6.70
N VAL A 17 -4.79 0.56 7.39
CA VAL A 17 -3.68 -0.27 7.00
C VAL A 17 -3.94 -1.71 7.49
N ASN A 18 -4.44 -2.50 6.60
CA ASN A 18 -4.88 -3.84 6.93
C ASN A 18 -4.21 -4.88 6.07
N GLY A 19 -4.49 -6.14 6.38
CA GLY A 19 -3.89 -7.28 5.69
C GLY A 19 -4.22 -7.32 4.20
N ARG A 20 -5.34 -6.70 3.84
CA ARG A 20 -5.78 -6.63 2.45
C ARG A 20 -4.78 -5.84 1.60
N ASP A 21 -4.13 -4.86 2.24
CA ASP A 21 -3.16 -4.02 1.56
C ASP A 21 -1.95 -4.81 1.19
N ILE A 22 -1.57 -5.74 2.08
CA ILE A 22 -0.47 -6.69 1.86
C ILE A 22 -0.66 -7.42 0.55
N VAL A 23 -1.88 -7.86 0.32
CA VAL A 23 -2.26 -8.56 -0.90
C VAL A 23 -1.99 -7.67 -2.12
N MET A 24 -2.53 -6.45 -2.06
CA MET A 24 -2.44 -5.46 -3.16
C MET A 24 -0.97 -5.12 -3.46
N MET A 25 -0.20 -4.97 -2.37
CA MET A 25 1.24 -4.71 -2.40
C MET A 25 1.92 -5.77 -3.23
N ARG A 26 1.70 -7.02 -2.82
CA ARG A 26 2.28 -8.19 -3.43
C ARG A 26 1.87 -8.35 -4.89
N GLN A 27 0.62 -7.98 -5.23
CA GLN A 27 0.14 -8.07 -6.59
C GLN A 27 0.98 -7.22 -7.51
N TYR A 28 1.10 -5.94 -7.18
CA TYR A 28 1.85 -5.03 -8.01
C TYR A 28 3.32 -5.38 -8.01
N LEU A 29 3.82 -5.72 -6.85
CA LEU A 29 5.23 -6.16 -6.68
C LEU A 29 5.57 -7.35 -7.60
N ALA A 30 4.63 -8.27 -7.72
CA ALA A 30 4.79 -9.45 -8.57
C ALA A 30 4.68 -9.08 -10.05
N GLY A 31 4.00 -8.00 -10.32
CA GLY A 31 3.85 -7.54 -11.66
C GLY A 31 2.44 -7.66 -12.18
N LYS A 32 1.49 -7.86 -11.30
CA LYS A 32 0.11 -7.97 -11.70
C LYS A 32 -0.50 -6.59 -11.75
N THR A 33 -1.44 -6.43 -12.63
CA THR A 33 -2.16 -5.20 -12.74
C THR A 33 -3.29 -5.28 -11.73
N VAL A 34 -3.18 -4.54 -10.68
CA VAL A 34 -4.17 -4.60 -9.64
C VAL A 34 -5.28 -3.64 -10.02
N SER A 35 -6.42 -4.18 -10.33
CA SER A 35 -7.53 -3.39 -10.77
C SER A 35 -8.17 -2.67 -9.59
N GLY A 36 -8.14 -1.35 -9.63
CA GLY A 36 -8.78 -0.57 -8.59
C GLY A 36 -7.92 -0.40 -7.36
N ILE A 37 -6.62 -0.34 -7.56
CA ILE A 37 -5.69 -0.11 -6.48
C ILE A 37 -5.35 1.37 -6.50
N ASP A 38 -5.04 1.94 -5.37
CA ASP A 38 -4.49 3.28 -5.41
C ASP A 38 -3.05 3.06 -5.62
N LYS A 39 -2.61 3.20 -6.84
CA LYS A 39 -1.29 2.83 -7.24
C LYS A 39 -0.21 3.76 -6.63
N ASN A 40 -0.65 4.86 -6.07
CA ASN A 40 0.24 5.83 -5.47
C ASN A 40 0.46 5.45 -4.02
N ALA A 41 -0.51 4.73 -3.43
CA ALA A 41 -0.50 4.42 -2.00
C ALA A 41 0.45 3.30 -1.67
N LEU A 42 1.07 2.77 -2.69
CA LEU A 42 2.03 1.69 -2.58
C LEU A 42 3.33 2.22 -2.13
N ASP A 43 3.58 3.49 -2.38
CA ASP A 43 4.86 4.02 -2.05
C ASP A 43 4.84 4.60 -0.67
N ILE A 44 4.82 3.69 0.26
CA ILE A 44 4.64 3.93 1.67
C ILE A 44 5.89 4.54 2.32
N ASN A 45 7.05 4.25 1.77
CA ASN A 45 8.28 4.81 2.30
C ASN A 45 8.55 6.20 1.68
N GLY A 46 7.75 6.54 0.65
CA GLY A 46 7.85 7.83 -0.02
C GLY A 46 9.16 8.07 -0.77
N ASP A 47 9.55 7.14 -1.62
CA ASP A 47 10.78 7.32 -2.42
C ASP A 47 10.44 7.41 -3.91
N GLY A 48 9.26 6.94 -4.27
CA GLY A 48 8.81 7.04 -5.63
C GLY A 48 8.90 5.73 -6.41
N ALA A 49 9.57 4.74 -5.84
CA ALA A 49 9.68 3.45 -6.47
C ALA A 49 9.11 2.39 -5.58
N VAL A 50 8.27 1.59 -6.11
CA VAL A 50 7.59 0.60 -5.38
C VAL A 50 8.51 -0.60 -5.21
N ASN A 51 8.98 -0.76 -4.03
CA ASN A 51 9.94 -1.77 -3.70
C ASN A 51 9.56 -2.47 -2.43
N GLY A 52 10.36 -3.47 -2.05
CA GLY A 52 10.12 -4.22 -0.83
C GLY A 52 10.23 -3.38 0.42
N ARG A 53 10.81 -2.20 0.28
CA ARG A 53 10.93 -1.26 1.38
C ARG A 53 9.57 -0.74 1.76
N ASP A 54 8.70 -0.60 0.76
CA ASP A 54 7.34 -0.14 0.98
C ASP A 54 6.56 -1.25 1.62
N LEU A 55 6.84 -2.47 1.18
CA LEU A 55 6.25 -3.68 1.76
C LEU A 55 6.60 -3.77 3.24
N MET A 56 7.87 -3.49 3.57
CA MET A 56 8.33 -3.48 4.97
C MET A 56 7.61 -2.41 5.77
N GLU A 57 7.35 -1.28 5.14
CA GLU A 57 6.61 -0.19 5.75
C GLU A 57 5.17 -0.59 5.96
N LEU A 58 4.60 -1.31 5.02
CA LEU A 58 3.25 -1.77 5.09
C LEU A 58 3.07 -2.74 6.23
N ILE A 59 3.98 -3.70 6.31
CA ILE A 59 4.00 -4.68 7.40
C ILE A 59 4.13 -3.94 8.73
N LYS A 60 5.00 -2.95 8.77
CA LYS A 60 5.17 -2.03 9.92
C LYS A 60 3.83 -1.38 10.33
N LYS A 61 3.09 -0.89 9.34
CA LYS A 61 1.80 -0.24 9.55
C LYS A 61 0.79 -1.22 10.10
N VAL A 62 0.62 -2.31 9.39
CA VAL A 62 -0.35 -3.34 9.72
C VAL A 62 0.01 -4.09 11.02
N SER A 63 1.28 -4.10 11.37
CA SER A 63 1.73 -4.68 12.63
C SER A 63 1.39 -3.76 13.81
N ASN A 64 1.38 -2.45 13.55
CA ASN A 64 1.03 -1.44 14.52
C ASN A 64 -0.50 -1.44 14.69
N ASN A 65 -1.16 -1.71 13.59
CA ASN A 65 -2.60 -1.87 13.52
C ASN A 65 -2.90 -3.33 13.87
N THR A 66 -4.14 -3.74 13.90
CA THR A 66 -4.40 -5.12 14.16
C THR A 66 -4.93 -5.84 12.93
N SER A 67 -3.98 -6.13 12.03
CA SER A 67 -4.20 -6.84 10.76
C SER A 67 -5.39 -6.27 9.96
N GLY A 1 -6.62 11.33 5.95
CA GLY A 1 -6.18 12.42 5.11
C GLY A 1 -4.86 12.97 5.58
N SER A 2 -3.86 12.89 4.74
CA SER A 2 -2.56 13.44 5.03
C SER A 2 -2.08 14.20 3.82
N ALA A 3 -2.51 15.48 3.74
CA ALA A 3 -2.20 16.42 2.64
C ALA A 3 -2.80 15.97 1.29
N SER A 4 -3.62 14.95 1.37
CA SER A 4 -4.20 14.29 0.25
C SER A 4 -5.11 13.20 0.78
N ASN A 5 -5.98 12.72 -0.08
CA ASN A 5 -6.87 11.62 0.27
C ASN A 5 -6.10 10.31 0.05
N THR A 6 -4.99 10.40 -0.66
CA THR A 6 -4.09 9.31 -0.85
C THR A 6 -3.50 8.94 0.51
N ILE A 7 -3.52 7.69 0.81
CA ILE A 7 -3.12 7.20 2.08
C ILE A 7 -2.08 6.09 1.92
N LEU A 8 -0.83 6.41 2.18
CA LEU A 8 0.26 5.47 2.10
C LEU A 8 0.04 4.32 3.06
N GLY A 9 -0.07 3.15 2.54
CA GLY A 9 -0.30 2.01 3.35
C GLY A 9 -1.68 1.47 3.13
N ASP A 10 -2.54 2.25 2.53
CA ASP A 10 -3.87 1.80 2.22
C ASP A 10 -4.07 1.77 0.73
N LEU A 11 -3.67 0.67 0.18
CA LEU A 11 -3.61 0.40 -1.22
C LEU A 11 -4.96 0.08 -1.79
N ASN A 12 -5.77 -0.62 -1.02
CA ASN A 12 -7.11 -1.03 -1.48
C ASN A 12 -8.13 0.07 -1.22
N ASP A 13 -7.67 1.13 -0.54
CA ASP A 13 -8.45 2.33 -0.23
C ASP A 13 -9.69 2.00 0.59
N ASP A 14 -9.45 1.47 1.76
CA ASP A 14 -10.52 1.10 2.68
C ASP A 14 -10.43 1.91 3.96
N GLY A 15 -9.47 2.83 3.99
CA GLY A 15 -9.34 3.77 5.07
C GLY A 15 -8.51 3.27 6.22
N VAL A 16 -7.87 2.15 6.05
CA VAL A 16 -7.12 1.54 7.12
C VAL A 16 -5.98 0.67 6.57
N VAL A 17 -4.83 0.74 7.22
CA VAL A 17 -3.72 -0.14 6.92
C VAL A 17 -4.00 -1.55 7.50
N ASN A 18 -4.49 -2.41 6.64
CA ASN A 18 -4.89 -3.76 7.01
C ASN A 18 -4.22 -4.81 6.14
N GLY A 19 -4.48 -6.08 6.45
CA GLY A 19 -3.89 -7.21 5.73
C GLY A 19 -4.21 -7.24 4.24
N ARG A 20 -5.33 -6.65 3.85
CA ARG A 20 -5.74 -6.59 2.45
C ARG A 20 -4.73 -5.80 1.62
N ASP A 21 -4.10 -4.82 2.26
CA ASP A 21 -3.12 -3.98 1.61
C ASP A 21 -1.91 -4.78 1.23
N ILE A 22 -1.53 -5.69 2.12
CA ILE A 22 -0.45 -6.65 1.92
C ILE A 22 -0.65 -7.41 0.61
N VAL A 23 -1.88 -7.85 0.40
CA VAL A 23 -2.29 -8.58 -0.79
C VAL A 23 -2.03 -7.74 -2.04
N MET A 24 -2.52 -6.51 -2.00
CA MET A 24 -2.45 -5.56 -3.12
C MET A 24 -0.99 -5.19 -3.42
N MET A 25 -0.22 -5.04 -2.36
CA MET A 25 1.22 -4.75 -2.38
C MET A 25 1.91 -5.83 -3.18
N ARG A 26 1.68 -7.06 -2.73
CA ARG A 26 2.27 -8.25 -3.30
C ARG A 26 1.85 -8.47 -4.75
N GLN A 27 0.61 -8.06 -5.10
CA GLN A 27 0.14 -8.16 -6.48
C GLN A 27 1.01 -7.33 -7.37
N TYR A 28 1.10 -6.04 -7.05
CA TYR A 28 1.83 -5.11 -7.86
C TYR A 28 3.31 -5.44 -7.88
N LEU A 29 3.83 -5.79 -6.72
CA LEU A 29 5.24 -6.23 -6.56
C LEU A 29 5.56 -7.45 -7.44
N ALA A 30 4.59 -8.32 -7.63
CA ALA A 30 4.75 -9.50 -8.47
C ALA A 30 4.64 -9.14 -9.95
N GLY A 31 4.29 -7.91 -10.21
CA GLY A 31 4.15 -7.43 -11.55
C GLY A 31 2.76 -7.64 -12.08
N LYS A 32 1.79 -7.73 -11.19
CA LYS A 32 0.43 -7.87 -11.61
C LYS A 32 -0.24 -6.52 -11.62
N THR A 33 -1.19 -6.39 -12.45
CA THR A 33 -1.98 -5.20 -12.53
C THR A 33 -3.16 -5.38 -11.59
N VAL A 34 -3.30 -4.50 -10.66
CA VAL A 34 -4.28 -4.66 -9.65
C VAL A 34 -5.42 -3.70 -9.93
N SER A 35 -6.58 -4.24 -10.22
CA SER A 35 -7.73 -3.44 -10.53
C SER A 35 -8.31 -2.82 -9.25
N GLY A 36 -8.35 -1.49 -9.20
CA GLY A 36 -8.95 -0.80 -8.08
C GLY A 36 -7.97 -0.56 -6.95
N ILE A 37 -6.70 -0.43 -7.28
CA ILE A 37 -5.69 -0.15 -6.30
C ILE A 37 -5.34 1.32 -6.41
N ASP A 38 -4.96 1.94 -5.32
CA ASP A 38 -4.44 3.29 -5.42
C ASP A 38 -2.99 3.13 -5.61
N LYS A 39 -2.56 3.29 -6.84
CA LYS A 39 -1.19 2.99 -7.27
C LYS A 39 -0.14 3.87 -6.54
N ASN A 40 -0.58 4.99 -6.09
CA ASN A 40 0.25 5.95 -5.42
C ASN A 40 0.44 5.58 -3.96
N ALA A 41 -0.49 4.81 -3.41
CA ALA A 41 -0.49 4.48 -1.98
C ALA A 41 0.48 3.35 -1.66
N LEU A 42 1.10 2.85 -2.71
CA LEU A 42 2.07 1.77 -2.63
C LEU A 42 3.40 2.26 -2.18
N ASP A 43 3.73 3.49 -2.50
CA ASP A 43 5.03 4.03 -2.14
C ASP A 43 5.00 4.63 -0.75
N ILE A 44 5.00 3.74 0.19
CA ILE A 44 4.81 4.01 1.58
C ILE A 44 6.03 4.66 2.22
N ASN A 45 7.22 4.33 1.77
CA ASN A 45 8.41 4.97 2.33
C ASN A 45 8.66 6.31 1.66
N GLY A 46 7.95 6.55 0.56
CA GLY A 46 8.09 7.80 -0.17
C GLY A 46 9.41 7.96 -0.91
N ASP A 47 9.70 7.04 -1.81
CA ASP A 47 10.93 7.12 -2.61
C ASP A 47 10.62 7.32 -4.09
N GLY A 48 9.37 7.10 -4.48
CA GLY A 48 8.97 7.28 -5.85
C GLY A 48 8.84 5.98 -6.62
N ALA A 49 9.26 4.88 -6.03
CA ALA A 49 9.21 3.58 -6.66
C ALA A 49 8.50 2.59 -5.77
N VAL A 50 7.95 1.56 -6.32
CA VAL A 50 7.29 0.58 -5.56
C VAL A 50 8.23 -0.58 -5.35
N ASN A 51 8.72 -0.70 -4.16
CA ASN A 51 9.72 -1.66 -3.82
C ASN A 51 9.43 -2.36 -2.51
N GLY A 52 10.31 -3.28 -2.12
CA GLY A 52 10.13 -4.07 -0.91
C GLY A 52 10.22 -3.22 0.34
N ARG A 53 10.85 -2.07 0.21
CA ARG A 53 10.91 -1.07 1.28
C ARG A 53 9.50 -0.71 1.72
N ASP A 54 8.65 -0.51 0.73
CA ASP A 54 7.26 -0.12 0.95
C ASP A 54 6.51 -1.25 1.59
N LEU A 55 6.84 -2.45 1.17
CA LEU A 55 6.26 -3.67 1.73
C LEU A 55 6.61 -3.76 3.21
N MET A 56 7.86 -3.50 3.53
CA MET A 56 8.36 -3.51 4.92
C MET A 56 7.71 -2.41 5.73
N GLU A 57 7.41 -1.30 5.08
CA GLU A 57 6.70 -0.19 5.70
C GLU A 57 5.28 -0.61 5.98
N LEU A 58 4.67 -1.27 5.01
CA LEU A 58 3.32 -1.75 5.10
C LEU A 58 3.17 -2.75 6.22
N ILE A 59 4.10 -3.69 6.30
CA ILE A 59 4.13 -4.68 7.39
C ILE A 59 4.19 -3.95 8.73
N LYS A 60 4.98 -2.89 8.78
CA LYS A 60 5.05 -2.03 9.95
C LYS A 60 3.69 -1.41 10.28
N LYS A 61 3.05 -0.81 9.29
CA LYS A 61 1.75 -0.14 9.46
C LYS A 61 0.69 -1.12 9.96
N VAL A 62 0.62 -2.24 9.28
CA VAL A 62 -0.36 -3.26 9.52
C VAL A 62 -0.10 -4.07 10.79
N SER A 63 1.16 -4.24 11.16
CA SER A 63 1.45 -4.97 12.40
C SER A 63 1.15 -4.06 13.60
N ASN A 64 1.39 -2.78 13.39
CA ASN A 64 1.12 -1.74 14.33
C ASN A 64 -0.38 -1.59 14.57
N ASN A 65 -1.13 -1.51 13.50
CA ASN A 65 -2.53 -1.25 13.62
C ASN A 65 -3.38 -2.53 13.59
N THR A 66 -3.69 -3.05 12.41
CA THR A 66 -4.58 -4.19 12.28
C THR A 66 -4.25 -4.99 11.04
N SER A 67 -4.18 -6.29 11.15
CA SER A 67 -3.92 -7.13 10.02
C SER A 67 -5.23 -7.75 9.54
N GLY A 1 -0.06 12.73 -9.83
CA GLY A 1 -0.68 11.42 -9.72
C GLY A 1 -1.82 11.47 -8.74
N SER A 2 -1.91 10.45 -7.88
CA SER A 2 -2.96 10.27 -6.87
C SER A 2 -4.27 9.75 -7.51
N ALA A 3 -5.01 8.96 -6.78
CA ALA A 3 -6.28 8.46 -7.25
C ALA A 3 -7.36 8.84 -6.25
N SER A 4 -7.98 10.00 -6.50
CA SER A 4 -9.03 10.60 -5.65
C SER A 4 -8.46 11.13 -4.31
N ASN A 5 -7.90 10.24 -3.53
CA ASN A 5 -7.27 10.53 -2.27
C ASN A 5 -6.34 9.41 -1.95
N THR A 6 -5.09 9.65 -2.18
CA THR A 6 -4.07 8.69 -1.92
C THR A 6 -3.68 8.70 -0.46
N ILE A 7 -3.84 7.56 0.13
CA ILE A 7 -3.55 7.34 1.51
C ILE A 7 -2.45 6.25 1.62
N LEU A 8 -1.22 6.68 1.88
CA LEU A 8 -0.06 5.79 1.94
C LEU A 8 -0.25 4.72 3.00
N GLY A 9 -0.27 3.49 2.56
CA GLY A 9 -0.48 2.39 3.45
C GLY A 9 -1.82 1.73 3.20
N ASP A 10 -2.72 2.46 2.58
CA ASP A 10 -4.02 1.92 2.28
C ASP A 10 -4.21 1.83 0.78
N LEU A 11 -3.80 0.70 0.28
CA LEU A 11 -3.74 0.37 -1.13
C LEU A 11 -5.10 -0.01 -1.69
N ASN A 12 -5.89 -0.71 -0.89
CA ASN A 12 -7.22 -1.18 -1.34
C ASN A 12 -8.27 -0.11 -1.11
N ASP A 13 -7.85 0.94 -0.42
CA ASP A 13 -8.66 2.13 -0.14
C ASP A 13 -9.89 1.78 0.70
N ASP A 14 -9.63 1.32 1.89
CA ASP A 14 -10.68 0.93 2.83
C ASP A 14 -10.56 1.74 4.12
N GLY A 15 -9.57 2.61 4.16
CA GLY A 15 -9.40 3.54 5.26
C GLY A 15 -8.52 3.07 6.37
N VAL A 16 -7.91 1.94 6.19
CA VAL A 16 -7.12 1.36 7.25
C VAL A 16 -5.99 0.49 6.70
N VAL A 17 -4.84 0.53 7.36
CA VAL A 17 -3.72 -0.29 6.98
C VAL A 17 -3.92 -1.73 7.49
N ASN A 18 -4.40 -2.57 6.61
CA ASN A 18 -4.78 -3.93 6.95
C ASN A 18 -4.10 -4.97 6.06
N GLY A 19 -4.40 -6.25 6.34
CA GLY A 19 -3.76 -7.37 5.62
C GLY A 19 -4.14 -7.43 4.15
N ARG A 20 -5.23 -6.77 3.80
CA ARG A 20 -5.70 -6.72 2.42
C ARG A 20 -4.76 -5.87 1.59
N ASP A 21 -4.12 -4.90 2.24
CA ASP A 21 -3.18 -4.02 1.57
C ASP A 21 -1.97 -4.80 1.18
N ILE A 22 -1.55 -5.70 2.09
CA ILE A 22 -0.44 -6.65 1.86
C ILE A 22 -0.64 -7.39 0.55
N VAL A 23 -1.86 -7.81 0.31
CA VAL A 23 -2.22 -8.52 -0.90
C VAL A 23 -1.98 -7.65 -2.12
N MET A 24 -2.56 -6.45 -2.10
CA MET A 24 -2.48 -5.46 -3.19
C MET A 24 -1.01 -5.12 -3.49
N MET A 25 -0.26 -4.97 -2.42
CA MET A 25 1.19 -4.69 -2.42
C MET A 25 1.89 -5.75 -3.22
N ARG A 26 1.69 -6.99 -2.80
CA ARG A 26 2.31 -8.15 -3.38
C ARG A 26 1.89 -8.37 -4.83
N GLN A 27 0.64 -8.02 -5.17
CA GLN A 27 0.15 -8.14 -6.53
C GLN A 27 0.97 -7.30 -7.48
N TYR A 28 1.07 -6.02 -7.17
CA TYR A 28 1.78 -5.07 -7.99
C TYR A 28 3.27 -5.41 -8.03
N LEU A 29 3.80 -5.72 -6.86
CA LEU A 29 5.22 -6.16 -6.71
C LEU A 29 5.51 -7.41 -7.55
N ALA A 30 4.54 -8.30 -7.66
CA ALA A 30 4.68 -9.51 -8.48
C ALA A 30 4.60 -9.16 -9.96
N GLY A 31 4.01 -8.04 -10.25
CA GLY A 31 3.87 -7.58 -11.59
C GLY A 31 2.49 -7.76 -12.13
N LYS A 32 1.50 -7.78 -11.26
CA LYS A 32 0.12 -7.91 -11.69
C LYS A 32 -0.51 -6.53 -11.84
N THR A 33 -1.55 -6.47 -12.61
CA THR A 33 -2.31 -5.26 -12.76
C THR A 33 -3.46 -5.34 -11.77
N VAL A 34 -3.41 -4.53 -10.74
CA VAL A 34 -4.37 -4.64 -9.68
C VAL A 34 -5.53 -3.69 -9.92
N SER A 35 -6.70 -4.24 -10.04
CA SER A 35 -7.88 -3.46 -10.24
C SER A 35 -8.31 -2.80 -8.93
N GLY A 36 -8.50 -1.50 -8.97
CA GLY A 36 -8.99 -0.75 -7.84
C GLY A 36 -7.92 -0.49 -6.81
N ILE A 37 -6.70 -0.36 -7.24
CA ILE A 37 -5.62 -0.10 -6.33
C ILE A 37 -5.27 1.38 -6.43
N ASP A 38 -4.86 1.96 -5.34
CA ASP A 38 -4.30 3.29 -5.43
C ASP A 38 -2.84 3.07 -5.60
N LYS A 39 -2.37 3.17 -6.83
CA LYS A 39 -1.00 2.81 -7.21
C LYS A 39 0.05 3.72 -6.54
N ASN A 40 -0.39 4.82 -6.01
CA ASN A 40 0.46 5.79 -5.38
C ASN A 40 0.59 5.46 -3.91
N ALA A 41 -0.41 4.74 -3.37
CA ALA A 41 -0.49 4.43 -1.94
C ALA A 41 0.46 3.31 -1.57
N LEU A 42 1.04 2.72 -2.59
CA LEU A 42 2.01 1.64 -2.44
C LEU A 42 3.32 2.19 -2.01
N ASP A 43 3.61 3.42 -2.37
CA ASP A 43 4.85 4.02 -1.99
C ASP A 43 4.73 4.64 -0.61
N ILE A 44 4.77 3.77 0.35
CA ILE A 44 4.54 4.06 1.73
C ILE A 44 5.71 4.78 2.35
N ASN A 45 6.93 4.40 1.97
CA ASN A 45 8.12 5.03 2.56
C ASN A 45 8.42 6.38 1.89
N GLY A 46 7.66 6.67 0.82
CA GLY A 46 7.80 7.93 0.12
C GLY A 46 9.13 8.08 -0.62
N ASP A 47 9.43 7.18 -1.54
CA ASP A 47 10.65 7.29 -2.35
C ASP A 47 10.31 7.51 -3.82
N GLY A 48 9.07 7.28 -4.18
CA GLY A 48 8.63 7.49 -5.53
C GLY A 48 8.53 6.20 -6.33
N ALA A 49 8.97 5.11 -5.75
CA ALA A 49 8.94 3.83 -6.42
C ALA A 49 8.29 2.77 -5.54
N VAL A 50 7.66 1.82 -6.15
CA VAL A 50 7.03 0.76 -5.44
C VAL A 50 8.04 -0.36 -5.27
N ASN A 51 8.54 -0.48 -4.09
CA ASN A 51 9.60 -1.42 -3.77
C ASN A 51 9.35 -2.17 -2.48
N GLY A 52 10.25 -3.10 -2.15
CA GLY A 52 10.09 -3.95 -0.95
C GLY A 52 10.21 -3.17 0.33
N ARG A 53 10.74 -1.97 0.23
CA ARG A 53 10.84 -1.05 1.35
C ARG A 53 9.45 -0.72 1.82
N ASP A 54 8.58 -0.45 0.85
CA ASP A 54 7.19 -0.09 1.10
C ASP A 54 6.45 -1.26 1.65
N LEU A 55 6.79 -2.44 1.16
CA LEU A 55 6.23 -3.69 1.65
C LEU A 55 6.54 -3.84 3.12
N MET A 56 7.79 -3.57 3.48
CA MET A 56 8.22 -3.63 4.87
C MET A 56 7.56 -2.53 5.70
N GLU A 57 7.29 -1.40 5.08
CA GLU A 57 6.56 -0.30 5.71
C GLU A 57 5.12 -0.69 5.95
N LEU A 58 4.55 -1.39 5.02
CA LEU A 58 3.19 -1.86 5.12
C LEU A 58 3.06 -2.86 6.26
N ILE A 59 4.02 -3.77 6.34
CA ILE A 59 4.10 -4.74 7.45
C ILE A 59 4.22 -3.98 8.77
N LYS A 60 5.00 -2.92 8.77
CA LYS A 60 5.12 -1.99 9.91
C LYS A 60 3.73 -1.43 10.27
N LYS A 61 3.07 -0.85 9.29
CA LYS A 61 1.75 -0.22 9.44
C LYS A 61 0.72 -1.17 10.00
N VAL A 62 0.58 -2.30 9.36
CA VAL A 62 -0.40 -3.29 9.72
C VAL A 62 -0.07 -3.95 11.05
N SER A 63 1.21 -4.12 11.36
CA SER A 63 1.57 -4.70 12.64
C SER A 63 1.27 -3.71 13.76
N ASN A 64 1.51 -2.44 13.47
CA ASN A 64 1.30 -1.35 14.40
C ASN A 64 -0.18 -1.19 14.70
N ASN A 65 -0.96 -0.95 13.66
CA ASN A 65 -2.40 -0.69 13.82
C ASN A 65 -3.12 -1.93 14.30
N THR A 66 -2.77 -3.08 13.71
CA THR A 66 -3.36 -4.38 13.99
C THR A 66 -4.75 -4.53 13.34
N SER A 67 -4.89 -5.59 12.57
CA SER A 67 -6.11 -5.86 11.85
C SER A 67 -6.97 -6.82 12.66
N GLY A 1 -0.29 18.56 7.51
CA GLY A 1 -1.33 17.72 6.93
C GLY A 1 -0.78 16.92 5.80
N SER A 2 -1.65 16.32 5.04
CA SER A 2 -1.29 15.51 3.92
C SER A 2 -0.77 16.38 2.78
N ALA A 3 0.46 16.09 2.35
CA ALA A 3 1.07 16.81 1.23
C ALA A 3 0.25 16.53 -0.03
N SER A 4 -0.17 15.30 -0.16
CA SER A 4 -1.02 14.87 -1.23
C SER A 4 -2.12 14.04 -0.59
N ASN A 5 -3.31 14.02 -1.16
CA ASN A 5 -4.43 13.27 -0.59
C ASN A 5 -4.35 11.80 -1.02
N THR A 6 -3.30 11.19 -0.60
CA THR A 6 -3.03 9.82 -0.81
C THR A 6 -2.76 9.23 0.56
N ILE A 7 -3.25 8.06 0.82
CA ILE A 7 -3.01 7.46 2.08
C ILE A 7 -1.97 6.34 1.92
N LEU A 8 -0.76 6.66 2.30
CA LEU A 8 0.34 5.75 2.21
C LEU A 8 0.18 4.61 3.19
N GLY A 9 -0.06 3.44 2.66
CA GLY A 9 -0.29 2.29 3.46
C GLY A 9 -1.66 1.70 3.19
N ASP A 10 -2.52 2.46 2.58
CA ASP A 10 -3.83 1.98 2.25
C ASP A 10 -4.01 1.91 0.74
N LEU A 11 -3.65 0.77 0.24
CA LEU A 11 -3.53 0.47 -1.18
C LEU A 11 -4.87 0.19 -1.82
N ASN A 12 -5.76 -0.42 -1.09
CA ASN A 12 -7.08 -0.77 -1.61
C ASN A 12 -8.08 0.34 -1.36
N ASP A 13 -7.60 1.39 -0.69
CA ASP A 13 -8.36 2.60 -0.39
C ASP A 13 -9.61 2.30 0.43
N ASP A 14 -9.39 1.81 1.61
CA ASP A 14 -10.46 1.49 2.53
C ASP A 14 -10.34 2.32 3.81
N GLY A 15 -9.30 3.12 3.87
CA GLY A 15 -9.11 4.04 4.97
C GLY A 15 -8.25 3.51 6.09
N VAL A 16 -7.81 2.28 5.99
CA VAL A 16 -7.08 1.67 7.08
C VAL A 16 -6.00 0.69 6.59
N VAL A 17 -4.84 0.72 7.23
CA VAL A 17 -3.78 -0.20 6.95
C VAL A 17 -4.14 -1.60 7.50
N ASN A 18 -4.64 -2.42 6.63
CA ASN A 18 -5.11 -3.75 6.97
C ASN A 18 -4.45 -4.82 6.13
N GLY A 19 -4.88 -6.08 6.33
CA GLY A 19 -4.27 -7.22 5.64
C GLY A 19 -4.58 -7.22 4.15
N ARG A 20 -5.62 -6.50 3.78
CA ARG A 20 -6.06 -6.39 2.39
C ARG A 20 -5.02 -5.63 1.58
N ASP A 21 -4.34 -4.70 2.24
CA ASP A 21 -3.31 -3.89 1.62
C ASP A 21 -2.12 -4.73 1.28
N ILE A 22 -1.78 -5.66 2.18
CA ILE A 22 -0.70 -6.65 2.00
C ILE A 22 -0.90 -7.40 0.69
N VAL A 23 -2.13 -7.80 0.46
CA VAL A 23 -2.53 -8.52 -0.75
C VAL A 23 -2.17 -7.71 -1.97
N MET A 24 -2.65 -6.47 -1.99
CA MET A 24 -2.49 -5.54 -3.11
C MET A 24 -1.02 -5.24 -3.38
N MET A 25 -0.27 -5.10 -2.29
CA MET A 25 1.18 -4.83 -2.28
C MET A 25 1.89 -5.87 -3.10
N ARG A 26 1.67 -7.09 -2.67
CA ARG A 26 2.31 -8.26 -3.20
C ARG A 26 1.96 -8.51 -4.65
N GLN A 27 0.74 -8.13 -5.04
CA GLN A 27 0.28 -8.26 -6.41
C GLN A 27 1.15 -7.43 -7.32
N TYR A 28 1.18 -6.14 -7.05
CA TYR A 28 1.88 -5.20 -7.88
C TYR A 28 3.39 -5.49 -7.90
N LEU A 29 3.91 -5.75 -6.73
CA LEU A 29 5.35 -6.11 -6.53
C LEU A 29 5.74 -7.35 -7.34
N ALA A 30 4.82 -8.29 -7.47
CA ALA A 30 5.07 -9.53 -8.22
C ALA A 30 5.01 -9.28 -9.72
N GLY A 31 4.58 -8.11 -10.12
CA GLY A 31 4.46 -7.81 -11.49
C GLY A 31 3.08 -8.04 -11.99
N LYS A 32 2.11 -8.02 -11.08
CA LYS A 32 0.73 -8.17 -11.45
C LYS A 32 0.11 -6.79 -11.50
N THR A 33 -0.82 -6.62 -12.37
CA THR A 33 -1.48 -5.35 -12.52
C THR A 33 -2.79 -5.45 -11.79
N VAL A 34 -2.90 -4.73 -10.71
CA VAL A 34 -4.01 -4.84 -9.83
C VAL A 34 -5.07 -3.81 -10.22
N SER A 35 -6.17 -4.29 -10.72
CA SER A 35 -7.26 -3.44 -11.10
C SER A 35 -7.96 -2.94 -9.84
N GLY A 36 -7.93 -1.63 -9.65
CA GLY A 36 -8.61 -1.05 -8.51
C GLY A 36 -7.68 -0.66 -7.38
N ILE A 37 -6.38 -0.77 -7.61
CA ILE A 37 -5.42 -0.40 -6.59
C ILE A 37 -5.10 1.08 -6.72
N ASP A 38 -4.82 1.72 -5.61
CA ASP A 38 -4.35 3.08 -5.66
C ASP A 38 -2.86 2.96 -5.75
N LYS A 39 -2.33 3.08 -6.96
CA LYS A 39 -0.91 2.83 -7.21
C LYS A 39 0.00 3.78 -6.41
N ASN A 40 -0.54 4.93 -6.06
CA ASN A 40 0.19 5.97 -5.39
C ASN A 40 0.36 5.61 -3.92
N ALA A 41 -0.53 4.77 -3.40
CA ALA A 41 -0.55 4.45 -1.98
C ALA A 41 0.44 3.35 -1.65
N LEU A 42 1.09 2.82 -2.67
CA LEU A 42 2.08 1.76 -2.52
C LEU A 42 3.40 2.31 -2.11
N ASP A 43 3.68 3.55 -2.45
CA ASP A 43 4.95 4.14 -2.10
C ASP A 43 4.88 4.72 -0.70
N ILE A 44 4.92 3.80 0.22
CA ILE A 44 4.74 4.06 1.63
C ILE A 44 5.96 4.72 2.24
N ASN A 45 7.14 4.34 1.80
CA ASN A 45 8.36 4.93 2.35
C ASN A 45 8.62 6.31 1.74
N GLY A 46 7.86 6.62 0.69
CA GLY A 46 7.98 7.90 0.01
C GLY A 46 9.30 8.09 -0.71
N ASP A 47 9.63 7.20 -1.64
CA ASP A 47 10.86 7.35 -2.43
C ASP A 47 10.56 7.58 -3.91
N GLY A 48 9.33 7.32 -4.32
CA GLY A 48 8.95 7.53 -5.69
C GLY A 48 8.90 6.24 -6.51
N ALA A 49 9.20 5.13 -5.87
CA ALA A 49 9.17 3.85 -6.55
C ALA A 49 8.44 2.84 -5.68
N VAL A 50 7.86 1.85 -6.27
CA VAL A 50 7.19 0.84 -5.56
C VAL A 50 8.17 -0.30 -5.35
N ASN A 51 8.69 -0.41 -4.17
CA ASN A 51 9.73 -1.33 -3.87
C ASN A 51 9.47 -2.07 -2.57
N GLY A 52 10.33 -3.05 -2.26
CA GLY A 52 10.16 -3.87 -1.05
C GLY A 52 10.29 -3.08 0.24
N ARG A 53 10.83 -1.87 0.13
CA ARG A 53 10.95 -0.97 1.26
C ARG A 53 9.56 -0.58 1.72
N ASP A 54 8.66 -0.43 0.74
CA ASP A 54 7.29 -0.04 0.99
C ASP A 54 6.55 -1.18 1.57
N LEU A 55 6.87 -2.37 1.08
CA LEU A 55 6.32 -3.61 1.62
C LEU A 55 6.64 -3.73 3.09
N MET A 56 7.89 -3.47 3.44
CA MET A 56 8.32 -3.52 4.83
C MET A 56 7.63 -2.44 5.66
N GLU A 57 7.38 -1.30 5.04
CA GLU A 57 6.62 -0.22 5.68
C GLU A 57 5.19 -0.63 5.89
N LEU A 58 4.61 -1.32 4.94
CA LEU A 58 3.24 -1.78 5.04
C LEU A 58 3.12 -2.79 6.16
N ILE A 59 4.05 -3.72 6.21
CA ILE A 59 4.13 -4.72 7.28
C ILE A 59 4.25 -4.00 8.62
N LYS A 60 5.07 -2.95 8.67
CA LYS A 60 5.17 -2.08 9.84
C LYS A 60 3.79 -1.53 10.22
N LYS A 61 3.14 -0.87 9.26
CA LYS A 61 1.85 -0.22 9.45
C LYS A 61 0.81 -1.18 9.99
N VAL A 62 0.62 -2.24 9.29
CA VAL A 62 -0.41 -3.21 9.58
C VAL A 62 -0.07 -4.07 10.81
N SER A 63 1.19 -4.25 11.12
CA SER A 63 1.55 -5.02 12.29
C SER A 63 1.49 -4.17 13.55
N ASN A 64 1.57 -2.88 13.36
CA ASN A 64 1.45 -1.93 14.42
C ASN A 64 -0.03 -1.71 14.69
N ASN A 65 -0.80 -1.73 13.64
CA ASN A 65 -2.23 -1.62 13.70
C ASN A 65 -2.82 -3.03 13.89
N THR A 66 -4.11 -3.15 14.00
CA THR A 66 -4.73 -4.44 14.02
C THR A 66 -5.23 -4.73 12.60
N SER A 67 -5.11 -5.95 12.17
CA SER A 67 -5.53 -6.34 10.86
C SER A 67 -6.99 -6.77 10.87
N GLY A 1 -8.26 18.47 2.64
CA GLY A 1 -8.35 19.34 1.48
C GLY A 1 -7.24 19.08 0.52
N SER A 2 -7.33 18.00 -0.21
CA SER A 2 -6.38 17.61 -1.22
C SER A 2 -7.10 16.70 -2.20
N ALA A 3 -7.00 16.98 -3.47
CA ALA A 3 -7.65 16.18 -4.49
C ALA A 3 -6.83 14.94 -4.82
N SER A 4 -6.94 13.98 -3.94
CA SER A 4 -6.25 12.74 -4.04
C SER A 4 -6.91 11.79 -3.07
N ASN A 5 -6.93 10.53 -3.40
CA ASN A 5 -7.47 9.53 -2.50
C ASN A 5 -6.31 8.66 -2.02
N THR A 6 -5.10 9.09 -2.36
CA THR A 6 -3.92 8.37 -2.02
C THR A 6 -3.60 8.53 -0.54
N ILE A 7 -3.59 7.42 0.11
CA ILE A 7 -3.29 7.31 1.48
C ILE A 7 -2.26 6.20 1.63
N LEU A 8 -1.03 6.60 1.95
CA LEU A 8 0.09 5.68 2.02
C LEU A 8 -0.13 4.62 3.06
N GLY A 9 -0.27 3.41 2.60
CA GLY A 9 -0.53 2.31 3.48
C GLY A 9 -1.90 1.71 3.21
N ASP A 10 -2.72 2.46 2.53
CA ASP A 10 -4.03 1.99 2.17
C ASP A 10 -4.17 1.94 0.66
N LEU A 11 -3.79 0.81 0.16
CA LEU A 11 -3.66 0.52 -1.25
C LEU A 11 -5.00 0.22 -1.91
N ASN A 12 -5.86 -0.42 -1.17
CA ASN A 12 -7.16 -0.82 -1.70
C ASN A 12 -8.20 0.26 -1.44
N ASP A 13 -7.78 1.32 -0.74
CA ASP A 13 -8.63 2.48 -0.43
C ASP A 13 -9.85 2.08 0.41
N ASP A 14 -9.56 1.61 1.59
CA ASP A 14 -10.59 1.18 2.55
C ASP A 14 -10.55 2.08 3.79
N GLY A 15 -9.53 2.90 3.86
CA GLY A 15 -9.38 3.84 4.95
C GLY A 15 -8.45 3.39 6.06
N VAL A 16 -7.90 2.20 5.95
CA VAL A 16 -7.09 1.67 7.03
C VAL A 16 -6.00 0.67 6.55
N VAL A 17 -4.88 0.64 7.24
CA VAL A 17 -3.80 -0.28 6.95
C VAL A 17 -4.12 -1.71 7.50
N ASN A 18 -4.62 -2.58 6.63
CA ASN A 18 -4.91 -3.94 7.05
C ASN A 18 -4.23 -4.96 6.13
N GLY A 19 -4.64 -6.22 6.25
CA GLY A 19 -4.03 -7.32 5.52
C GLY A 19 -4.32 -7.32 4.04
N ARG A 20 -5.40 -6.66 3.64
CA ARG A 20 -5.78 -6.54 2.23
C ARG A 20 -4.74 -5.77 1.49
N ASP A 21 -4.19 -4.78 2.15
CA ASP A 21 -3.19 -3.92 1.60
C ASP A 21 -1.96 -4.71 1.28
N ILE A 22 -1.58 -5.60 2.20
CA ILE A 22 -0.48 -6.57 2.02
C ILE A 22 -0.64 -7.33 0.71
N VAL A 23 -1.86 -7.76 0.44
CA VAL A 23 -2.19 -8.52 -0.76
C VAL A 23 -1.94 -7.67 -1.99
N MET A 24 -2.55 -6.48 -2.01
CA MET A 24 -2.47 -5.52 -3.14
C MET A 24 -1.01 -5.15 -3.44
N MET A 25 -0.26 -4.97 -2.36
CA MET A 25 1.18 -4.65 -2.37
C MET A 25 1.91 -5.68 -3.18
N ARG A 26 1.73 -6.93 -2.79
CA ARG A 26 2.39 -8.08 -3.37
C ARG A 26 1.96 -8.33 -4.80
N GLN A 27 0.73 -7.99 -5.12
CA GLN A 27 0.20 -8.12 -6.48
C GLN A 27 1.02 -7.28 -7.43
N TYR A 28 1.12 -6.01 -7.13
CA TYR A 28 1.82 -5.08 -7.98
C TYR A 28 3.31 -5.38 -7.98
N LEU A 29 3.84 -5.66 -6.82
CA LEU A 29 5.26 -6.05 -6.67
C LEU A 29 5.63 -7.25 -7.54
N ALA A 30 4.72 -8.21 -7.62
CA ALA A 30 4.91 -9.40 -8.45
C ALA A 30 4.84 -9.06 -9.94
N GLY A 31 4.25 -7.93 -10.24
CA GLY A 31 4.12 -7.49 -11.59
C GLY A 31 2.77 -7.80 -12.16
N LYS A 32 1.79 -7.88 -11.29
CA LYS A 32 0.42 -8.12 -11.71
C LYS A 32 -0.30 -6.80 -11.84
N THR A 33 -1.34 -6.77 -12.59
CA THR A 33 -2.14 -5.58 -12.71
C THR A 33 -3.21 -5.67 -11.66
N VAL A 34 -3.13 -4.81 -10.67
CA VAL A 34 -4.07 -4.89 -9.60
C VAL A 34 -5.21 -4.00 -9.95
N SER A 35 -6.31 -4.58 -10.27
CA SER A 35 -7.46 -3.85 -10.67
C SER A 35 -8.15 -3.20 -9.46
N GLY A 36 -8.19 -1.88 -9.45
CA GLY A 36 -8.85 -1.15 -8.40
C GLY A 36 -7.92 -0.77 -7.25
N ILE A 37 -6.63 -0.66 -7.54
CA ILE A 37 -5.65 -0.33 -6.53
C ILE A 37 -5.35 1.17 -6.64
N ASP A 38 -4.95 1.78 -5.56
CA ASP A 38 -4.42 3.12 -5.66
C ASP A 38 -2.96 2.93 -5.76
N LYS A 39 -2.45 2.96 -6.97
CA LYS A 39 -1.06 2.61 -7.27
C LYS A 39 -0.05 3.58 -6.63
N ASN A 40 -0.53 4.71 -6.19
CA ASN A 40 0.29 5.72 -5.58
C ASN A 40 0.48 5.42 -4.10
N ALA A 41 -0.49 4.71 -3.51
CA ALA A 41 -0.52 4.45 -2.06
C ALA A 41 0.45 3.36 -1.66
N LEU A 42 1.09 2.79 -2.66
CA LEU A 42 2.06 1.74 -2.49
C LEU A 42 3.40 2.29 -2.11
N ASP A 43 3.64 3.55 -2.43
CA ASP A 43 4.91 4.17 -2.11
C ASP A 43 4.84 4.76 -0.70
N ILE A 44 4.86 3.86 0.24
CA ILE A 44 4.67 4.13 1.64
C ILE A 44 5.90 4.78 2.25
N ASN A 45 7.06 4.39 1.79
CA ASN A 45 8.30 4.95 2.34
C ASN A 45 8.59 6.31 1.70
N GLY A 46 7.83 6.64 0.63
CA GLY A 46 7.99 7.91 -0.06
C GLY A 46 9.30 8.06 -0.82
N ASP A 47 9.56 7.16 -1.75
CA ASP A 47 10.80 7.24 -2.55
C ASP A 47 10.53 7.50 -4.03
N GLY A 48 9.27 7.35 -4.43
CA GLY A 48 8.92 7.56 -5.82
C GLY A 48 8.73 6.28 -6.60
N ALA A 49 9.02 5.16 -5.98
CA ALA A 49 8.89 3.86 -6.61
C ALA A 49 8.21 2.87 -5.66
N VAL A 50 7.72 1.79 -6.18
CA VAL A 50 7.13 0.79 -5.37
C VAL A 50 8.14 -0.36 -5.23
N ASN A 51 8.66 -0.54 -4.04
CA ASN A 51 9.62 -1.57 -3.77
C ASN A 51 9.28 -2.30 -2.49
N GLY A 52 10.09 -3.29 -2.16
CA GLY A 52 9.88 -4.11 -0.97
C GLY A 52 10.07 -3.35 0.31
N ARG A 53 10.69 -2.19 0.22
CA ARG A 53 10.89 -1.34 1.38
C ARG A 53 9.55 -0.80 1.82
N ASP A 54 8.68 -0.58 0.83
CA ASP A 54 7.33 -0.09 1.06
C ASP A 54 6.51 -1.20 1.62
N LEU A 55 6.76 -2.41 1.13
CA LEU A 55 6.12 -3.63 1.65
C LEU A 55 6.41 -3.79 3.12
N MET A 56 7.66 -3.58 3.48
CA MET A 56 8.08 -3.69 4.86
C MET A 56 7.54 -2.53 5.71
N GLU A 57 7.26 -1.40 5.06
CA GLU A 57 6.60 -0.26 5.70
C GLU A 57 5.15 -0.59 5.95
N LEU A 58 4.53 -1.25 4.99
CA LEU A 58 3.15 -1.67 5.09
C LEU A 58 2.99 -2.67 6.21
N ILE A 59 3.89 -3.63 6.27
CA ILE A 59 3.93 -4.61 7.34
C ILE A 59 4.12 -3.90 8.68
N LYS A 60 4.98 -2.89 8.70
CA LYS A 60 5.20 -1.99 9.85
C LYS A 60 3.87 -1.36 10.32
N LYS A 61 3.11 -0.85 9.35
CA LYS A 61 1.83 -0.21 9.61
C LYS A 61 0.81 -1.19 10.18
N VAL A 62 0.63 -2.30 9.50
CA VAL A 62 -0.35 -3.31 9.86
C VAL A 62 0.07 -4.10 11.11
N SER A 63 1.36 -4.18 11.38
CA SER A 63 1.86 -4.85 12.58
C SER A 63 1.58 -3.96 13.80
N ASN A 64 1.56 -2.66 13.54
CA ASN A 64 1.30 -1.66 14.54
C ASN A 64 -0.18 -1.61 14.86
N ASN A 65 -0.95 -1.62 13.81
CA ASN A 65 -2.39 -1.51 13.86
C ASN A 65 -3.01 -2.90 14.05
N THR A 66 -4.30 -2.97 14.16
CA THR A 66 -5.01 -4.21 14.20
C THR A 66 -5.19 -4.67 12.75
N SER A 67 -5.07 -5.95 12.50
CA SER A 67 -5.24 -6.46 11.18
C SER A 67 -6.74 -6.70 10.91
N GLY A 1 -9.84 13.92 1.12
CA GLY A 1 -10.57 13.08 0.16
C GLY A 1 -10.89 13.84 -1.09
N SER A 2 -11.73 13.25 -1.96
CA SER A 2 -12.21 13.84 -3.23
C SER A 2 -11.10 13.97 -4.30
N ALA A 3 -11.32 13.31 -5.44
CA ALA A 3 -10.41 13.26 -6.60
C ALA A 3 -9.14 12.46 -6.28
N SER A 4 -8.24 13.06 -5.55
CA SER A 4 -7.07 12.38 -5.11
C SER A 4 -7.38 11.81 -3.75
N ASN A 5 -7.21 10.54 -3.61
CA ASN A 5 -7.51 9.86 -2.37
C ASN A 5 -6.35 8.97 -1.98
N THR A 6 -5.16 9.34 -2.41
CA THR A 6 -3.97 8.57 -2.16
C THR A 6 -3.54 8.66 -0.69
N ILE A 7 -3.60 7.56 -0.04
CA ILE A 7 -3.24 7.43 1.32
C ILE A 7 -2.18 6.34 1.45
N LEU A 8 -0.94 6.76 1.68
CA LEU A 8 0.21 5.87 1.75
C LEU A 8 0.03 4.82 2.85
N GLY A 9 -0.10 3.58 2.43
CA GLY A 9 -0.32 2.51 3.35
C GLY A 9 -1.69 1.87 3.13
N ASP A 10 -2.55 2.57 2.45
CA ASP A 10 -3.87 2.09 2.18
C ASP A 10 -4.11 2.02 0.68
N LEU A 11 -3.72 0.90 0.15
CA LEU A 11 -3.65 0.60 -1.27
C LEU A 11 -5.00 0.28 -1.86
N ASN A 12 -5.83 -0.37 -1.06
CA ASN A 12 -7.18 -0.76 -1.52
C ASN A 12 -8.17 0.33 -1.21
N ASP A 13 -7.69 1.38 -0.55
CA ASP A 13 -8.47 2.55 -0.18
C ASP A 13 -9.69 2.20 0.67
N ASP A 14 -9.43 1.68 1.83
CA ASP A 14 -10.48 1.35 2.75
C ASP A 14 -10.31 2.06 4.08
N GLY A 15 -9.35 2.99 4.12
CA GLY A 15 -9.19 3.89 5.24
C GLY A 15 -8.40 3.33 6.37
N VAL A 16 -7.78 2.20 6.16
CA VAL A 16 -7.07 1.54 7.23
C VAL A 16 -5.97 0.66 6.67
N VAL A 17 -4.84 0.68 7.34
CA VAL A 17 -3.74 -0.18 7.02
C VAL A 17 -4.05 -1.61 7.51
N ASN A 18 -4.49 -2.41 6.58
CA ASN A 18 -4.90 -3.75 6.87
C ASN A 18 -4.20 -4.78 6.02
N GLY A 19 -4.50 -6.04 6.28
CA GLY A 19 -3.88 -7.16 5.59
C GLY A 19 -4.24 -7.21 4.13
N ARG A 20 -5.32 -6.54 3.77
CA ARG A 20 -5.78 -6.44 2.38
C ARG A 20 -4.74 -5.70 1.56
N ASP A 21 -4.14 -4.68 2.18
CA ASP A 21 -3.14 -3.83 1.55
C ASP A 21 -1.93 -4.64 1.21
N ILE A 22 -1.53 -5.50 2.14
CA ILE A 22 -0.44 -6.47 1.96
C ILE A 22 -0.62 -7.26 0.67
N VAL A 23 -1.84 -7.68 0.44
CA VAL A 23 -2.19 -8.45 -0.74
C VAL A 23 -1.96 -7.61 -1.97
N MET A 24 -2.55 -6.42 -1.97
CA MET A 24 -2.49 -5.46 -3.10
C MET A 24 -1.02 -5.13 -3.43
N MET A 25 -0.25 -4.92 -2.36
CA MET A 25 1.19 -4.65 -2.38
C MET A 25 1.89 -5.74 -3.17
N ARG A 26 1.69 -6.96 -2.69
CA ARG A 26 2.28 -8.15 -3.25
C ARG A 26 1.84 -8.42 -4.69
N GLN A 27 0.63 -8.02 -5.04
CA GLN A 27 0.12 -8.20 -6.40
C GLN A 27 0.95 -7.39 -7.37
N TYR A 28 1.06 -6.11 -7.09
CA TYR A 28 1.77 -5.20 -7.96
C TYR A 28 3.26 -5.52 -7.95
N LEU A 29 3.76 -5.81 -6.77
CA LEU A 29 5.19 -6.24 -6.60
C LEU A 29 5.50 -7.50 -7.41
N ALA A 30 4.51 -8.37 -7.56
CA ALA A 30 4.64 -9.59 -8.36
C ALA A 30 4.52 -9.29 -9.85
N GLY A 31 4.11 -8.09 -10.17
CA GLY A 31 3.99 -7.70 -11.54
C GLY A 31 2.59 -7.91 -12.08
N LYS A 32 1.62 -8.02 -11.20
CA LYS A 32 0.23 -8.21 -11.60
C LYS A 32 -0.44 -6.85 -11.75
N THR A 33 -1.49 -6.82 -12.51
CA THR A 33 -2.28 -5.63 -12.67
C THR A 33 -3.41 -5.72 -11.66
N VAL A 34 -3.39 -4.85 -10.67
CA VAL A 34 -4.35 -4.94 -9.61
C VAL A 34 -5.51 -4.01 -9.93
N SER A 35 -6.68 -4.55 -10.09
CA SER A 35 -7.85 -3.77 -10.38
C SER A 35 -8.37 -3.05 -9.13
N GLY A 36 -8.37 -1.73 -9.18
CA GLY A 36 -8.89 -0.96 -8.09
C GLY A 36 -7.85 -0.68 -7.03
N ILE A 37 -6.60 -0.60 -7.42
CA ILE A 37 -5.56 -0.29 -6.49
C ILE A 37 -5.18 1.17 -6.65
N ASP A 38 -4.86 1.83 -5.57
CA ASP A 38 -4.36 3.16 -5.72
C ASP A 38 -2.89 3.02 -5.86
N LYS A 39 -2.42 2.98 -7.10
CA LYS A 39 -1.03 2.73 -7.43
C LYS A 39 -0.05 3.71 -6.76
N ASN A 40 -0.54 4.86 -6.41
CA ASN A 40 0.25 5.89 -5.80
C ASN A 40 0.44 5.60 -4.31
N ALA A 41 -0.47 4.81 -3.71
CA ALA A 41 -0.48 4.57 -2.25
C ALA A 41 0.49 3.46 -1.87
N LEU A 42 1.12 2.87 -2.85
CA LEU A 42 2.06 1.78 -2.65
C LEU A 42 3.38 2.27 -2.18
N ASP A 43 3.74 3.48 -2.54
CA ASP A 43 5.03 4.01 -2.14
C ASP A 43 4.91 4.66 -0.78
N ILE A 44 4.90 3.80 0.19
CA ILE A 44 4.66 4.10 1.58
C ILE A 44 5.83 4.80 2.24
N ASN A 45 7.05 4.46 1.84
CA ASN A 45 8.21 5.10 2.43
C ASN A 45 8.49 6.44 1.72
N GLY A 46 7.73 6.69 0.65
CA GLY A 46 7.84 7.92 -0.11
C GLY A 46 9.20 8.10 -0.76
N ASP A 47 9.60 7.17 -1.59
CA ASP A 47 10.89 7.28 -2.27
C ASP A 47 10.71 7.55 -3.75
N GLY A 48 9.51 7.32 -4.24
CA GLY A 48 9.23 7.51 -5.64
C GLY A 48 9.16 6.22 -6.44
N ALA A 49 9.26 5.08 -5.77
CA ALA A 49 9.19 3.78 -6.44
C ALA A 49 8.54 2.74 -5.55
N VAL A 50 7.85 1.81 -6.15
CA VAL A 50 7.18 0.76 -5.45
C VAL A 50 8.14 -0.40 -5.28
N ASN A 51 8.64 -0.53 -4.09
CA ASN A 51 9.64 -1.51 -3.75
C ASN A 51 9.36 -2.22 -2.44
N GLY A 52 10.23 -3.18 -2.10
CA GLY A 52 10.08 -3.98 -0.88
C GLY A 52 10.21 -3.16 0.38
N ARG A 53 10.84 -1.99 0.27
CA ARG A 53 10.94 -1.04 1.37
C ARG A 53 9.54 -0.64 1.82
N ASP A 54 8.67 -0.43 0.83
CA ASP A 54 7.28 -0.01 1.06
C ASP A 54 6.51 -1.12 1.67
N LEU A 55 6.79 -2.32 1.20
CA LEU A 55 6.18 -3.54 1.73
C LEU A 55 6.50 -3.68 3.19
N MET A 56 7.74 -3.45 3.52
CA MET A 56 8.19 -3.52 4.90
C MET A 56 7.57 -2.41 5.75
N GLU A 57 7.34 -1.25 5.14
CA GLU A 57 6.65 -0.15 5.79
C GLU A 57 5.20 -0.52 6.02
N LEU A 58 4.62 -1.21 5.07
CA LEU A 58 3.26 -1.67 5.15
C LEU A 58 3.10 -2.70 6.25
N ILE A 59 4.06 -3.62 6.32
CA ILE A 59 4.10 -4.63 7.39
C ILE A 59 4.20 -3.92 8.73
N LYS A 60 5.04 -2.92 8.79
CA LYS A 60 5.19 -2.01 9.94
C LYS A 60 3.84 -1.40 10.35
N LYS A 61 3.07 -0.98 9.37
CA LYS A 61 1.77 -0.36 9.59
C LYS A 61 0.76 -1.38 10.13
N VAL A 62 0.67 -2.51 9.49
CA VAL A 62 -0.31 -3.55 9.80
C VAL A 62 0.14 -4.47 10.96
N SER A 63 1.38 -4.43 11.29
CA SER A 63 1.82 -5.10 12.50
C SER A 63 1.41 -4.26 13.70
N ASN A 64 1.42 -2.95 13.49
CA ASN A 64 1.01 -1.98 14.47
C ASN A 64 -0.50 -2.03 14.63
N ASN A 65 -1.20 -1.77 13.55
CA ASN A 65 -2.65 -1.90 13.51
C ASN A 65 -2.91 -3.24 12.88
N THR A 66 -3.27 -4.17 13.68
CA THR A 66 -3.31 -5.51 13.22
C THR A 66 -4.70 -5.93 12.72
N SER A 67 -4.70 -6.66 11.63
CA SER A 67 -5.91 -7.17 11.08
C SER A 67 -6.15 -8.56 11.64
N GLY A 1 -10.83 6.75 -1.64
CA GLY A 1 -11.26 6.53 -0.27
C GLY A 1 -12.00 7.72 0.29
N SER A 2 -12.69 7.51 1.39
CA SER A 2 -13.48 8.53 2.04
C SER A 2 -12.57 9.57 2.72
N ALA A 3 -12.57 10.80 2.19
CA ALA A 3 -11.78 11.95 2.72
C ALA A 3 -10.30 11.60 2.94
N SER A 4 -9.58 11.42 1.87
CA SER A 4 -8.17 11.09 1.90
C SER A 4 -7.51 11.52 0.59
N ASN A 5 -6.27 12.00 0.67
CA ASN A 5 -5.51 12.33 -0.53
C ASN A 5 -4.89 11.05 -1.05
N THR A 6 -3.70 10.78 -0.62
CA THR A 6 -3.08 9.54 -0.87
C THR A 6 -2.62 9.02 0.48
N ILE A 7 -3.17 7.95 0.90
CA ILE A 7 -2.82 7.42 2.18
C ILE A 7 -1.86 6.27 2.03
N LEU A 8 -0.61 6.58 2.28
CA LEU A 8 0.48 5.66 2.17
C LEU A 8 0.34 4.53 3.16
N GLY A 9 0.10 3.36 2.65
CA GLY A 9 -0.12 2.22 3.48
C GLY A 9 -1.51 1.66 3.25
N ASP A 10 -2.34 2.44 2.63
CA ASP A 10 -3.69 2.00 2.35
C ASP A 10 -3.90 1.95 0.85
N LEU A 11 -3.53 0.82 0.31
CA LEU A 11 -3.44 0.53 -1.10
C LEU A 11 -4.78 0.25 -1.72
N ASN A 12 -5.67 -0.34 -0.97
CA ASN A 12 -7.02 -0.64 -1.48
C ASN A 12 -7.98 0.50 -1.15
N ASP A 13 -7.40 1.53 -0.56
CA ASP A 13 -8.07 2.78 -0.15
C ASP A 13 -9.37 2.59 0.61
N ASP A 14 -9.26 1.86 1.71
CA ASP A 14 -10.42 1.57 2.54
C ASP A 14 -10.31 2.31 3.88
N GLY A 15 -9.23 3.07 4.03
CA GLY A 15 -9.06 3.96 5.15
C GLY A 15 -8.29 3.38 6.31
N VAL A 16 -7.68 2.23 6.14
CA VAL A 16 -6.97 1.60 7.22
C VAL A 16 -5.90 0.64 6.70
N VAL A 17 -4.72 0.65 7.34
CA VAL A 17 -3.67 -0.27 7.03
C VAL A 17 -4.02 -1.69 7.52
N ASN A 18 -4.50 -2.48 6.61
CA ASN A 18 -4.97 -3.80 6.88
C ASN A 18 -4.30 -4.87 6.03
N GLY A 19 -4.68 -6.13 6.29
CA GLY A 19 -4.09 -7.28 5.60
C GLY A 19 -4.38 -7.27 4.11
N ARG A 20 -5.48 -6.61 3.75
CA ARG A 20 -5.91 -6.43 2.38
C ARG A 20 -4.84 -5.67 1.59
N ASP A 21 -4.18 -4.71 2.25
CA ASP A 21 -3.14 -3.89 1.63
C ASP A 21 -1.96 -4.73 1.28
N ILE A 22 -1.62 -5.63 2.21
CA ILE A 22 -0.54 -6.63 2.02
C ILE A 22 -0.72 -7.35 0.70
N VAL A 23 -1.93 -7.78 0.46
CA VAL A 23 -2.27 -8.51 -0.75
C VAL A 23 -1.97 -7.64 -1.96
N MET A 24 -2.55 -6.42 -1.97
CA MET A 24 -2.45 -5.45 -3.08
C MET A 24 -0.98 -5.13 -3.39
N MET A 25 -0.21 -4.96 -2.32
CA MET A 25 1.23 -4.67 -2.34
C MET A 25 1.95 -5.73 -3.14
N ARG A 26 1.75 -6.95 -2.68
CA ARG A 26 2.42 -8.11 -3.19
C ARG A 26 1.98 -8.45 -4.62
N GLN A 27 0.80 -8.00 -5.00
CA GLN A 27 0.30 -8.19 -6.36
C GLN A 27 1.12 -7.37 -7.32
N TYR A 28 1.17 -6.05 -7.08
CA TYR A 28 1.88 -5.13 -7.95
C TYR A 28 3.37 -5.46 -7.97
N LEU A 29 3.88 -5.78 -6.81
CA LEU A 29 5.29 -6.21 -6.66
C LEU A 29 5.62 -7.42 -7.53
N ALA A 30 4.65 -8.34 -7.65
CA ALA A 30 4.79 -9.54 -8.46
C ALA A 30 4.57 -9.25 -9.94
N GLY A 31 4.02 -8.09 -10.22
CA GLY A 31 3.78 -7.71 -11.57
C GLY A 31 2.35 -7.94 -12.01
N LYS A 32 1.45 -8.09 -11.07
CA LYS A 32 0.05 -8.34 -11.39
C LYS A 32 -0.70 -7.03 -11.45
N THR A 33 -1.73 -7.00 -12.23
CA THR A 33 -2.61 -5.87 -12.31
C THR A 33 -3.58 -6.00 -11.14
N VAL A 34 -3.69 -4.99 -10.33
CA VAL A 34 -4.48 -5.08 -9.16
C VAL A 34 -5.72 -4.22 -9.34
N SER A 35 -6.86 -4.86 -9.39
CA SER A 35 -8.11 -4.17 -9.58
C SER A 35 -8.53 -3.46 -8.28
N GLY A 36 -8.70 -2.16 -8.37
CA GLY A 36 -9.16 -1.39 -7.23
C GLY A 36 -8.03 -0.98 -6.33
N ILE A 37 -6.87 -0.70 -6.91
CA ILE A 37 -5.74 -0.31 -6.13
C ILE A 37 -5.45 1.18 -6.34
N ASP A 38 -5.00 1.82 -5.30
CA ASP A 38 -4.51 3.16 -5.41
C ASP A 38 -3.05 3.00 -5.63
N LYS A 39 -2.63 3.04 -6.87
CA LYS A 39 -1.26 2.76 -7.27
C LYS A 39 -0.23 3.72 -6.61
N ASN A 40 -0.72 4.86 -6.15
CA ASN A 40 0.10 5.89 -5.57
C ASN A 40 0.36 5.61 -4.09
N ALA A 41 -0.52 4.80 -3.48
CA ALA A 41 -0.45 4.54 -2.03
C ALA A 41 0.51 3.42 -1.71
N LEU A 42 1.12 2.88 -2.75
CA LEU A 42 2.06 1.79 -2.63
C LEU A 42 3.42 2.26 -2.22
N ASP A 43 3.75 3.50 -2.53
CA ASP A 43 5.04 4.03 -2.15
C ASP A 43 4.95 4.60 -0.74
N ILE A 44 4.98 3.68 0.18
CA ILE A 44 4.75 3.92 1.57
C ILE A 44 5.94 4.61 2.24
N ASN A 45 7.15 4.25 1.85
CA ASN A 45 8.31 4.88 2.45
C ASN A 45 8.59 6.24 1.81
N GLY A 46 7.91 6.50 0.70
CA GLY A 46 8.09 7.75 -0.01
C GLY A 46 9.44 7.88 -0.69
N ASP A 47 9.75 6.97 -1.61
CA ASP A 47 11.01 7.04 -2.38
C ASP A 47 10.72 7.31 -3.84
N GLY A 48 9.46 7.24 -4.20
CA GLY A 48 9.04 7.50 -5.53
C GLY A 48 8.71 6.26 -6.32
N ALA A 49 9.06 5.10 -5.80
CA ALA A 49 8.84 3.85 -6.50
C ALA A 49 8.23 2.80 -5.59
N VAL A 50 7.67 1.78 -6.17
CA VAL A 50 7.05 0.73 -5.46
C VAL A 50 8.03 -0.44 -5.36
N ASN A 51 8.57 -0.60 -4.20
CA ASN A 51 9.59 -1.57 -3.91
C ASN A 51 9.32 -2.31 -2.61
N GLY A 52 10.23 -3.21 -2.24
CA GLY A 52 10.07 -4.01 -1.02
C GLY A 52 10.21 -3.20 0.24
N ARG A 53 10.79 -2.01 0.12
CA ARG A 53 10.89 -1.04 1.22
C ARG A 53 9.49 -0.70 1.69
N ASP A 54 8.61 -0.52 0.72
CA ASP A 54 7.23 -0.15 0.96
C ASP A 54 6.50 -1.28 1.59
N LEU A 55 6.82 -2.48 1.14
CA LEU A 55 6.25 -3.71 1.71
C LEU A 55 6.63 -3.83 3.17
N MET A 56 7.88 -3.54 3.47
CA MET A 56 8.39 -3.59 4.84
C MET A 56 7.71 -2.52 5.70
N GLU A 57 7.47 -1.35 5.10
CA GLU A 57 6.74 -0.27 5.76
C GLU A 57 5.32 -0.68 6.00
N LEU A 58 4.72 -1.34 5.04
CA LEU A 58 3.35 -1.80 5.13
C LEU A 58 3.21 -2.78 6.27
N ILE A 59 4.14 -3.69 6.35
CA ILE A 59 4.21 -4.66 7.45
C ILE A 59 4.29 -3.91 8.79
N LYS A 60 5.13 -2.88 8.85
CA LYS A 60 5.24 -1.98 10.02
C LYS A 60 3.87 -1.40 10.40
N LYS A 61 3.18 -0.83 9.41
CA LYS A 61 1.90 -0.17 9.59
C LYS A 61 0.84 -1.15 10.06
N VAL A 62 0.68 -2.20 9.30
CA VAL A 62 -0.36 -3.16 9.53
C VAL A 62 -0.12 -4.00 10.78
N SER A 63 1.13 -4.26 11.11
CA SER A 63 1.42 -5.02 12.33
C SER A 63 1.06 -4.17 13.57
N ASN A 64 1.28 -2.87 13.46
CA ASN A 64 0.98 -1.91 14.50
C ASN A 64 -0.54 -1.79 14.71
N ASN A 65 -1.27 -1.73 13.60
CA ASN A 65 -2.73 -1.64 13.61
C ASN A 65 -3.36 -2.99 13.98
N THR A 66 -2.71 -4.06 13.53
CA THR A 66 -3.09 -5.44 13.73
C THR A 66 -4.30 -5.84 12.85
N SER A 67 -4.00 -6.53 11.79
CA SER A 67 -4.99 -6.99 10.87
C SER A 67 -4.50 -8.32 10.31
N GLY A 1 -0.27 12.47 -5.93
CA GLY A 1 -0.35 13.73 -5.22
C GLY A 1 -1.45 13.69 -4.19
N SER A 2 -1.76 14.82 -3.61
CA SER A 2 -2.78 14.92 -2.61
C SER A 2 -4.13 15.28 -3.23
N ALA A 3 -4.11 15.55 -4.53
CA ALA A 3 -5.30 15.88 -5.29
C ALA A 3 -6.23 14.66 -5.36
N SER A 4 -5.65 13.50 -5.30
CA SER A 4 -6.39 12.28 -5.30
C SER A 4 -6.41 11.77 -3.85
N ASN A 5 -7.22 10.78 -3.56
CA ASN A 5 -7.28 10.24 -2.22
C ASN A 5 -6.28 9.11 -2.10
N THR A 6 -5.08 9.51 -2.01
CA THR A 6 -3.98 8.63 -1.82
C THR A 6 -3.55 8.63 -0.36
N ILE A 7 -3.64 7.49 0.25
CA ILE A 7 -3.26 7.29 1.63
C ILE A 7 -2.21 6.19 1.70
N LEU A 8 -0.98 6.57 2.02
CA LEU A 8 0.15 5.65 2.03
C LEU A 8 -0.06 4.55 3.04
N GLY A 9 -0.20 3.36 2.53
CA GLY A 9 -0.44 2.24 3.36
C GLY A 9 -1.79 1.61 3.07
N ASP A 10 -2.68 2.39 2.50
CA ASP A 10 -3.99 1.88 2.18
C ASP A 10 -4.16 1.84 0.67
N LEU A 11 -3.77 0.71 0.16
CA LEU A 11 -3.67 0.43 -1.26
C LEU A 11 -5.02 0.12 -1.87
N ASN A 12 -5.86 -0.57 -1.13
CA ASN A 12 -7.16 -0.98 -1.63
C ASN A 12 -8.23 0.07 -1.39
N ASP A 13 -7.85 1.11 -0.64
CA ASP A 13 -8.74 2.23 -0.31
C ASP A 13 -9.89 1.78 0.58
N ASP A 14 -9.55 1.34 1.74
CA ASP A 14 -10.54 0.95 2.72
C ASP A 14 -10.39 1.78 3.98
N GLY A 15 -9.40 2.67 3.97
CA GLY A 15 -9.21 3.61 5.04
C GLY A 15 -8.26 3.14 6.12
N VAL A 16 -7.72 1.98 5.99
CA VAL A 16 -6.87 1.46 7.04
C VAL A 16 -5.79 0.51 6.50
N VAL A 17 -4.62 0.58 7.12
CA VAL A 17 -3.55 -0.35 6.85
C VAL A 17 -3.92 -1.74 7.41
N ASN A 18 -4.43 -2.57 6.54
CA ASN A 18 -4.89 -3.89 6.91
C ASN A 18 -4.23 -4.95 6.06
N GLY A 19 -4.55 -6.21 6.34
CA GLY A 19 -3.96 -7.34 5.62
C GLY A 19 -4.28 -7.35 4.13
N ARG A 20 -5.36 -6.68 3.77
CA ARG A 20 -5.78 -6.56 2.38
C ARG A 20 -4.76 -5.81 1.56
N ASP A 21 -4.12 -4.84 2.19
CA ASP A 21 -3.12 -4.01 1.53
C ASP A 21 -1.92 -4.82 1.20
N ILE A 22 -1.56 -5.71 2.11
CA ILE A 22 -0.47 -6.69 1.93
C ILE A 22 -0.66 -7.46 0.61
N VAL A 23 -1.89 -7.88 0.37
CA VAL A 23 -2.26 -8.62 -0.83
C VAL A 23 -1.99 -7.76 -2.06
N MET A 24 -2.55 -6.55 -2.03
CA MET A 24 -2.45 -5.58 -3.14
C MET A 24 -0.99 -5.25 -3.45
N MET A 25 -0.22 -5.08 -2.37
CA MET A 25 1.21 -4.81 -2.39
C MET A 25 1.89 -5.90 -3.18
N ARG A 26 1.69 -7.12 -2.73
CA ARG A 26 2.28 -8.32 -3.28
C ARG A 26 1.86 -8.56 -4.74
N GLN A 27 0.63 -8.17 -5.10
CA GLN A 27 0.15 -8.29 -6.46
C GLN A 27 0.98 -7.45 -7.40
N TYR A 28 1.02 -6.16 -7.11
CA TYR A 28 1.68 -5.20 -7.96
C TYR A 28 3.19 -5.45 -8.01
N LEU A 29 3.76 -5.71 -6.85
CA LEU A 29 5.18 -6.08 -6.70
C LEU A 29 5.57 -7.29 -7.55
N ALA A 30 4.64 -8.22 -7.71
CA ALA A 30 4.87 -9.43 -8.51
C ALA A 30 4.77 -9.12 -10.00
N GLY A 31 4.23 -7.97 -10.32
CA GLY A 31 4.12 -7.56 -11.68
C GLY A 31 2.71 -7.65 -12.20
N LYS A 32 1.74 -7.86 -11.31
CA LYS A 32 0.35 -7.95 -11.73
C LYS A 32 -0.25 -6.57 -11.72
N THR A 33 -1.19 -6.36 -12.58
CA THR A 33 -1.90 -5.13 -12.60
C THR A 33 -3.13 -5.32 -11.72
N VAL A 34 -3.14 -4.65 -10.61
CA VAL A 34 -4.19 -4.82 -9.65
C VAL A 34 -5.29 -3.84 -9.98
N SER A 35 -6.48 -4.33 -10.22
CA SER A 35 -7.59 -3.49 -10.49
C SER A 35 -8.08 -2.85 -9.19
N GLY A 36 -8.21 -1.53 -9.21
CA GLY A 36 -8.73 -0.85 -8.06
C GLY A 36 -7.69 -0.61 -7.01
N ILE A 37 -6.47 -0.39 -7.42
CA ILE A 37 -5.44 -0.11 -6.48
C ILE A 37 -5.06 1.35 -6.58
N ASP A 38 -4.76 1.95 -5.48
CA ASP A 38 -4.26 3.30 -5.54
C ASP A 38 -2.78 3.18 -5.68
N LYS A 39 -2.30 3.28 -6.91
CA LYS A 39 -0.90 3.05 -7.26
C LYS A 39 0.06 3.91 -6.42
N ASN A 40 -0.40 5.08 -6.05
CA ASN A 40 0.40 6.02 -5.35
C ASN A 40 0.49 5.67 -3.88
N ALA A 41 -0.44 4.84 -3.39
CA ALA A 41 -0.51 4.51 -1.98
C ALA A 41 0.43 3.36 -1.65
N LEU A 42 1.01 2.78 -2.70
CA LEU A 42 1.96 1.68 -2.55
C LEU A 42 3.29 2.17 -2.13
N ASP A 43 3.61 3.40 -2.45
CA ASP A 43 4.89 3.96 -2.09
C ASP A 43 4.80 4.57 -0.73
N ILE A 44 4.80 3.69 0.22
CA ILE A 44 4.58 3.95 1.61
C ILE A 44 5.78 4.63 2.26
N ASN A 45 6.98 4.29 1.81
CA ASN A 45 8.17 4.90 2.38
C ASN A 45 8.44 6.25 1.72
N GLY A 46 7.71 6.52 0.63
CA GLY A 46 7.83 7.76 -0.09
C GLY A 46 9.16 7.93 -0.81
N ASP A 47 9.49 7.02 -1.70
CA ASP A 47 10.75 7.13 -2.48
C ASP A 47 10.47 7.33 -3.96
N GLY A 48 9.24 7.15 -4.36
CA GLY A 48 8.87 7.34 -5.73
C GLY A 48 8.77 6.05 -6.51
N ALA A 49 9.10 4.94 -5.89
CA ALA A 49 9.06 3.64 -6.54
C ALA A 49 8.31 2.65 -5.67
N VAL A 50 7.69 1.69 -6.29
CA VAL A 50 6.99 0.67 -5.61
C VAL A 50 7.94 -0.52 -5.43
N ASN A 51 8.47 -0.64 -4.24
CA ASN A 51 9.51 -1.60 -3.93
C ASN A 51 9.25 -2.32 -2.61
N GLY A 52 10.15 -3.26 -2.26
CA GLY A 52 10.00 -4.06 -1.04
C GLY A 52 10.16 -3.23 0.22
N ARG A 53 10.75 -2.05 0.08
CA ARG A 53 10.89 -1.09 1.16
C ARG A 53 9.51 -0.68 1.65
N ASP A 54 8.60 -0.50 0.69
CA ASP A 54 7.23 -0.11 0.97
C ASP A 54 6.50 -1.24 1.61
N LEU A 55 6.79 -2.43 1.15
CA LEU A 55 6.24 -3.65 1.71
C LEU A 55 6.62 -3.77 3.19
N MET A 56 7.88 -3.50 3.48
CA MET A 56 8.38 -3.52 4.85
C MET A 56 7.77 -2.40 5.70
N GLU A 57 7.40 -1.32 5.05
CA GLU A 57 6.70 -0.24 5.70
C GLU A 57 5.29 -0.64 6.02
N LEU A 58 4.65 -1.27 5.05
CA LEU A 58 3.28 -1.73 5.16
C LEU A 58 3.13 -2.71 6.31
N ILE A 59 4.05 -3.65 6.38
CA ILE A 59 4.10 -4.63 7.47
C ILE A 59 4.21 -3.89 8.81
N LYS A 60 5.02 -2.84 8.86
CA LYS A 60 5.14 -1.98 10.06
C LYS A 60 3.79 -1.35 10.44
N LYS A 61 3.09 -0.85 9.43
CA LYS A 61 1.80 -0.16 9.62
C LYS A 61 0.72 -1.14 10.09
N VAL A 62 0.62 -2.25 9.40
CA VAL A 62 -0.37 -3.26 9.68
C VAL A 62 -0.07 -4.03 10.98
N SER A 63 1.22 -4.18 11.30
CA SER A 63 1.60 -4.85 12.53
C SER A 63 1.41 -3.88 13.71
N ASN A 64 1.23 -2.62 13.39
CA ASN A 64 0.97 -1.60 14.36
C ASN A 64 -0.51 -1.58 14.66
N ASN A 65 -1.32 -1.53 13.61
CA ASN A 65 -2.77 -1.48 13.75
C ASN A 65 -3.38 -2.88 13.89
N THR A 66 -3.78 -3.49 12.80
CA THR A 66 -4.46 -4.78 12.78
C THR A 66 -4.40 -5.32 11.35
N SER A 67 -4.30 -6.62 11.21
CA SER A 67 -4.28 -7.24 9.91
C SER A 67 -5.72 -7.51 9.47
N GLY A 1 -2.52 22.63 -2.02
CA GLY A 1 -2.43 21.19 -1.83
C GLY A 1 -2.47 20.49 -3.15
N SER A 2 -2.34 19.19 -3.13
CA SER A 2 -2.43 18.39 -4.32
C SER A 2 -3.85 17.88 -4.47
N ALA A 3 -4.37 17.88 -5.67
CA ALA A 3 -5.72 17.40 -5.92
C ALA A 3 -5.73 15.88 -6.02
N SER A 4 -5.40 15.25 -4.92
CA SER A 4 -5.33 13.82 -4.75
C SER A 4 -5.38 13.55 -3.25
N ASN A 5 -6.05 12.52 -2.84
CA ASN A 5 -6.12 12.14 -1.46
C ASN A 5 -5.65 10.72 -1.37
N THR A 6 -4.38 10.59 -1.33
CA THR A 6 -3.71 9.33 -1.30
C THR A 6 -3.27 8.99 0.12
N ILE A 7 -3.41 7.75 0.48
CA ILE A 7 -3.07 7.29 1.79
C ILE A 7 -2.01 6.16 1.70
N LEU A 8 -0.77 6.52 1.95
CA LEU A 8 0.34 5.61 1.89
C LEU A 8 0.18 4.50 2.92
N GLY A 9 0.01 3.31 2.45
CA GLY A 9 -0.20 2.20 3.32
C GLY A 9 -1.56 1.58 3.11
N ASP A 10 -2.49 2.34 2.59
CA ASP A 10 -3.80 1.83 2.34
C ASP A 10 -4.05 1.73 0.84
N LEU A 11 -3.65 0.61 0.32
CA LEU A 11 -3.63 0.30 -1.08
C LEU A 11 -5.00 -0.04 -1.62
N ASN A 12 -5.78 -0.74 -0.83
CA ASN A 12 -7.12 -1.15 -1.28
C ASN A 12 -8.12 -0.05 -1.00
N ASP A 13 -7.65 0.99 -0.33
CA ASP A 13 -8.42 2.21 -0.04
C ASP A 13 -9.67 1.91 0.79
N ASP A 14 -9.43 1.43 1.97
CA ASP A 14 -10.49 1.08 2.89
C ASP A 14 -10.40 1.90 4.17
N GLY A 15 -9.37 2.75 4.23
CA GLY A 15 -9.18 3.66 5.34
C GLY A 15 -8.29 3.16 6.44
N VAL A 16 -7.75 1.98 6.26
CA VAL A 16 -6.98 1.34 7.31
C VAL A 16 -5.83 0.52 6.73
N VAL A 17 -4.68 0.61 7.33
CA VAL A 17 -3.55 -0.19 6.93
C VAL A 17 -3.72 -1.62 7.49
N ASN A 18 -4.24 -2.47 6.65
CA ASN A 18 -4.61 -3.81 7.02
C ASN A 18 -3.97 -4.88 6.15
N GLY A 19 -4.21 -6.14 6.49
CA GLY A 19 -3.61 -7.29 5.77
C GLY A 19 -4.00 -7.35 4.30
N ARG A 20 -5.12 -6.73 3.97
CA ARG A 20 -5.61 -6.69 2.59
C ARG A 20 -4.67 -5.89 1.71
N ASP A 21 -4.03 -4.91 2.31
CA ASP A 21 -3.09 -4.05 1.61
C ASP A 21 -1.87 -4.82 1.19
N ILE A 22 -1.45 -5.73 2.06
CA ILE A 22 -0.33 -6.66 1.81
C ILE A 22 -0.57 -7.43 0.51
N VAL A 23 -1.79 -7.89 0.34
CA VAL A 23 -2.21 -8.63 -0.85
C VAL A 23 -2.01 -7.78 -2.09
N MET A 24 -2.51 -6.55 -2.02
CA MET A 24 -2.46 -5.58 -3.13
C MET A 24 -1.00 -5.23 -3.46
N MET A 25 -0.20 -5.06 -2.39
CA MET A 25 1.24 -4.77 -2.43
C MET A 25 1.93 -5.81 -3.29
N ARG A 26 1.72 -7.06 -2.89
CA ARG A 26 2.30 -8.23 -3.52
C ARG A 26 1.89 -8.40 -4.97
N GLN A 27 0.69 -7.96 -5.33
CA GLN A 27 0.20 -8.06 -6.69
C GLN A 27 1.01 -7.19 -7.62
N TYR A 28 1.10 -5.91 -7.28
CA TYR A 28 1.82 -4.96 -8.10
C TYR A 28 3.29 -5.30 -8.14
N LEU A 29 3.81 -5.67 -6.99
CA LEU A 29 5.22 -6.13 -6.83
C LEU A 29 5.52 -7.34 -7.73
N ALA A 30 4.51 -8.14 -7.99
CA ALA A 30 4.63 -9.31 -8.86
C ALA A 30 4.44 -8.94 -10.34
N GLY A 31 4.14 -7.70 -10.59
CA GLY A 31 3.95 -7.21 -11.91
C GLY A 31 2.54 -7.34 -12.41
N LYS A 32 1.60 -7.55 -11.50
CA LYS A 32 0.20 -7.66 -11.90
C LYS A 32 -0.41 -6.27 -11.91
N THR A 33 -1.39 -6.09 -12.74
CA THR A 33 -2.12 -4.86 -12.78
C THR A 33 -3.30 -5.03 -11.85
N VAL A 34 -3.23 -4.38 -10.72
CA VAL A 34 -4.23 -4.55 -9.70
C VAL A 34 -5.41 -3.63 -9.98
N SER A 35 -6.52 -4.22 -10.30
CA SER A 35 -7.73 -3.49 -10.58
C SER A 35 -8.34 -3.01 -9.24
N GLY A 36 -8.43 -1.71 -9.06
CA GLY A 36 -9.02 -1.18 -7.85
C GLY A 36 -8.00 -0.90 -6.77
N ILE A 37 -6.78 -0.64 -7.17
CA ILE A 37 -5.73 -0.33 -6.23
C ILE A 37 -5.42 1.15 -6.33
N ASP A 38 -5.01 1.73 -5.26
CA ASP A 38 -4.53 3.09 -5.32
C ASP A 38 -3.06 2.97 -5.54
N LYS A 39 -2.62 3.14 -6.78
CA LYS A 39 -1.24 2.86 -7.16
C LYS A 39 -0.22 3.74 -6.42
N ASN A 40 -0.66 4.90 -6.00
CA ASN A 40 0.22 5.84 -5.36
C ASN A 40 0.33 5.55 -3.89
N ALA A 41 -0.54 4.69 -3.40
CA ALA A 41 -0.56 4.35 -1.97
C ALA A 41 0.47 3.27 -1.66
N LEU A 42 1.13 2.78 -2.71
CA LEU A 42 2.09 1.70 -2.61
C LEU A 42 3.45 2.21 -2.21
N ASP A 43 3.78 3.42 -2.56
CA ASP A 43 5.08 3.94 -2.21
C ASP A 43 5.03 4.56 -0.83
N ILE A 44 5.02 3.66 0.12
CA ILE A 44 4.81 3.93 1.53
C ILE A 44 6.02 4.58 2.16
N ASN A 45 7.19 4.22 1.70
CA ASN A 45 8.40 4.82 2.24
C ASN A 45 8.71 6.14 1.54
N GLY A 46 8.00 6.39 0.44
CA GLY A 46 8.19 7.61 -0.33
C GLY A 46 9.56 7.71 -1.00
N ASP A 47 9.89 6.74 -1.85
CA ASP A 47 11.19 6.78 -2.56
C ASP A 47 11.00 6.96 -4.05
N GLY A 48 9.77 6.82 -4.51
CA GLY A 48 9.46 6.99 -5.89
C GLY A 48 9.29 5.69 -6.64
N ALA A 49 9.50 4.58 -5.98
CA ALA A 49 9.38 3.28 -6.60
C ALA A 49 8.64 2.33 -5.70
N VAL A 50 7.97 1.38 -6.25
CA VAL A 50 7.26 0.41 -5.49
C VAL A 50 8.19 -0.78 -5.30
N ASN A 51 8.69 -0.91 -4.11
CA ASN A 51 9.67 -1.89 -3.78
C ASN A 51 9.37 -2.58 -2.48
N GLY A 52 10.23 -3.54 -2.10
CA GLY A 52 10.04 -4.29 -0.88
C GLY A 52 10.16 -3.45 0.37
N ARG A 53 10.80 -2.28 0.22
CA ARG A 53 10.93 -1.32 1.31
C ARG A 53 9.54 -0.88 1.76
N ASP A 54 8.63 -0.73 0.78
CA ASP A 54 7.28 -0.30 1.02
C ASP A 54 6.51 -1.39 1.67
N LEU A 55 6.79 -2.61 1.23
CA LEU A 55 6.20 -3.81 1.82
C LEU A 55 6.57 -3.88 3.31
N MET A 56 7.84 -3.60 3.61
CA MET A 56 8.34 -3.56 5.00
C MET A 56 7.63 -2.48 5.80
N GLU A 57 7.42 -1.33 5.16
CA GLU A 57 6.69 -0.22 5.77
C GLU A 57 5.26 -0.60 6.01
N LEU A 58 4.69 -1.30 5.06
CA LEU A 58 3.33 -1.79 5.16
C LEU A 58 3.20 -2.74 6.33
N ILE A 59 4.13 -3.67 6.45
CA ILE A 59 4.20 -4.61 7.59
C ILE A 59 4.24 -3.82 8.90
N LYS A 60 5.07 -2.79 8.94
CA LYS A 60 5.17 -1.83 10.07
C LYS A 60 3.79 -1.23 10.42
N LYS A 61 3.11 -0.74 9.39
CA LYS A 61 1.80 -0.10 9.52
C LYS A 61 0.75 -1.08 10.03
N VAL A 62 0.61 -2.16 9.33
CA VAL A 62 -0.37 -3.19 9.59
C VAL A 62 -0.13 -3.91 10.93
N SER A 63 1.14 -3.99 11.33
CA SER A 63 1.50 -4.60 12.60
C SER A 63 1.04 -3.71 13.76
N ASN A 64 1.06 -2.42 13.54
CA ASN A 64 0.69 -1.46 14.56
C ASN A 64 -0.81 -1.33 14.64
N ASN A 65 -1.43 -1.22 13.50
CA ASN A 65 -2.85 -0.96 13.37
C ASN A 65 -3.64 -2.28 13.22
N THR A 66 -4.88 -2.20 12.79
CA THR A 66 -5.74 -3.35 12.64
C THR A 66 -5.39 -4.12 11.35
N SER A 67 -4.79 -5.28 11.52
CA SER A 67 -4.39 -6.13 10.43
C SER A 67 -5.63 -6.77 9.81
N GLY A 1 -16.11 8.94 -1.65
CA GLY A 1 -15.50 8.76 -0.35
C GLY A 1 -14.02 9.02 -0.44
N SER A 2 -13.32 8.84 0.67
CA SER A 2 -11.89 9.04 0.80
C SER A 2 -11.51 10.51 0.62
N ALA A 3 -11.44 11.24 1.74
CA ALA A 3 -11.01 12.63 1.72
C ALA A 3 -9.56 12.67 1.27
N SER A 4 -8.80 11.75 1.78
CA SER A 4 -7.47 11.55 1.34
C SER A 4 -7.56 10.48 0.26
N ASN A 5 -7.40 10.89 -0.99
CA ASN A 5 -7.47 9.99 -2.15
C ASN A 5 -6.40 8.95 -2.05
N THR A 6 -5.21 9.41 -1.91
CA THR A 6 -4.10 8.60 -1.79
C THR A 6 -3.60 8.63 -0.34
N ILE A 7 -3.67 7.51 0.26
CA ILE A 7 -3.29 7.32 1.63
C ILE A 7 -2.25 6.21 1.71
N LEU A 8 -1.01 6.59 1.96
CA LEU A 8 0.12 5.68 2.00
C LEU A 8 -0.09 4.63 3.08
N GLY A 9 -0.27 3.41 2.64
CA GLY A 9 -0.53 2.33 3.54
C GLY A 9 -1.88 1.70 3.24
N ASP A 10 -2.75 2.44 2.60
CA ASP A 10 -4.05 1.93 2.26
C ASP A 10 -4.20 1.83 0.76
N LEU A 11 -3.78 0.72 0.27
CA LEU A 11 -3.67 0.38 -1.12
C LEU A 11 -5.01 0.00 -1.72
N ASN A 12 -5.83 -0.68 -0.95
CA ASN A 12 -7.14 -1.15 -1.45
C ASN A 12 -8.20 -0.10 -1.25
N ASP A 13 -7.83 1.01 -0.60
CA ASP A 13 -8.70 2.16 -0.36
C ASP A 13 -9.89 1.78 0.52
N ASP A 14 -9.58 1.40 1.73
CA ASP A 14 -10.59 1.06 2.70
C ASP A 14 -10.47 1.91 3.95
N GLY A 15 -9.46 2.76 3.97
CA GLY A 15 -9.28 3.71 5.03
C GLY A 15 -8.38 3.24 6.15
N VAL A 16 -7.89 2.04 6.07
CA VAL A 16 -7.11 1.48 7.15
C VAL A 16 -6.01 0.54 6.64
N VAL A 17 -4.88 0.55 7.30
CA VAL A 17 -3.78 -0.34 7.00
C VAL A 17 -4.09 -1.77 7.50
N ASN A 18 -4.54 -2.59 6.58
CA ASN A 18 -4.93 -3.95 6.89
C ASN A 18 -4.23 -4.97 6.02
N GLY A 19 -4.47 -6.24 6.32
CA GLY A 19 -3.85 -7.36 5.59
C GLY A 19 -4.21 -7.40 4.12
N ARG A 20 -5.34 -6.78 3.78
CA ARG A 20 -5.79 -6.68 2.39
C ARG A 20 -4.82 -5.86 1.56
N ASP A 21 -4.19 -4.87 2.20
CA ASP A 21 -3.24 -4.00 1.54
C ASP A 21 -2.02 -4.77 1.18
N ILE A 22 -1.60 -5.66 2.09
CA ILE A 22 -0.49 -6.60 1.87
C ILE A 22 -0.66 -7.35 0.57
N VAL A 23 -1.87 -7.80 0.32
CA VAL A 23 -2.19 -8.55 -0.88
C VAL A 23 -1.95 -7.68 -2.10
N MET A 24 -2.53 -6.47 -2.07
CA MET A 24 -2.46 -5.50 -3.18
C MET A 24 -1.01 -5.13 -3.48
N MET A 25 -0.24 -4.96 -2.40
CA MET A 25 1.20 -4.67 -2.40
C MET A 25 1.91 -5.73 -3.21
N ARG A 26 1.70 -6.96 -2.77
CA ARG A 26 2.29 -8.14 -3.33
C ARG A 26 1.89 -8.35 -4.79
N GLN A 27 0.65 -8.03 -5.14
CA GLN A 27 0.15 -8.17 -6.51
C GLN A 27 0.99 -7.36 -7.46
N TYR A 28 1.07 -6.06 -7.17
CA TYR A 28 1.78 -5.13 -8.03
C TYR A 28 3.26 -5.45 -8.05
N LEU A 29 3.79 -5.76 -6.89
CA LEU A 29 5.20 -6.20 -6.73
C LEU A 29 5.51 -7.42 -7.61
N ALA A 30 4.56 -8.34 -7.67
CA ALA A 30 4.70 -9.56 -8.50
C ALA A 30 4.62 -9.23 -9.98
N GLY A 31 3.97 -8.13 -10.30
CA GLY A 31 3.84 -7.69 -11.64
C GLY A 31 2.42 -7.75 -12.15
N LYS A 32 1.47 -7.87 -11.25
CA LYS A 32 0.08 -7.96 -11.61
C LYS A 32 -0.53 -6.58 -11.70
N THR A 33 -1.53 -6.46 -12.52
CA THR A 33 -2.27 -5.26 -12.69
C THR A 33 -3.45 -5.34 -11.73
N VAL A 34 -3.42 -4.55 -10.70
CA VAL A 34 -4.40 -4.65 -9.65
C VAL A 34 -5.51 -3.65 -9.92
N SER A 35 -6.67 -4.15 -10.24
CA SER A 35 -7.82 -3.32 -10.48
C SER A 35 -8.40 -2.83 -9.14
N GLY A 36 -8.39 -1.53 -8.94
CA GLY A 36 -8.94 -0.97 -7.74
C GLY A 36 -7.89 -0.73 -6.69
N ILE A 37 -6.70 -0.41 -7.12
CA ILE A 37 -5.63 -0.14 -6.22
C ILE A 37 -5.29 1.34 -6.32
N ASP A 38 -4.83 1.93 -5.27
CA ASP A 38 -4.27 3.25 -5.39
C ASP A 38 -2.83 3.02 -5.58
N LYS A 39 -2.37 3.12 -6.80
CA LYS A 39 -1.00 2.77 -7.16
C LYS A 39 0.05 3.68 -6.49
N ASN A 40 -0.39 4.80 -5.96
CA ASN A 40 0.49 5.76 -5.35
C ASN A 40 0.64 5.42 -3.88
N ALA A 41 -0.35 4.71 -3.34
CA ALA A 41 -0.41 4.40 -1.91
C ALA A 41 0.51 3.28 -1.56
N LEU A 42 1.08 2.68 -2.59
CA LEU A 42 2.04 1.61 -2.46
C LEU A 42 3.37 2.14 -2.05
N ASP A 43 3.68 3.36 -2.43
CA ASP A 43 4.96 3.97 -2.08
C ASP A 43 4.86 4.63 -0.72
N ILE A 44 4.88 3.77 0.25
CA ILE A 44 4.67 4.10 1.64
C ILE A 44 5.89 4.80 2.24
N ASN A 45 7.07 4.40 1.82
CA ASN A 45 8.29 5.01 2.37
C ASN A 45 8.57 6.34 1.68
N GLY A 46 7.85 6.59 0.58
CA GLY A 46 8.01 7.82 -0.16
C GLY A 46 9.34 7.93 -0.91
N ASP A 47 9.63 7.00 -1.80
CA ASP A 47 10.87 7.08 -2.59
C ASP A 47 10.56 7.29 -4.07
N GLY A 48 9.30 7.15 -4.42
CA GLY A 48 8.90 7.37 -5.79
C GLY A 48 8.66 6.08 -6.55
N ALA A 49 9.05 4.97 -5.97
CA ALA A 49 8.91 3.67 -6.61
C ALA A 49 8.25 2.67 -5.67
N VAL A 50 7.64 1.67 -6.23
CA VAL A 50 6.98 0.65 -5.50
C VAL A 50 7.96 -0.49 -5.31
N ASN A 51 8.45 -0.61 -4.12
CA ASN A 51 9.47 -1.57 -3.79
C ASN A 51 9.21 -2.29 -2.48
N GLY A 52 10.09 -3.23 -2.15
CA GLY A 52 9.95 -4.04 -0.94
C GLY A 52 10.13 -3.24 0.33
N ARG A 53 10.69 -2.05 0.19
CA ARG A 53 10.86 -1.11 1.29
C ARG A 53 9.49 -0.69 1.77
N ASP A 54 8.62 -0.45 0.80
CA ASP A 54 7.24 -0.04 1.05
C ASP A 54 6.50 -1.18 1.65
N LEU A 55 6.80 -2.36 1.18
CA LEU A 55 6.24 -3.60 1.71
C LEU A 55 6.56 -3.75 3.19
N MET A 56 7.82 -3.48 3.54
CA MET A 56 8.27 -3.52 4.93
C MET A 56 7.58 -2.45 5.75
N GLU A 57 7.35 -1.29 5.13
CA GLU A 57 6.61 -0.20 5.74
C GLU A 57 5.16 -0.59 5.96
N LEU A 58 4.58 -1.28 5.00
CA LEU A 58 3.22 -1.73 5.09
C LEU A 58 3.07 -2.71 6.24
N ILE A 59 4.01 -3.64 6.33
CA ILE A 59 4.08 -4.60 7.45
C ILE A 59 4.17 -3.82 8.77
N LYS A 60 5.02 -2.80 8.79
CA LYS A 60 5.17 -1.85 9.91
C LYS A 60 3.81 -1.20 10.29
N LYS A 61 3.06 -0.78 9.28
CA LYS A 61 1.77 -0.15 9.49
C LYS A 61 0.76 -1.14 10.05
N VAL A 62 0.59 -2.23 9.35
CA VAL A 62 -0.40 -3.24 9.68
C VAL A 62 -0.05 -4.01 10.97
N SER A 63 1.22 -4.18 11.26
CA SER A 63 1.62 -4.87 12.47
C SER A 63 1.35 -3.98 13.68
N ASN A 64 1.49 -2.67 13.48
CA ASN A 64 1.24 -1.70 14.51
C ASN A 64 -0.26 -1.59 14.75
N ASN A 65 -1.03 -1.57 13.66
CA ASN A 65 -2.50 -1.55 13.71
C ASN A 65 -3.02 -2.88 14.26
N THR A 66 -2.25 -3.94 13.99
CA THR A 66 -2.45 -5.31 14.47
C THR A 66 -3.52 -6.11 13.68
N SER A 67 -4.50 -5.42 13.13
CA SER A 67 -5.49 -6.05 12.29
C SER A 67 -5.03 -6.00 10.83
N GLY A 1 -4.09 19.26 -0.43
CA GLY A 1 -5.54 19.33 -0.30
C GLY A 1 -6.24 18.35 -1.20
N SER A 2 -7.35 18.81 -1.80
CA SER A 2 -8.27 18.02 -2.60
C SER A 2 -7.62 17.31 -3.82
N ALA A 3 -6.51 17.85 -4.33
CA ALA A 3 -5.85 17.26 -5.50
C ALA A 3 -4.99 16.06 -5.14
N SER A 4 -4.86 15.79 -3.86
CA SER A 4 -4.11 14.68 -3.40
C SER A 4 -4.99 13.80 -2.53
N ASN A 5 -5.54 12.77 -3.10
CA ASN A 5 -6.37 11.87 -2.34
C ASN A 5 -5.69 10.50 -2.32
N THR A 6 -4.54 10.47 -1.73
CA THR A 6 -3.77 9.27 -1.58
C THR A 6 -3.40 9.05 -0.11
N ILE A 7 -3.65 7.86 0.40
CA ILE A 7 -3.27 7.49 1.73
C ILE A 7 -2.25 6.34 1.70
N LEU A 8 -0.98 6.68 1.92
CA LEU A 8 0.11 5.73 1.90
C LEU A 8 -0.09 4.65 2.94
N GLY A 9 -0.17 3.43 2.48
CA GLY A 9 -0.41 2.33 3.37
C GLY A 9 -1.77 1.73 3.13
N ASP A 10 -2.63 2.47 2.48
CA ASP A 10 -3.94 1.98 2.17
C ASP A 10 -4.12 1.89 0.66
N LEU A 11 -3.67 0.76 0.17
CA LEU A 11 -3.58 0.42 -1.22
C LEU A 11 -4.92 0.02 -1.80
N ASN A 12 -5.73 -0.67 -1.01
CA ASN A 12 -7.03 -1.12 -1.49
C ASN A 12 -8.08 -0.04 -1.30
N ASP A 13 -7.63 1.06 -0.71
CA ASP A 13 -8.40 2.28 -0.54
C ASP A 13 -9.67 2.01 0.26
N ASP A 14 -9.47 1.60 1.48
CA ASP A 14 -10.57 1.32 2.39
C ASP A 14 -10.48 2.14 3.66
N GLY A 15 -9.47 3.00 3.71
CA GLY A 15 -9.32 3.95 4.79
C GLY A 15 -8.49 3.48 5.95
N VAL A 16 -7.92 2.31 5.87
CA VAL A 16 -7.18 1.76 6.99
C VAL A 16 -6.08 0.80 6.51
N VAL A 17 -4.94 0.80 7.21
CA VAL A 17 -3.85 -0.10 6.94
C VAL A 17 -4.19 -1.51 7.44
N ASN A 18 -4.58 -2.34 6.52
CA ASN A 18 -4.97 -3.70 6.82
C ASN A 18 -4.20 -4.71 6.02
N GLY A 19 -4.46 -5.99 6.29
CA GLY A 19 -3.77 -7.08 5.62
C GLY A 19 -4.12 -7.16 4.16
N ARG A 20 -5.27 -6.59 3.82
CA ARG A 20 -5.77 -6.52 2.46
C ARG A 20 -4.82 -5.71 1.59
N ASP A 21 -4.15 -4.74 2.20
CA ASP A 21 -3.22 -3.87 1.51
C ASP A 21 -1.99 -4.63 1.12
N ILE A 22 -1.54 -5.50 2.03
CA ILE A 22 -0.39 -6.41 1.80
C ILE A 22 -0.61 -7.21 0.53
N VAL A 23 -1.82 -7.70 0.36
CA VAL A 23 -2.20 -8.48 -0.81
C VAL A 23 -1.95 -7.66 -2.06
N MET A 24 -2.51 -6.45 -2.08
CA MET A 24 -2.44 -5.50 -3.21
C MET A 24 -0.97 -5.16 -3.52
N MET A 25 -0.22 -4.94 -2.44
CA MET A 25 1.23 -4.63 -2.47
C MET A 25 1.95 -5.68 -3.27
N ARG A 26 1.76 -6.92 -2.84
CA ARG A 26 2.42 -8.06 -3.40
C ARG A 26 2.00 -8.35 -4.83
N GLN A 27 0.76 -8.02 -5.17
CA GLN A 27 0.27 -8.20 -6.53
C GLN A 27 1.08 -7.38 -7.49
N TYR A 28 1.17 -6.08 -7.20
CA TYR A 28 1.88 -5.16 -8.05
C TYR A 28 3.36 -5.49 -8.08
N LEU A 29 3.88 -5.82 -6.93
CA LEU A 29 5.29 -6.26 -6.78
C LEU A 29 5.59 -7.49 -7.67
N ALA A 30 4.63 -8.41 -7.76
CA ALA A 30 4.76 -9.60 -8.58
C ALA A 30 4.65 -9.26 -10.07
N GLY A 31 4.01 -8.15 -10.36
CA GLY A 31 3.86 -7.72 -11.72
C GLY A 31 2.46 -7.93 -12.23
N LYS A 32 1.52 -8.00 -11.32
CA LYS A 32 0.13 -8.19 -11.69
C LYS A 32 -0.55 -6.84 -11.74
N THR A 33 -1.62 -6.76 -12.48
CA THR A 33 -2.40 -5.57 -12.51
C THR A 33 -3.40 -5.69 -11.38
N VAL A 34 -3.30 -4.83 -10.44
CA VAL A 34 -4.13 -4.93 -9.28
C VAL A 34 -5.39 -4.13 -9.50
N SER A 35 -6.49 -4.79 -9.50
CA SER A 35 -7.76 -4.19 -9.73
C SER A 35 -8.24 -3.39 -8.53
N GLY A 36 -8.45 -2.10 -8.75
CA GLY A 36 -8.95 -1.22 -7.70
C GLY A 36 -7.88 -0.85 -6.70
N ILE A 37 -6.66 -0.72 -7.16
CA ILE A 37 -5.59 -0.36 -6.30
C ILE A 37 -5.31 1.12 -6.45
N ASP A 38 -4.93 1.76 -5.40
CA ASP A 38 -4.46 3.10 -5.52
C ASP A 38 -2.98 2.97 -5.68
N LYS A 39 -2.51 3.06 -6.91
CA LYS A 39 -1.12 2.80 -7.26
C LYS A 39 -0.14 3.77 -6.56
N ASN A 40 -0.66 4.86 -6.06
CA ASN A 40 0.13 5.88 -5.44
C ASN A 40 0.37 5.52 -3.99
N ALA A 41 -0.54 4.73 -3.42
CA ALA A 41 -0.53 4.42 -2.01
C ALA A 41 0.46 3.32 -1.68
N LEU A 42 1.04 2.75 -2.72
CA LEU A 42 2.03 1.67 -2.58
C LEU A 42 3.33 2.20 -2.13
N ASP A 43 3.64 3.41 -2.50
CA ASP A 43 4.91 3.99 -2.16
C ASP A 43 4.84 4.61 -0.77
N ILE A 44 4.88 3.74 0.19
CA ILE A 44 4.71 4.05 1.59
C ILE A 44 5.95 4.72 2.18
N ASN A 45 7.14 4.32 1.72
CA ASN A 45 8.37 4.94 2.23
C ASN A 45 8.59 6.30 1.55
N GLY A 46 7.80 6.55 0.50
CA GLY A 46 7.88 7.80 -0.22
C GLY A 46 9.17 8.02 -0.99
N ASP A 47 9.50 7.13 -1.91
CA ASP A 47 10.71 7.32 -2.74
C ASP A 47 10.32 7.50 -4.21
N GLY A 48 9.09 7.09 -4.53
CA GLY A 48 8.57 7.21 -5.88
C GLY A 48 8.56 5.90 -6.64
N ALA A 49 9.21 4.89 -6.13
CA ALA A 49 9.20 3.58 -6.75
C ALA A 49 8.55 2.59 -5.82
N VAL A 50 7.96 1.56 -6.36
CA VAL A 50 7.29 0.57 -5.59
C VAL A 50 8.26 -0.57 -5.33
N ASN A 51 8.69 -0.66 -4.12
CA ASN A 51 9.72 -1.57 -3.73
C ASN A 51 9.39 -2.30 -2.44
N GLY A 52 10.23 -3.28 -2.09
CA GLY A 52 10.02 -4.09 -0.89
C GLY A 52 10.15 -3.29 0.39
N ARG A 53 10.75 -2.12 0.28
CA ARG A 53 10.85 -1.19 1.40
C ARG A 53 9.46 -0.74 1.80
N ASP A 54 8.60 -0.53 0.80
CA ASP A 54 7.22 -0.12 1.02
C ASP A 54 6.47 -1.25 1.65
N LEU A 55 6.75 -2.45 1.16
CA LEU A 55 6.16 -3.68 1.69
C LEU A 55 6.48 -3.82 3.16
N MET A 56 7.73 -3.58 3.50
CA MET A 56 8.16 -3.64 4.89
C MET A 56 7.54 -2.54 5.73
N GLU A 57 7.31 -1.39 5.11
CA GLU A 57 6.62 -0.29 5.76
C GLU A 57 5.16 -0.65 6.00
N LEU A 58 4.57 -1.31 5.03
CA LEU A 58 3.18 -1.75 5.11
C LEU A 58 3.00 -2.78 6.22
N ILE A 59 3.92 -3.72 6.28
CA ILE A 59 3.98 -4.73 7.33
C ILE A 59 4.10 -4.05 8.69
N LYS A 60 4.89 -2.99 8.73
CA LYS A 60 5.08 -2.13 9.90
C LYS A 60 3.76 -1.44 10.31
N LYS A 61 3.02 -0.98 9.31
CA LYS A 61 1.74 -0.30 9.53
C LYS A 61 0.73 -1.26 10.17
N VAL A 62 0.60 -2.42 9.56
CA VAL A 62 -0.32 -3.45 10.04
C VAL A 62 0.23 -4.17 11.27
N SER A 63 1.51 -4.02 11.50
CA SER A 63 2.12 -4.54 12.70
C SER A 63 1.64 -3.73 13.90
N ASN A 64 1.40 -2.45 13.67
CA ASN A 64 0.92 -1.57 14.68
C ASN A 64 -0.60 -1.68 14.77
N ASN A 65 -1.26 -1.53 13.65
CA ASN A 65 -2.71 -1.69 13.55
C ASN A 65 -2.98 -2.90 12.69
N THR A 66 -3.42 -3.97 13.28
CA THR A 66 -3.60 -5.16 12.51
C THR A 66 -5.06 -5.41 12.18
N SER A 67 -5.30 -5.77 10.95
CA SER A 67 -6.59 -6.14 10.49
C SER A 67 -6.45 -7.13 9.32
N GLY A 1 0.05 18.71 2.70
CA GLY A 1 -0.80 17.54 2.51
C GLY A 1 -0.78 17.11 1.08
N SER A 2 -1.48 16.05 0.76
CA SER A 2 -1.46 15.53 -0.59
C SER A 2 -2.44 16.25 -1.50
N ALA A 3 -3.58 16.71 -0.93
CA ALA A 3 -4.70 17.35 -1.68
C ALA A 3 -5.27 16.35 -2.70
N SER A 4 -5.19 15.10 -2.32
CA SER A 4 -5.59 14.00 -3.12
C SER A 4 -5.89 12.86 -2.14
N ASN A 5 -6.82 11.99 -2.48
CA ASN A 5 -7.16 10.86 -1.62
C ASN A 5 -6.18 9.74 -1.87
N THR A 6 -4.99 9.96 -1.45
CA THR A 6 -3.97 9.00 -1.50
C THR A 6 -3.41 8.83 -0.10
N ILE A 7 -3.59 7.68 0.44
CA ILE A 7 -3.13 7.36 1.76
C ILE A 7 -2.07 6.27 1.71
N LEU A 8 -0.84 6.66 1.96
CA LEU A 8 0.29 5.77 1.94
C LEU A 8 0.14 4.73 3.02
N GLY A 9 -0.04 3.52 2.59
CA GLY A 9 -0.27 2.45 3.50
C GLY A 9 -1.60 1.80 3.22
N ASP A 10 -2.51 2.53 2.60
CA ASP A 10 -3.76 1.95 2.30
C ASP A 10 -3.92 1.82 0.81
N LEU A 11 -3.55 0.68 0.34
CA LEU A 11 -3.43 0.38 -1.05
C LEU A 11 -4.76 0.09 -1.71
N ASN A 12 -5.67 -0.46 -0.95
CA ASN A 12 -6.98 -0.80 -1.47
C ASN A 12 -7.98 0.33 -1.23
N ASP A 13 -7.51 1.35 -0.51
CA ASP A 13 -8.30 2.55 -0.16
C ASP A 13 -9.57 2.19 0.58
N ASP A 14 -9.37 1.61 1.71
CA ASP A 14 -10.46 1.24 2.60
C ASP A 14 -10.40 2.12 3.86
N GLY A 15 -9.26 2.77 4.06
CA GLY A 15 -9.10 3.70 5.16
C GLY A 15 -8.44 3.12 6.39
N VAL A 16 -7.90 1.94 6.29
CA VAL A 16 -7.28 1.27 7.42
C VAL A 16 -6.24 0.23 6.93
N VAL A 17 -5.02 0.35 7.43
CA VAL A 17 -3.93 -0.52 7.05
C VAL A 17 -4.15 -1.98 7.57
N ASN A 18 -4.66 -2.85 6.71
CA ASN A 18 -4.91 -4.23 7.10
C ASN A 18 -4.24 -5.19 6.13
N GLY A 19 -4.60 -6.45 6.23
CA GLY A 19 -3.98 -7.49 5.43
C GLY A 19 -4.27 -7.40 3.95
N ARG A 20 -5.37 -6.76 3.59
CA ARG A 20 -5.76 -6.58 2.19
C ARG A 20 -4.76 -5.73 1.47
N ASP A 21 -4.17 -4.81 2.19
CA ASP A 21 -3.17 -3.90 1.66
C ASP A 21 -1.94 -4.68 1.28
N ILE A 22 -1.56 -5.59 2.18
CA ILE A 22 -0.44 -6.55 1.97
C ILE A 22 -0.60 -7.29 0.65
N VAL A 23 -1.83 -7.72 0.39
CA VAL A 23 -2.17 -8.45 -0.81
C VAL A 23 -1.89 -7.60 -2.03
N MET A 24 -2.49 -6.41 -2.04
CA MET A 24 -2.39 -5.45 -3.17
C MET A 24 -0.92 -5.09 -3.45
N MET A 25 -0.18 -4.92 -2.37
CA MET A 25 1.26 -4.63 -2.38
C MET A 25 1.98 -5.70 -3.18
N ARG A 26 1.77 -6.93 -2.77
CA ARG A 26 2.40 -8.08 -3.34
C ARG A 26 1.93 -8.37 -4.76
N GLN A 27 0.71 -7.96 -5.10
CA GLN A 27 0.19 -8.14 -6.45
C GLN A 27 1.00 -7.30 -7.43
N TYR A 28 1.14 -6.01 -7.12
CA TYR A 28 1.85 -5.09 -7.99
C TYR A 28 3.32 -5.46 -8.04
N LEU A 29 3.85 -5.81 -6.89
CA LEU A 29 5.25 -6.27 -6.76
C LEU A 29 5.54 -7.53 -7.58
N ALA A 30 4.51 -8.30 -7.84
CA ALA A 30 4.62 -9.51 -8.65
C ALA A 30 4.43 -9.21 -10.14
N GLY A 31 4.02 -7.99 -10.43
CA GLY A 31 3.80 -7.57 -11.79
C GLY A 31 2.39 -7.88 -12.26
N LYS A 32 1.47 -7.98 -11.31
CA LYS A 32 0.08 -8.25 -11.64
C LYS A 32 -0.66 -6.95 -11.78
N THR A 33 -1.71 -6.97 -12.54
CA THR A 33 -2.56 -5.83 -12.69
C THR A 33 -3.55 -5.87 -11.55
N VAL A 34 -3.49 -4.91 -10.67
CA VAL A 34 -4.33 -4.94 -9.53
C VAL A 34 -5.52 -4.03 -9.77
N SER A 35 -6.68 -4.62 -9.78
CA SER A 35 -7.90 -3.91 -9.98
C SER A 35 -8.28 -3.14 -8.71
N GLY A 36 -8.52 -1.85 -8.86
CA GLY A 36 -8.96 -1.04 -7.77
C GLY A 36 -7.89 -0.79 -6.74
N ILE A 37 -6.66 -0.70 -7.18
CA ILE A 37 -5.59 -0.41 -6.30
C ILE A 37 -5.30 1.07 -6.39
N ASP A 38 -4.85 1.66 -5.34
CA ASP A 38 -4.38 2.99 -5.47
C ASP A 38 -2.92 2.87 -5.64
N LYS A 39 -2.47 2.91 -6.87
CA LYS A 39 -1.08 2.67 -7.24
C LYS A 39 -0.10 3.64 -6.55
N ASN A 40 -0.61 4.77 -6.10
CA ASN A 40 0.19 5.79 -5.51
C ASN A 40 0.38 5.53 -4.02
N ALA A 41 -0.52 4.73 -3.45
CA ALA A 41 -0.53 4.49 -2.01
C ALA A 41 0.44 3.39 -1.63
N LEU A 42 1.06 2.81 -2.64
CA LEU A 42 2.02 1.73 -2.46
C LEU A 42 3.34 2.24 -2.02
N ASP A 43 3.71 3.43 -2.43
CA ASP A 43 5.00 3.97 -2.05
C ASP A 43 4.92 4.61 -0.67
N ILE A 44 4.94 3.75 0.29
CA ILE A 44 4.76 4.05 1.69
C ILE A 44 5.99 4.70 2.29
N ASN A 45 7.16 4.28 1.84
CA ASN A 45 8.39 4.83 2.39
C ASN A 45 8.71 6.17 1.73
N GLY A 46 7.95 6.48 0.68
CA GLY A 46 8.14 7.73 -0.02
C GLY A 46 9.47 7.83 -0.75
N ASP A 47 9.72 6.93 -1.67
CA ASP A 47 10.93 7.00 -2.49
C ASP A 47 10.60 7.25 -3.96
N GLY A 48 9.34 7.09 -4.29
CA GLY A 48 8.87 7.29 -5.64
C GLY A 48 8.66 6.00 -6.41
N ALA A 49 9.12 4.90 -5.85
CA ALA A 49 9.03 3.61 -6.51
C ALA A 49 8.33 2.59 -5.61
N VAL A 50 7.76 1.59 -6.19
CA VAL A 50 7.08 0.58 -5.46
C VAL A 50 8.03 -0.61 -5.29
N ASN A 51 8.54 -0.74 -4.12
CA ASN A 51 9.56 -1.72 -3.80
C ASN A 51 9.28 -2.42 -2.48
N GLY A 52 10.15 -3.36 -2.11
CA GLY A 52 9.97 -4.14 -0.89
C GLY A 52 10.12 -3.31 0.36
N ARG A 53 10.75 -2.15 0.21
CA ARG A 53 10.89 -1.16 1.26
C ARG A 53 9.51 -0.74 1.74
N ASP A 54 8.62 -0.57 0.78
CA ASP A 54 7.26 -0.17 1.03
C ASP A 54 6.51 -1.28 1.67
N LEU A 55 6.78 -2.50 1.21
CA LEU A 55 6.19 -3.70 1.79
C LEU A 55 6.55 -3.82 3.25
N MET A 56 7.81 -3.54 3.57
CA MET A 56 8.29 -3.56 4.95
C MET A 56 7.63 -2.46 5.78
N GLU A 57 7.39 -1.32 5.16
CA GLU A 57 6.68 -0.21 5.79
C GLU A 57 5.22 -0.56 5.99
N LEU A 58 4.66 -1.30 5.06
CA LEU A 58 3.30 -1.75 5.15
C LEU A 58 3.14 -2.72 6.29
N ILE A 59 4.05 -3.67 6.38
CA ILE A 59 4.09 -4.64 7.49
C ILE A 59 4.20 -3.86 8.80
N LYS A 60 5.02 -2.83 8.81
CA LYS A 60 5.16 -1.88 9.94
C LYS A 60 3.79 -1.28 10.32
N LYS A 61 3.08 -0.73 9.34
CA LYS A 61 1.77 -0.10 9.56
C LYS A 61 0.76 -1.11 10.10
N VAL A 62 0.61 -2.20 9.38
CA VAL A 62 -0.37 -3.23 9.65
C VAL A 62 -0.08 -4.03 10.92
N SER A 63 1.18 -4.17 11.27
CA SER A 63 1.52 -4.87 12.50
C SER A 63 1.34 -3.97 13.71
N ASN A 64 1.49 -2.67 13.51
CA ASN A 64 1.29 -1.70 14.57
C ASN A 64 -0.20 -1.55 14.86
N ASN A 65 -0.96 -1.43 13.80
CA ASN A 65 -2.41 -1.32 13.89
C ASN A 65 -3.00 -2.71 14.16
N THR A 66 -4.19 -2.76 14.69
CA THR A 66 -4.81 -4.03 14.99
C THR A 66 -5.37 -4.66 13.72
N SER A 67 -4.65 -5.59 13.18
CA SER A 67 -5.03 -6.29 12.00
C SER A 67 -4.84 -7.77 12.26
N GLY A 1 -4.48 20.13 -10.76
CA GLY A 1 -3.49 19.09 -10.52
C GLY A 1 -4.17 17.78 -10.19
N SER A 2 -3.79 17.16 -9.10
CA SER A 2 -4.36 15.91 -8.70
C SER A 2 -5.03 16.05 -7.34
N ALA A 3 -6.34 15.82 -7.31
CA ALA A 3 -7.13 15.84 -6.07
C ALA A 3 -7.27 14.40 -5.57
N SER A 4 -6.16 13.71 -5.67
CA SER A 4 -6.05 12.32 -5.39
C SER A 4 -6.10 12.03 -3.91
N ASN A 5 -7.00 11.14 -3.54
CA ASN A 5 -7.10 10.70 -2.16
C ASN A 5 -6.21 9.48 -2.02
N THR A 6 -4.95 9.77 -2.04
CA THR A 6 -3.94 8.79 -1.90
C THR A 6 -3.49 8.72 -0.46
N ILE A 7 -3.67 7.58 0.11
CA ILE A 7 -3.32 7.33 1.47
C ILE A 7 -2.24 6.26 1.52
N LEU A 8 -1.01 6.70 1.77
CA LEU A 8 0.15 5.83 1.82
C LEU A 8 -0.03 4.76 2.88
N GLY A 9 -0.15 3.54 2.45
CA GLY A 9 -0.37 2.46 3.36
C GLY A 9 -1.71 1.80 3.12
N ASP A 10 -2.62 2.51 2.49
CA ASP A 10 -3.91 1.97 2.21
C ASP A 10 -4.09 1.89 0.71
N LEU A 11 -3.70 0.76 0.23
CA LEU A 11 -3.60 0.45 -1.17
C LEU A 11 -4.94 0.12 -1.78
N ASN A 12 -5.76 -0.56 -1.02
CA ASN A 12 -7.08 -0.98 -1.52
C ASN A 12 -8.13 0.08 -1.28
N ASP A 13 -7.71 1.15 -0.60
CA ASP A 13 -8.57 2.30 -0.31
C ASP A 13 -9.78 1.91 0.52
N ASP A 14 -9.50 1.47 1.71
CA ASP A 14 -10.56 1.09 2.63
C ASP A 14 -10.48 1.93 3.90
N GLY A 15 -9.50 2.82 3.95
CA GLY A 15 -9.38 3.78 5.02
C GLY A 15 -8.51 3.33 6.16
N VAL A 16 -7.89 2.19 6.02
CA VAL A 16 -7.10 1.65 7.11
C VAL A 16 -5.99 0.74 6.60
N VAL A 17 -4.82 0.83 7.24
CA VAL A 17 -3.73 -0.08 6.96
C VAL A 17 -4.06 -1.47 7.56
N ASN A 18 -4.51 -2.34 6.70
CA ASN A 18 -4.91 -3.69 7.07
C ASN A 18 -4.19 -4.74 6.24
N GLY A 19 -4.49 -6.01 6.52
CA GLY A 19 -3.86 -7.12 5.84
C GLY A 19 -4.19 -7.19 4.35
N ARG A 20 -5.31 -6.57 3.98
CA ARG A 20 -5.76 -6.53 2.59
C ARG A 20 -4.76 -5.75 1.73
N ASP A 21 -4.12 -4.78 2.35
CA ASP A 21 -3.14 -3.94 1.68
C ASP A 21 -1.92 -4.75 1.31
N ILE A 22 -1.52 -5.65 2.22
CA ILE A 22 -0.40 -6.60 2.00
C ILE A 22 -0.61 -7.38 0.71
N VAL A 23 -1.84 -7.79 0.50
CA VAL A 23 -2.24 -8.53 -0.68
C VAL A 23 -1.97 -7.69 -1.92
N MET A 24 -2.51 -6.46 -1.92
CA MET A 24 -2.42 -5.52 -3.06
C MET A 24 -0.97 -5.19 -3.37
N MET A 25 -0.19 -5.00 -2.30
CA MET A 25 1.25 -4.71 -2.33
C MET A 25 1.95 -5.79 -3.14
N ARG A 26 1.75 -7.02 -2.72
CA ARG A 26 2.36 -8.19 -3.30
C ARG A 26 1.94 -8.43 -4.74
N GLN A 27 0.73 -8.00 -5.09
CA GLN A 27 0.21 -8.13 -6.44
C GLN A 27 1.06 -7.27 -7.39
N TYR A 28 1.13 -5.98 -7.09
CA TYR A 28 1.84 -5.02 -7.93
C TYR A 28 3.32 -5.33 -7.97
N LEU A 29 3.85 -5.69 -6.84
CA LEU A 29 5.28 -6.09 -6.70
C LEU A 29 5.61 -7.30 -7.58
N ALA A 30 4.62 -8.14 -7.83
CA ALA A 30 4.78 -9.31 -8.69
C ALA A 30 4.46 -8.94 -10.15
N GLY A 31 4.05 -7.71 -10.36
CA GLY A 31 3.75 -7.22 -11.68
C GLY A 31 2.35 -7.56 -12.11
N LYS A 32 1.46 -7.78 -11.17
CA LYS A 32 0.09 -8.11 -11.48
C LYS A 32 -0.73 -6.85 -11.57
N THR A 33 -1.82 -6.91 -12.28
CA THR A 33 -2.71 -5.79 -12.43
C THR A 33 -3.73 -5.89 -11.31
N VAL A 34 -3.70 -4.95 -10.40
CA VAL A 34 -4.51 -5.03 -9.24
C VAL A 34 -5.71 -4.14 -9.43
N SER A 35 -6.87 -4.72 -9.47
CA SER A 35 -8.09 -3.98 -9.63
C SER A 35 -8.45 -3.28 -8.33
N GLY A 36 -8.70 -1.98 -8.42
CA GLY A 36 -9.12 -1.21 -7.28
C GLY A 36 -7.97 -0.84 -6.39
N ILE A 37 -6.81 -0.64 -6.96
CA ILE A 37 -5.68 -0.28 -6.18
C ILE A 37 -5.37 1.19 -6.39
N ASP A 38 -4.94 1.84 -5.35
CA ASP A 38 -4.41 3.18 -5.50
C ASP A 38 -2.97 2.96 -5.71
N LYS A 39 -2.54 2.98 -6.94
CA LYS A 39 -1.17 2.63 -7.34
C LYS A 39 -0.12 3.58 -6.72
N ASN A 40 -0.57 4.72 -6.25
CA ASN A 40 0.30 5.72 -5.68
C ASN A 40 0.47 5.45 -4.19
N ALA A 41 -0.51 4.78 -3.58
CA ALA A 41 -0.56 4.53 -2.13
C ALA A 41 0.41 3.45 -1.71
N LEU A 42 1.02 2.85 -2.70
CA LEU A 42 1.98 1.79 -2.52
C LEU A 42 3.30 2.34 -2.12
N ASP A 43 3.54 3.60 -2.40
CA ASP A 43 4.82 4.13 -2.11
C ASP A 43 4.83 4.72 -0.72
N ILE A 44 4.83 3.83 0.21
CA ILE A 44 4.69 4.09 1.61
C ILE A 44 5.96 4.71 2.19
N ASN A 45 7.10 4.30 1.68
CA ASN A 45 8.37 4.85 2.18
C ASN A 45 8.65 6.22 1.53
N GLY A 46 7.84 6.56 0.53
CA GLY A 46 7.94 7.84 -0.17
C GLY A 46 9.28 8.04 -0.88
N ASP A 47 9.66 7.12 -1.73
CA ASP A 47 10.95 7.21 -2.45
C ASP A 47 10.75 7.36 -3.95
N GLY A 48 9.57 7.01 -4.44
CA GLY A 48 9.26 7.16 -5.83
C GLY A 48 9.33 5.86 -6.64
N ALA A 49 9.54 4.74 -5.96
CA ALA A 49 9.51 3.43 -6.60
C ALA A 49 8.93 2.42 -5.66
N VAL A 50 8.04 1.64 -6.12
CA VAL A 50 7.36 0.68 -5.33
C VAL A 50 8.24 -0.55 -5.23
N ASN A 51 8.76 -0.76 -4.08
CA ASN A 51 9.71 -1.80 -3.81
C ASN A 51 9.38 -2.51 -2.52
N GLY A 52 10.20 -3.49 -2.16
CA GLY A 52 10.01 -4.26 -0.95
C GLY A 52 10.20 -3.42 0.29
N ARG A 53 10.79 -2.24 0.13
CA ARG A 53 11.01 -1.32 1.22
C ARG A 53 9.67 -0.72 1.64
N ASP A 54 8.75 -0.56 0.69
CA ASP A 54 7.40 -0.06 0.97
C ASP A 54 6.61 -1.15 1.63
N LEU A 55 6.85 -2.36 1.17
CA LEU A 55 6.26 -3.57 1.73
C LEU A 55 6.62 -3.70 3.21
N MET A 56 7.89 -3.47 3.53
CA MET A 56 8.36 -3.48 4.92
C MET A 56 7.64 -2.42 5.75
N GLU A 57 7.42 -1.26 5.14
CA GLU A 57 6.68 -0.17 5.77
C GLU A 57 5.25 -0.59 6.01
N LEU A 58 4.65 -1.23 5.02
CA LEU A 58 3.28 -1.71 5.10
C LEU A 58 3.12 -2.71 6.23
N ILE A 59 4.03 -3.67 6.30
CA ILE A 59 4.07 -4.67 7.39
C ILE A 59 4.14 -3.94 8.73
N LYS A 60 4.95 -2.91 8.79
CA LYS A 60 5.06 -2.04 9.97
C LYS A 60 3.71 -1.41 10.34
N LYS A 61 3.05 -0.81 9.35
CA LYS A 61 1.76 -0.13 9.55
C LYS A 61 0.71 -1.12 10.04
N VAL A 62 0.59 -2.18 9.32
CA VAL A 62 -0.40 -3.20 9.54
C VAL A 62 -0.18 -4.00 10.82
N SER A 63 1.06 -4.31 11.12
CA SER A 63 1.35 -5.10 12.32
C SER A 63 1.21 -4.26 13.58
N ASN A 64 1.17 -2.97 13.42
CA ASN A 64 1.03 -2.07 14.52
C ASN A 64 -0.44 -1.63 14.67
N ASN A 65 -1.15 -1.55 13.56
CA ASN A 65 -2.50 -1.01 13.58
C ASN A 65 -3.61 -2.09 13.38
N THR A 66 -3.74 -2.64 12.19
CA THR A 66 -4.83 -3.60 11.93
C THR A 66 -4.43 -4.64 10.89
N SER A 67 -4.67 -5.90 11.19
CA SER A 67 -4.42 -6.97 10.28
C SER A 67 -5.72 -7.73 10.10
N GLY A 1 5.02 12.39 -3.39
CA GLY A 1 3.74 12.57 -4.04
C GLY A 1 3.19 13.92 -3.71
N SER A 2 2.85 14.66 -4.73
CA SER A 2 2.40 16.00 -4.56
C SER A 2 0.87 16.11 -4.41
N ALA A 3 0.16 15.09 -4.81
CA ALA A 3 -1.29 15.10 -4.70
C ALA A 3 -1.72 14.66 -3.31
N SER A 4 -2.16 15.61 -2.50
CA SER A 4 -2.59 15.32 -1.15
C SER A 4 -4.05 14.83 -1.14
N ASN A 5 -4.21 13.66 -1.70
CA ASN A 5 -5.49 12.98 -1.80
C ASN A 5 -5.21 11.48 -1.86
N THR A 6 -4.01 11.13 -1.46
CA THR A 6 -3.52 9.79 -1.51
C THR A 6 -3.06 9.38 -0.12
N ILE A 7 -3.54 8.25 0.34
CA ILE A 7 -3.22 7.76 1.65
C ILE A 7 -2.22 6.59 1.54
N LEU A 8 -0.96 6.90 1.82
CA LEU A 8 0.11 5.94 1.77
C LEU A 8 -0.09 4.85 2.81
N GLY A 9 -0.12 3.63 2.37
CA GLY A 9 -0.36 2.53 3.26
C GLY A 9 -1.75 1.95 3.06
N ASP A 10 -2.63 2.67 2.39
CA ASP A 10 -3.95 2.17 2.12
C ASP A 10 -4.18 2.05 0.63
N LEU A 11 -3.78 0.90 0.14
CA LEU A 11 -3.72 0.54 -1.25
C LEU A 11 -5.07 0.16 -1.84
N ASN A 12 -5.91 -0.44 -1.03
CA ASN A 12 -7.25 -0.91 -1.48
C ASN A 12 -8.34 0.11 -1.12
N ASP A 13 -7.89 1.27 -0.70
CA ASP A 13 -8.70 2.43 -0.29
C ASP A 13 -9.85 2.06 0.66
N ASP A 14 -9.49 1.53 1.80
CA ASP A 14 -10.48 1.16 2.78
C ASP A 14 -10.29 1.95 4.06
N GLY A 15 -9.37 2.89 4.01
CA GLY A 15 -9.21 3.86 5.08
C GLY A 15 -8.33 3.45 6.21
N VAL A 16 -7.68 2.32 6.07
CA VAL A 16 -6.87 1.81 7.16
C VAL A 16 -5.78 0.87 6.63
N VAL A 17 -4.65 0.80 7.31
CA VAL A 17 -3.61 -0.12 6.97
C VAL A 17 -3.95 -1.54 7.52
N ASN A 18 -4.46 -2.37 6.65
CA ASN A 18 -4.89 -3.70 7.00
C ASN A 18 -4.22 -4.75 6.13
N GLY A 19 -4.52 -6.03 6.41
CA GLY A 19 -3.89 -7.16 5.70
C GLY A 19 -4.20 -7.17 4.21
N ARG A 20 -5.30 -6.54 3.86
CA ARG A 20 -5.73 -6.41 2.48
C ARG A 20 -4.75 -5.61 1.67
N ASP A 21 -4.08 -4.66 2.31
CA ASP A 21 -3.10 -3.82 1.64
C ASP A 21 -1.91 -4.65 1.26
N ILE A 22 -1.54 -5.56 2.16
CA ILE A 22 -0.45 -6.54 1.95
C ILE A 22 -0.67 -7.30 0.66
N VAL A 23 -1.91 -7.72 0.45
CA VAL A 23 -2.30 -8.44 -0.75
C VAL A 23 -2.01 -7.59 -1.98
N MET A 24 -2.57 -6.38 -1.99
CA MET A 24 -2.47 -5.42 -3.12
C MET A 24 -1.00 -5.11 -3.42
N MET A 25 -0.24 -4.94 -2.34
CA MET A 25 1.20 -4.66 -2.35
C MET A 25 1.92 -5.74 -3.14
N ARG A 26 1.71 -6.97 -2.68
CA ARG A 26 2.31 -8.16 -3.22
C ARG A 26 1.95 -8.38 -4.68
N GLN A 27 0.73 -8.01 -5.06
CA GLN A 27 0.26 -8.18 -6.42
C GLN A 27 1.13 -7.38 -7.37
N TYR A 28 1.19 -6.08 -7.14
CA TYR A 28 1.90 -5.17 -8.03
C TYR A 28 3.39 -5.47 -8.02
N LEU A 29 3.90 -5.74 -6.84
CA LEU A 29 5.31 -6.15 -6.64
C LEU A 29 5.66 -7.41 -7.44
N ALA A 30 4.70 -8.30 -7.61
CA ALA A 30 4.91 -9.53 -8.39
C ALA A 30 4.75 -9.27 -9.88
N GLY A 31 4.19 -8.13 -10.22
CA GLY A 31 3.99 -7.76 -11.59
C GLY A 31 2.58 -7.97 -12.05
N LYS A 32 1.67 -8.13 -11.12
CA LYS A 32 0.28 -8.36 -11.45
C LYS A 32 -0.44 -7.05 -11.58
N THR A 33 -1.42 -7.05 -12.41
CA THR A 33 -2.21 -5.89 -12.64
C THR A 33 -3.34 -5.91 -11.62
N VAL A 34 -3.26 -5.04 -10.64
CA VAL A 34 -4.20 -5.06 -9.58
C VAL A 34 -5.34 -4.15 -9.94
N SER A 35 -6.47 -4.73 -10.19
CA SER A 35 -7.63 -4.00 -10.53
C SER A 35 -8.22 -3.33 -9.29
N GLY A 36 -8.34 -2.01 -9.31
CA GLY A 36 -8.91 -1.31 -8.19
C GLY A 36 -7.90 -1.02 -7.10
N ILE A 37 -6.66 -0.77 -7.49
CA ILE A 37 -5.63 -0.43 -6.55
C ILE A 37 -5.32 1.05 -6.68
N ASP A 38 -4.97 1.70 -5.61
CA ASP A 38 -4.51 3.06 -5.70
C ASP A 38 -3.03 2.95 -5.83
N LYS A 39 -2.54 2.99 -7.05
CA LYS A 39 -1.14 2.70 -7.36
C LYS A 39 -0.17 3.67 -6.68
N ASN A 40 -0.67 4.83 -6.30
CA ASN A 40 0.13 5.87 -5.67
C ASN A 40 0.36 5.51 -4.20
N ALA A 41 -0.58 4.78 -3.61
CA ALA A 41 -0.59 4.49 -2.18
C ALA A 41 0.39 3.39 -1.80
N LEU A 42 1.02 2.81 -2.81
CA LEU A 42 1.97 1.72 -2.63
C LEU A 42 3.30 2.23 -2.20
N ASP A 43 3.61 3.47 -2.55
CA ASP A 43 4.89 4.03 -2.19
C ASP A 43 4.80 4.65 -0.81
N ILE A 44 4.82 3.77 0.15
CA ILE A 44 4.59 4.05 1.54
C ILE A 44 5.77 4.76 2.18
N ASN A 45 6.96 4.40 1.76
CA ASN A 45 8.15 5.02 2.35
C ASN A 45 8.42 6.37 1.68
N GLY A 46 7.70 6.65 0.58
CA GLY A 46 7.83 7.90 -0.14
C GLY A 46 9.15 8.06 -0.88
N ASP A 47 9.46 7.16 -1.79
CA ASP A 47 10.69 7.28 -2.59
C ASP A 47 10.39 7.50 -4.06
N GLY A 48 9.15 7.30 -4.44
CA GLY A 48 8.75 7.49 -5.82
C GLY A 48 8.57 6.19 -6.58
N ALA A 49 9.00 5.09 -5.99
CA ALA A 49 8.91 3.80 -6.63
C ALA A 49 8.30 2.77 -5.71
N VAL A 50 7.66 1.79 -6.26
CA VAL A 50 7.05 0.76 -5.52
C VAL A 50 8.04 -0.39 -5.38
N ASN A 51 8.55 -0.52 -4.21
CA ASN A 51 9.58 -1.47 -3.92
C ASN A 51 9.31 -2.20 -2.62
N GLY A 52 10.15 -3.19 -2.30
CA GLY A 52 9.96 -4.01 -1.11
C GLY A 52 10.13 -3.23 0.18
N ARG A 53 10.74 -2.06 0.08
CA ARG A 53 10.88 -1.15 1.20
C ARG A 53 9.52 -0.70 1.67
N ASP A 54 8.65 -0.45 0.70
CA ASP A 54 7.27 -0.04 0.96
C ASP A 54 6.52 -1.16 1.60
N LEU A 55 6.80 -2.35 1.13
CA LEU A 55 6.22 -3.58 1.68
C LEU A 55 6.61 -3.73 3.14
N MET A 56 7.87 -3.49 3.43
CA MET A 56 8.38 -3.57 4.80
C MET A 56 7.81 -2.45 5.67
N GLU A 57 7.47 -1.33 5.05
CA GLU A 57 6.77 -0.26 5.73
C GLU A 57 5.37 -0.70 6.07
N LEU A 58 4.70 -1.26 5.08
CA LEU A 58 3.32 -1.71 5.20
C LEU A 58 3.14 -2.73 6.31
N ILE A 59 4.02 -3.72 6.35
CA ILE A 59 4.03 -4.76 7.41
C ILE A 59 4.08 -4.08 8.77
N LYS A 60 4.97 -3.10 8.91
CA LYS A 60 5.09 -2.29 10.12
C LYS A 60 3.76 -1.62 10.47
N LYS A 61 3.17 -0.94 9.48
CA LYS A 61 1.92 -0.19 9.65
C LYS A 61 0.84 -1.11 10.16
N VAL A 62 0.62 -2.16 9.40
CA VAL A 62 -0.43 -3.11 9.62
C VAL A 62 -0.25 -3.93 10.90
N SER A 63 0.97 -4.31 11.21
CA SER A 63 1.23 -5.12 12.38
C SER A 63 1.06 -4.29 13.66
N ASN A 64 1.35 -3.00 13.55
CA ASN A 64 1.21 -2.09 14.65
C ASN A 64 -0.25 -1.68 14.80
N ASN A 65 -0.97 -1.61 13.70
CA ASN A 65 -2.36 -1.19 13.69
C ASN A 65 -3.31 -2.32 14.15
N THR A 66 -3.88 -3.08 13.21
CA THR A 66 -4.86 -4.12 13.48
C THR A 66 -5.13 -4.95 12.20
N SER A 67 -5.30 -6.25 12.37
CA SER A 67 -5.77 -7.14 11.34
C SER A 67 -6.48 -8.30 12.03
N GLY A 1 -6.85 13.52 -5.63
CA GLY A 1 -7.18 14.26 -4.42
C GLY A 1 -6.51 15.59 -4.42
N SER A 2 -6.92 16.45 -3.51
CA SER A 2 -6.35 17.76 -3.40
C SER A 2 -4.98 17.65 -2.74
N ALA A 3 -4.00 18.37 -3.32
CA ALA A 3 -2.57 18.37 -2.91
C ALA A 3 -1.91 17.04 -3.27
N SER A 4 -2.37 16.00 -2.64
CA SER A 4 -1.96 14.63 -2.89
C SER A 4 -3.10 13.74 -2.44
N ASN A 5 -3.37 13.78 -1.13
CA ASN A 5 -4.41 12.99 -0.45
C ASN A 5 -4.40 11.53 -0.89
N THR A 6 -3.30 10.92 -0.65
CA THR A 6 -3.11 9.56 -0.92
C THR A 6 -2.66 8.93 0.37
N ILE A 7 -3.33 7.91 0.77
CA ILE A 7 -3.01 7.31 2.02
C ILE A 7 -2.00 6.19 1.80
N LEU A 8 -0.76 6.53 2.08
CA LEU A 8 0.34 5.62 1.95
C LEU A 8 0.23 4.49 2.94
N GLY A 9 -0.02 3.33 2.43
CA GLY A 9 -0.23 2.20 3.27
C GLY A 9 -1.60 1.62 3.07
N ASP A 10 -2.47 2.38 2.46
CA ASP A 10 -3.81 1.92 2.18
C ASP A 10 -4.03 1.87 0.67
N LEU A 11 -3.64 0.75 0.15
CA LEU A 11 -3.58 0.46 -1.25
C LEU A 11 -4.94 0.13 -1.84
N ASN A 12 -5.77 -0.50 -1.05
CA ASN A 12 -7.12 -0.89 -1.51
C ASN A 12 -8.14 0.18 -1.16
N ASP A 13 -7.62 1.30 -0.68
CA ASP A 13 -8.35 2.50 -0.31
C ASP A 13 -9.60 2.25 0.52
N ASP A 14 -9.39 1.68 1.68
CA ASP A 14 -10.45 1.38 2.61
C ASP A 14 -10.36 2.25 3.85
N GLY A 15 -9.30 3.04 3.93
CA GLY A 15 -9.13 4.00 4.98
C GLY A 15 -8.27 3.54 6.11
N VAL A 16 -7.71 2.37 6.00
CA VAL A 16 -6.92 1.82 7.08
C VAL A 16 -5.83 0.89 6.55
N VAL A 17 -4.69 0.89 7.21
CA VAL A 17 -3.63 -0.04 6.92
C VAL A 17 -4.00 -1.42 7.49
N ASN A 18 -4.47 -2.28 6.62
CA ASN A 18 -4.91 -3.62 6.98
C ASN A 18 -4.23 -4.68 6.12
N GLY A 19 -4.53 -5.94 6.40
CA GLY A 19 -3.92 -7.09 5.71
C GLY A 19 -4.24 -7.15 4.22
N ARG A 20 -5.35 -6.53 3.84
CA ARG A 20 -5.77 -6.48 2.45
C ARG A 20 -4.77 -5.68 1.62
N ASP A 21 -4.13 -4.72 2.25
CA ASP A 21 -3.15 -3.87 1.59
C ASP A 21 -1.94 -4.67 1.22
N ILE A 22 -1.56 -5.58 2.13
CA ILE A 22 -0.46 -6.54 1.94
C ILE A 22 -0.64 -7.30 0.64
N VAL A 23 -1.86 -7.75 0.42
CA VAL A 23 -2.22 -8.50 -0.78
C VAL A 23 -1.97 -7.65 -2.00
N MET A 24 -2.51 -6.43 -1.99
CA MET A 24 -2.42 -5.47 -3.11
C MET A 24 -0.96 -5.13 -3.42
N MET A 25 -0.19 -4.96 -2.34
CA MET A 25 1.26 -4.70 -2.37
C MET A 25 1.93 -5.81 -3.14
N ARG A 26 1.70 -7.02 -2.67
CA ARG A 26 2.27 -8.22 -3.23
C ARG A 26 1.85 -8.46 -4.68
N GLN A 27 0.64 -8.04 -5.04
CA GLN A 27 0.17 -8.16 -6.41
C GLN A 27 1.02 -7.36 -7.36
N TYR A 28 1.14 -6.06 -7.07
CA TYR A 28 1.89 -5.15 -7.91
C TYR A 28 3.36 -5.52 -7.92
N LEU A 29 3.86 -5.86 -6.76
CA LEU A 29 5.26 -6.36 -6.59
C LEU A 29 5.52 -7.62 -7.44
N ALA A 30 4.47 -8.39 -7.69
CA ALA A 30 4.57 -9.57 -8.53
C ALA A 30 4.38 -9.22 -10.01
N GLY A 31 4.10 -7.95 -10.27
CA GLY A 31 3.90 -7.47 -11.60
C GLY A 31 2.49 -7.66 -12.09
N LYS A 32 1.56 -7.90 -11.18
CA LYS A 32 0.18 -8.10 -11.57
C LYS A 32 -0.51 -6.77 -11.71
N THR A 33 -1.47 -6.74 -12.57
CA THR A 33 -2.29 -5.59 -12.77
C THR A 33 -3.41 -5.66 -11.74
N VAL A 34 -3.37 -4.81 -10.74
CA VAL A 34 -4.31 -4.89 -9.67
C VAL A 34 -5.49 -3.99 -9.98
N SER A 35 -6.63 -4.59 -10.19
CA SER A 35 -7.83 -3.86 -10.44
C SER A 35 -8.37 -3.29 -9.12
N GLY A 36 -8.43 -1.98 -9.03
CA GLY A 36 -8.95 -1.35 -7.85
C GLY A 36 -7.88 -1.05 -6.83
N ILE A 37 -6.70 -0.71 -7.29
CA ILE A 37 -5.64 -0.36 -6.39
C ILE A 37 -5.35 1.12 -6.55
N ASP A 38 -4.99 1.77 -5.48
CA ASP A 38 -4.54 3.14 -5.59
C ASP A 38 -3.05 3.03 -5.77
N LYS A 39 -2.61 3.13 -7.02
CA LYS A 39 -1.22 2.87 -7.40
C LYS A 39 -0.24 3.80 -6.65
N ASN A 40 -0.73 4.95 -6.24
CA ASN A 40 0.08 5.94 -5.59
C ASN A 40 0.36 5.54 -4.16
N ALA A 41 -0.57 4.79 -3.56
CA ALA A 41 -0.53 4.46 -2.14
C ALA A 41 0.48 3.36 -1.82
N LEU A 42 1.07 2.82 -2.86
CA LEU A 42 2.04 1.75 -2.74
C LEU A 42 3.39 2.23 -2.33
N ASP A 43 3.70 3.46 -2.67
CA ASP A 43 4.99 4.01 -2.33
C ASP A 43 4.92 4.63 -0.97
N ILE A 44 4.96 3.76 0.01
CA ILE A 44 4.73 4.06 1.38
C ILE A 44 5.89 4.78 2.02
N ASN A 45 7.10 4.44 1.62
CA ASN A 45 8.28 5.11 2.17
C ASN A 45 8.56 6.40 1.40
N GLY A 46 7.83 6.59 0.31
CA GLY A 46 7.98 7.80 -0.50
C GLY A 46 9.32 7.92 -1.23
N ASP A 47 9.66 6.94 -2.05
CA ASP A 47 10.93 7.00 -2.81
C ASP A 47 10.69 7.08 -4.31
N GLY A 48 9.46 6.92 -4.72
CA GLY A 48 9.09 7.04 -6.11
C GLY A 48 8.99 5.72 -6.81
N ALA A 49 9.32 4.67 -6.12
CA ALA A 49 9.26 3.34 -6.70
C ALA A 49 8.56 2.40 -5.75
N VAL A 50 7.88 1.44 -6.29
CA VAL A 50 7.20 0.47 -5.52
C VAL A 50 8.16 -0.70 -5.28
N ASN A 51 8.69 -0.76 -4.11
CA ASN A 51 9.73 -1.68 -3.78
C ASN A 51 9.47 -2.35 -2.46
N GLY A 52 10.36 -3.27 -2.11
CA GLY A 52 10.25 -4.03 -0.87
C GLY A 52 10.35 -3.16 0.36
N ARG A 53 10.90 -1.95 0.20
CA ARG A 53 10.98 -1.02 1.29
C ARG A 53 9.58 -0.62 1.72
N ASP A 54 8.68 -0.48 0.75
CA ASP A 54 7.29 -0.09 0.98
C ASP A 54 6.56 -1.21 1.62
N LEU A 55 6.91 -2.40 1.21
CA LEU A 55 6.35 -3.62 1.74
C LEU A 55 6.69 -3.72 3.22
N MET A 56 7.95 -3.45 3.55
CA MET A 56 8.41 -3.44 4.94
C MET A 56 7.73 -2.33 5.74
N GLU A 57 7.45 -1.21 5.08
CA GLU A 57 6.70 -0.14 5.69
C GLU A 57 5.30 -0.61 6.01
N LEU A 58 4.67 -1.22 5.03
CA LEU A 58 3.32 -1.72 5.12
C LEU A 58 3.18 -2.72 6.25
N ILE A 59 4.11 -3.68 6.31
CA ILE A 59 4.15 -4.68 7.39
C ILE A 59 4.18 -3.97 8.74
N LYS A 60 5.04 -2.98 8.84
CA LYS A 60 5.16 -2.15 10.04
C LYS A 60 3.84 -1.42 10.41
N LYS A 61 3.13 -0.91 9.40
CA LYS A 61 1.88 -0.19 9.61
C LYS A 61 0.80 -1.17 10.11
N VAL A 62 0.65 -2.23 9.37
CA VAL A 62 -0.36 -3.25 9.57
C VAL A 62 -0.15 -4.09 10.83
N SER A 63 1.10 -4.37 11.17
CA SER A 63 1.39 -5.15 12.37
C SER A 63 1.04 -4.35 13.61
N ASN A 64 1.23 -3.05 13.53
CA ASN A 64 0.96 -2.14 14.58
C ASN A 64 -0.54 -1.85 14.70
N ASN A 65 -1.18 -1.53 13.59
CA ASN A 65 -2.58 -1.11 13.63
C ASN A 65 -3.57 -2.25 13.37
N THR A 66 -3.93 -2.50 12.11
CA THR A 66 -5.00 -3.41 11.79
C THR A 66 -4.55 -4.44 10.77
N SER A 67 -5.00 -5.66 10.90
CA SER A 67 -4.72 -6.67 9.93
C SER A 67 -6.04 -7.15 9.34
#